data_3PXX
#
_entry.id   3PXX
#
_cell.length_a   156.470
_cell.length_b   147.510
_cell.length_c   83.240
_cell.angle_alpha   90.000
_cell.angle_beta   102.490
_cell.angle_gamma   90.000
#
_symmetry.space_group_name_H-M   'C 1 2 1'
#
loop_
_entity.id
_entity.type
_entity.pdbx_description
1 polymer 'Carveol dehydrogenase'
2 non-polymer NICOTINAMIDE-ADENINE-DINUCLEOTIDE
3 water water
#
_entity_poly.entity_id   1
_entity_poly.type   'polypeptide(L)'
_entity_poly.pdbx_seq_one_letter_code
;GPGSMGRVQDKVVLVTGGARGQGRSHAVKLAEEGADIILFDICHDIETNEYPLATSRDLEEAGLEVEKTGRKAYTAEVDV
RDRAAVSRELANAVAEFGKLDVVVANAGICPLGAHLPVQAFADAFDVDFVGVINTVHAALPYLTSGASIITTGSVAGLIA
AAQPPGAGGPQGPGGAGYSYAKQLVDSYTLQLAAQLAPQSIRANVIHPTNVNTDMLNSAPMYRQFRPDLEAPSRADALLA
FPAMQAMPTPYVEASDISNAVCFLASDESRYVTGLQFKVDAGAMLKF
;
_entity_poly.pdbx_strand_id   A,B,C,D,E,F
#
# COMPACT_ATOMS: atom_id res chain seq x y z
N GLY A 1 -15.23 47.14 -3.88
CA GLY A 1 -16.65 47.47 -4.23
C GLY A 1 -16.89 47.56 -5.73
N PRO A 2 -18.15 47.86 -6.13
CA PRO A 2 -18.61 47.86 -7.53
C PRO A 2 -17.61 48.32 -8.59
N GLY A 3 -17.18 49.59 -8.53
CA GLY A 3 -16.32 50.15 -9.59
C GLY A 3 -14.93 49.57 -9.84
N SER A 4 -14.39 48.79 -8.92
CA SER A 4 -13.04 48.25 -9.12
C SER A 4 -13.07 46.78 -9.55
N MET A 5 -11.88 46.26 -9.83
CA MET A 5 -11.68 44.95 -10.44
C MET A 5 -11.38 43.84 -9.42
N GLY A 6 -12.32 42.92 -9.25
CA GLY A 6 -12.17 41.88 -8.26
C GLY A 6 -11.49 40.65 -8.80
N ARG A 7 -11.23 39.73 -7.90
CA ARG A 7 -10.57 38.46 -8.24
C ARG A 7 -11.39 37.49 -9.08
N VAL A 8 -12.72 37.64 -9.12
CA VAL A 8 -13.58 36.85 -10.02
C VAL A 8 -14.47 37.78 -10.85
N GLN A 9 -13.86 38.89 -11.29
CA GLN A 9 -14.57 39.98 -11.92
C GLN A 9 -15.44 39.50 -13.09
N ASP A 10 -16.75 39.79 -12.98
CA ASP A 10 -17.72 39.55 -14.06
C ASP A 10 -17.92 38.10 -14.43
N LYS A 11 -17.58 37.20 -13.51
CA LYS A 11 -17.87 35.78 -13.72
CA LYS A 11 -17.87 35.79 -13.72
C LYS A 11 -19.29 35.49 -13.24
N VAL A 12 -19.81 34.34 -13.62
CA VAL A 12 -21.07 33.81 -13.14
C VAL A 12 -20.79 32.47 -12.41
N VAL A 13 -21.29 32.37 -11.17
CA VAL A 13 -21.00 31.25 -10.27
C VAL A 13 -22.33 30.59 -9.85
N LEU A 14 -22.40 29.28 -9.99
CA LEU A 14 -23.44 28.46 -9.37
C LEU A 14 -22.95 27.99 -8.00
N VAL A 15 -23.72 28.22 -6.95
CA VAL A 15 -23.41 27.67 -5.60
C VAL A 15 -24.61 26.84 -5.14
N THR A 16 -24.43 25.52 -4.94
CA THR A 16 -25.54 24.77 -4.39
C THR A 16 -25.43 24.79 -2.85
N GLY A 17 -26.57 24.70 -2.16
CA GLY A 17 -26.61 24.95 -0.70
C GLY A 17 -26.20 26.37 -0.41
N GLY A 18 -26.61 27.30 -1.26
CA GLY A 18 -26.25 28.75 -1.07
C GLY A 18 -27.09 29.51 -0.03
N ALA A 19 -28.15 28.88 0.50
CA ALA A 19 -29.03 29.65 1.39
C ALA A 19 -28.40 30.08 2.72
N ARG A 20 -27.46 29.32 3.28
CA ARG A 20 -26.83 29.68 4.59
C ARG A 20 -25.45 29.03 4.63
N GLY A 21 -24.75 29.16 5.75
CA GLY A 21 -23.57 28.34 6.03
C GLY A 21 -22.47 28.67 5.05
N GLN A 22 -21.72 27.67 4.66
CA GLN A 22 -20.57 27.88 3.75
C GLN A 22 -21.05 28.40 2.37
N GLY A 23 -22.17 27.85 1.91
CA GLY A 23 -22.72 28.22 0.58
C GLY A 23 -23.02 29.74 0.52
N ARG A 24 -23.65 30.28 1.56
CA ARG A 24 -24.01 31.68 1.55
C ARG A 24 -22.73 32.51 1.62
N SER A 25 -21.80 32.11 2.50
CA SER A 25 -20.49 32.71 2.63
C SER A 25 -19.75 32.76 1.27
N HIS A 26 -19.76 31.66 0.55
CA HIS A 26 -19.09 31.59 -0.80
C HIS A 26 -19.72 32.59 -1.80
N ALA A 27 -21.04 32.58 -1.83
CA ALA A 27 -21.83 33.48 -2.67
C ALA A 27 -21.45 34.94 -2.44
N VAL A 28 -21.44 35.36 -1.18
CA VAL A 28 -21.20 36.75 -0.80
C VAL A 28 -19.72 37.12 -1.06
N LYS A 29 -18.80 36.23 -0.69
CA LYS A 29 -17.37 36.45 -0.97
C LYS A 29 -17.12 36.64 -2.47
N LEU A 30 -17.63 35.74 -3.28
CA LEU A 30 -17.47 35.82 -4.75
C LEU A 30 -18.09 37.08 -5.34
N ALA A 31 -19.27 37.46 -4.85
CA ALA A 31 -19.93 38.66 -5.32
C ALA A 31 -19.10 39.91 -4.94
N GLU A 32 -18.58 39.98 -3.70
CA GLU A 32 -17.69 41.10 -3.33
C GLU A 32 -16.47 41.15 -4.26
N GLU A 33 -16.06 40.00 -4.77
CA GLU A 33 -14.93 39.91 -5.71
C GLU A 33 -15.39 39.99 -7.18
N GLY A 34 -16.63 40.45 -7.39
CA GLY A 34 -17.07 40.80 -8.77
C GLY A 34 -17.91 39.82 -9.59
N ALA A 35 -18.32 38.71 -8.97
CA ALA A 35 -19.16 37.69 -9.66
C ALA A 35 -20.65 37.81 -9.39
N ASP A 36 -21.46 37.48 -10.40
CA ASP A 36 -22.87 37.29 -10.19
C ASP A 36 -23.09 35.84 -9.81
N ILE A 37 -24.16 35.57 -9.05
CA ILE A 37 -24.34 34.30 -8.37
C ILE A 37 -25.70 33.68 -8.62
N ILE A 38 -25.71 32.37 -8.85
CA ILE A 38 -26.90 31.53 -8.93
C ILE A 38 -26.85 30.68 -7.67
N LEU A 39 -27.85 30.88 -6.78
CA LEU A 39 -27.92 30.18 -5.50
C LEU A 39 -29.06 29.17 -5.55
N PHE A 40 -28.71 27.90 -5.41
CA PHE A 40 -29.69 26.79 -5.33
C PHE A 40 -29.70 26.29 -3.89
N ASP A 41 -30.91 26.03 -3.35
CA ASP A 41 -31.01 25.32 -2.08
C ASP A 41 -32.34 24.58 -2.02
N ILE A 42 -32.35 23.45 -1.30
CA ILE A 42 -33.59 22.64 -1.09
C ILE A 42 -34.68 23.38 -0.29
N CYS A 43 -34.27 24.19 0.69
CA CYS A 43 -35.23 25.00 1.47
C CYS A 43 -36.35 24.18 2.13
N HIS A 44 -36.04 22.93 2.44
CA HIS A 44 -36.92 22.10 3.27
C HIS A 44 -36.10 20.96 3.89
N ASP A 45 -36.71 20.24 4.83
CA ASP A 45 -36.00 19.24 5.63
C ASP A 45 -35.93 17.89 4.95
N ILE A 46 -34.99 17.07 5.43
CA ILE A 46 -34.94 15.67 5.03
C ILE A 46 -35.06 14.84 6.32
N GLU A 47 -35.99 13.90 6.30
CA GLU A 47 -36.42 13.25 7.52
C GLU A 47 -35.36 12.49 8.31
N THR A 48 -34.42 11.82 7.64
CA THR A 48 -33.35 11.12 8.36
C THR A 48 -32.28 12.06 8.91
N ASN A 49 -32.31 13.31 8.43
CA ASN A 49 -31.35 14.30 8.86
C ASN A 49 -31.96 15.09 10.01
N GLU A 50 -31.55 14.75 11.22
CA GLU A 50 -32.23 15.30 12.41
C GLU A 50 -31.73 16.66 12.91
N TYR A 51 -31.62 17.60 11.99
CA TYR A 51 -31.50 19.04 12.30
C TYR A 51 -32.10 19.76 11.08
N PRO A 52 -32.59 21.01 11.28
CA PRO A 52 -33.23 21.78 10.21
C PRO A 52 -32.27 22.18 9.10
N LEU A 53 -32.71 22.06 7.85
CA LEU A 53 -32.02 22.57 6.70
C LEU A 53 -32.44 24.05 6.51
N ALA A 54 -31.99 24.67 5.42
CA ALA A 54 -32.35 26.08 5.18
C ALA A 54 -33.85 26.30 4.96
N THR A 55 -34.27 27.55 5.15
CA THR A 55 -35.68 27.96 4.92
C THR A 55 -35.74 28.72 3.61
N SER A 56 -36.95 28.87 3.07
CA SER A 56 -37.20 29.72 1.91
C SER A 56 -36.66 31.13 2.13
N ARG A 57 -36.92 31.68 3.33
CA ARG A 57 -36.41 33.00 3.72
C ARG A 57 -34.87 33.06 3.70
N ASP A 58 -34.20 32.05 4.27
CA ASP A 58 -32.73 31.94 4.23
C ASP A 58 -32.26 32.19 2.80
N LEU A 59 -32.79 31.45 1.85
CA LEU A 59 -32.45 31.65 0.45
C LEU A 59 -32.71 33.09 -0.06
N GLU A 60 -33.89 33.66 0.25
CA GLU A 60 -34.17 35.07 -0.10
C GLU A 60 -33.12 36.02 0.46
N GLU A 61 -32.84 35.87 1.76
CA GLU A 61 -31.83 36.67 2.43
C GLU A 61 -30.42 36.51 1.87
N ALA A 62 -30.06 35.29 1.47
CA ALA A 62 -28.75 35.07 0.80
C ALA A 62 -28.68 35.85 -0.55
N GLY A 63 -29.74 35.80 -1.37
CA GLY A 63 -29.76 36.56 -2.63
C GLY A 63 -29.60 38.06 -2.39
N LEU A 64 -30.31 38.54 -1.37
CA LEU A 64 -30.26 39.96 -0.99
C LEU A 64 -28.87 40.38 -0.58
N GLU A 65 -28.17 39.50 0.14
CA GLU A 65 -26.84 39.84 0.61
C GLU A 65 -25.91 39.88 -0.59
N VAL A 66 -26.12 38.96 -1.53
CA VAL A 66 -25.41 39.06 -2.82
C VAL A 66 -25.70 40.44 -3.48
N GLU A 67 -26.96 40.87 -3.47
CA GLU A 67 -27.33 42.10 -4.15
C GLU A 67 -26.74 43.36 -3.49
N LYS A 68 -26.58 43.31 -2.16
CA LYS A 68 -26.04 44.42 -1.40
C LYS A 68 -24.60 44.73 -1.84
N THR A 69 -23.89 43.75 -2.40
CA THR A 69 -22.53 43.97 -2.94
C THR A 69 -22.53 44.70 -4.30
N GLY A 70 -23.72 44.84 -4.91
CA GLY A 70 -23.83 45.45 -6.23
C GLY A 70 -23.87 44.50 -7.40
N ARG A 71 -23.72 43.19 -7.13
CA ARG A 71 -23.82 42.15 -8.16
C ARG A 71 -25.27 41.64 -8.30
N LYS A 72 -25.52 40.75 -9.26
CA LYS A 72 -26.85 40.18 -9.45
C LYS A 72 -26.92 38.79 -8.84
N ALA A 73 -28.08 38.44 -8.30
CA ALA A 73 -28.32 37.10 -7.73
C ALA A 73 -29.51 36.47 -8.42
N TYR A 74 -29.47 35.15 -8.59
CA TYR A 74 -30.60 34.39 -9.10
C TYR A 74 -30.84 33.22 -8.11
N THR A 75 -32.02 33.15 -7.49
CA THR A 75 -32.21 32.10 -6.49
C THR A 75 -33.24 31.10 -6.99
N ALA A 76 -33.08 29.84 -6.63
CA ALA A 76 -34.08 28.84 -6.96
C ALA A 76 -34.06 27.75 -5.90
N GLU A 77 -35.25 27.28 -5.52
CA GLU A 77 -35.36 26.14 -4.63
C GLU A 77 -35.26 24.87 -5.43
N VAL A 78 -34.12 24.17 -5.25
CA VAL A 78 -33.74 22.99 -6.02
C VAL A 78 -33.16 21.93 -5.05
N ASP A 79 -33.65 20.68 -5.15
CA ASP A 79 -33.08 19.50 -4.48
C ASP A 79 -32.04 18.93 -5.44
N VAL A 80 -30.78 18.96 -5.03
CA VAL A 80 -29.68 18.43 -5.85
C VAL A 80 -29.84 16.95 -6.19
N ARG A 81 -30.72 16.25 -5.47
CA ARG A 81 -30.97 14.79 -5.70
C ARG A 81 -31.78 14.54 -6.96
N ASP A 82 -32.45 15.58 -7.42
CA ASP A 82 -33.31 15.45 -8.59
C ASP A 82 -32.61 16.12 -9.75
N ARG A 83 -32.03 15.30 -10.61
CA ARG A 83 -31.24 15.84 -11.70
C ARG A 83 -32.08 16.62 -12.69
N ALA A 84 -33.25 16.07 -13.04
CA ALA A 84 -34.18 16.80 -13.92
C ALA A 84 -34.41 18.24 -13.43
N ALA A 85 -34.61 18.42 -12.10
CA ALA A 85 -34.85 19.76 -11.56
C ALA A 85 -33.57 20.60 -11.53
N VAL A 86 -32.41 19.94 -11.35
CA VAL A 86 -31.13 20.69 -11.38
C VAL A 86 -30.99 21.29 -12.79
N SER A 87 -31.15 20.44 -13.81
CA SER A 87 -31.04 20.86 -15.21
C SER A 87 -32.06 21.88 -15.66
N ARG A 88 -33.29 21.76 -15.18
CA ARG A 88 -34.35 22.71 -15.52
C ARG A 88 -34.06 24.11 -14.98
N GLU A 89 -33.77 24.20 -13.68
CA GLU A 89 -33.49 25.50 -13.07
C GLU A 89 -32.16 26.12 -13.51
N LEU A 90 -31.15 25.28 -13.73
CA LEU A 90 -29.87 25.77 -14.20
C LEU A 90 -30.07 26.41 -15.60
N ALA A 91 -30.94 25.81 -16.40
CA ALA A 91 -31.18 26.36 -17.74
C ALA A 91 -31.83 27.74 -17.59
N ASN A 92 -32.80 27.86 -16.67
CA ASN A 92 -33.45 29.15 -16.43
C ASN A 92 -32.48 30.20 -15.94
N ALA A 93 -31.53 29.78 -15.08
CA ALA A 93 -30.58 30.71 -14.45
C ALA A 93 -29.55 31.19 -15.45
N VAL A 94 -28.99 30.24 -16.19
CA VAL A 94 -28.05 30.59 -17.25
C VAL A 94 -28.73 31.45 -18.33
N ALA A 95 -29.98 31.17 -18.70
CA ALA A 95 -30.68 31.99 -19.68
C ALA A 95 -30.81 33.46 -19.23
N GLU A 96 -30.80 33.66 -17.91
CA GLU A 96 -31.00 34.98 -17.32
C GLU A 96 -29.66 35.73 -17.19
N PHE A 97 -28.57 34.99 -17.05
CA PHE A 97 -27.22 35.56 -16.90
C PHE A 97 -26.36 35.43 -18.15
N GLY A 98 -26.62 34.42 -18.98
CA GLY A 98 -25.99 34.31 -20.30
C GLY A 98 -24.75 33.43 -20.35
N LYS A 99 -24.28 32.92 -19.21
CA LYS A 99 -22.97 32.34 -19.10
C LYS A 99 -22.88 31.57 -17.79
N LEU A 100 -21.95 30.60 -17.72
CA LEU A 100 -21.62 29.94 -16.48
C LEU A 100 -20.12 29.69 -16.46
N ASP A 101 -19.44 30.20 -15.42
CA ASP A 101 -18.00 30.11 -15.28
C ASP A 101 -17.50 29.18 -14.15
N VAL A 102 -18.17 29.21 -12.99
CA VAL A 102 -17.73 28.49 -11.78
C VAL A 102 -18.91 27.71 -11.18
N VAL A 103 -18.64 26.45 -10.83
CA VAL A 103 -19.60 25.58 -10.15
C VAL A 103 -19.04 25.29 -8.74
N VAL A 104 -19.80 25.61 -7.72
CA VAL A 104 -19.39 25.28 -6.34
C VAL A 104 -20.41 24.31 -5.78
N ALA A 105 -20.07 23.01 -5.77
CA ALA A 105 -21.05 21.99 -5.38
C ALA A 105 -20.90 21.74 -3.89
N ASN A 106 -21.68 22.48 -3.12
CA ASN A 106 -21.45 22.65 -1.71
C ASN A 106 -22.61 22.05 -0.91
N ALA A 107 -23.77 21.88 -1.55
CA ALA A 107 -24.96 21.35 -0.85
C ALA A 107 -24.66 19.99 -0.17
N GLY A 108 -25.10 19.86 1.08
CA GLY A 108 -24.87 18.62 1.85
C GLY A 108 -25.68 18.49 3.13
N ILE A 109 -25.93 17.24 3.52
CA ILE A 109 -26.50 16.87 4.81
C ILE A 109 -25.54 15.91 5.55
N CYS A 110 -25.69 15.83 6.87
CA CYS A 110 -24.89 14.94 7.68
C CYS A 110 -25.83 14.17 8.58
N PRO A 111 -26.55 13.17 8.05
CA PRO A 111 -27.64 12.56 8.88
C PRO A 111 -27.18 11.53 9.92
N LEU A 112 -26.41 11.99 10.90
CA LEU A 112 -25.82 11.12 11.92
C LEU A 112 -26.83 10.63 12.95
N GLY A 113 -26.51 9.49 13.56
CA GLY A 113 -27.28 8.93 14.68
C GLY A 113 -27.33 7.41 14.62
N ALA A 114 -26.94 6.77 15.71
CA ALA A 114 -26.97 5.29 15.87
C ALA A 114 -28.33 4.64 15.59
N HIS A 115 -29.40 5.34 15.93
CA HIS A 115 -30.75 4.79 15.95
C HIS A 115 -31.44 4.79 14.56
N LEU A 116 -30.90 5.54 13.61
CA LEU A 116 -31.59 5.75 12.33
C LEU A 116 -31.52 4.53 11.41
N PRO A 117 -32.54 4.33 10.54
CA PRO A 117 -32.49 3.17 9.66
C PRO A 117 -31.53 3.39 8.47
N VAL A 118 -31.35 2.34 7.68
CA VAL A 118 -30.45 2.41 6.52
C VAL A 118 -30.82 3.48 5.50
N GLN A 119 -32.08 3.96 5.51
CA GLN A 119 -32.46 5.12 4.67
C GLN A 119 -31.54 6.34 4.89
N ALA A 120 -31.03 6.50 6.10
CA ALA A 120 -30.10 7.59 6.41
C ALA A 120 -28.78 7.44 5.63
N PHE A 121 -28.32 6.22 5.41
CA PHE A 121 -27.13 5.94 4.53
C PHE A 121 -27.45 6.41 3.09
N ALA A 122 -28.58 5.94 2.58
CA ALA A 122 -29.01 6.25 1.22
C ALA A 122 -29.21 7.76 1.03
N ASP A 123 -29.85 8.43 1.98
CA ASP A 123 -30.07 9.89 1.94
C ASP A 123 -28.77 10.68 1.97
N ALA A 124 -27.84 10.30 2.85
CA ALA A 124 -26.51 10.96 2.89
C ALA A 124 -25.84 10.79 1.53
N PHE A 125 -25.87 9.56 1.01
CA PHE A 125 -25.23 9.28 -0.24
C PHE A 125 -25.89 10.01 -1.42
N ASP A 126 -27.21 10.06 -1.44
CA ASP A 126 -27.94 10.67 -2.56
C ASP A 126 -27.65 12.19 -2.61
N VAL A 127 -27.65 12.84 -1.45
CA VAL A 127 -27.41 14.29 -1.39
C VAL A 127 -25.93 14.60 -1.63
N ASP A 128 -25.07 13.97 -0.81
CA ASP A 128 -23.66 14.28 -0.76
C ASP A 128 -22.79 13.74 -1.88
N PHE A 129 -23.17 12.62 -2.49
CA PHE A 129 -22.42 12.21 -3.66
C PHE A 129 -23.26 12.34 -4.91
N VAL A 130 -24.48 11.76 -4.94
CA VAL A 130 -25.28 11.84 -6.18
C VAL A 130 -25.64 13.31 -6.47
N GLY A 131 -25.88 14.11 -5.43
CA GLY A 131 -26.20 15.54 -5.62
C GLY A 131 -25.08 16.32 -6.26
N VAL A 132 -23.85 15.94 -5.96
CA VAL A 132 -22.66 16.60 -6.48
C VAL A 132 -22.54 16.20 -7.95
N ILE A 133 -22.74 14.91 -8.25
CA ILE A 133 -22.72 14.44 -9.62
C ILE A 133 -23.74 15.16 -10.49
N ASN A 134 -24.98 15.28 -9.98
CA ASN A 134 -26.05 15.85 -10.76
C ASN A 134 -25.72 17.33 -10.99
N THR A 135 -25.13 17.96 -9.97
CA THR A 135 -24.70 19.37 -10.07
C THR A 135 -23.66 19.57 -11.17
N VAL A 136 -22.60 18.79 -11.14
CA VAL A 136 -21.54 18.93 -12.14
C VAL A 136 -22.04 18.58 -13.55
N HIS A 137 -22.74 17.44 -13.65
CA HIS A 137 -23.15 16.98 -14.96
C HIS A 137 -24.16 17.88 -15.62
N ALA A 138 -25.09 18.42 -14.85
CA ALA A 138 -26.03 19.44 -15.35
C ALA A 138 -25.26 20.69 -15.85
N ALA A 139 -24.18 21.03 -15.15
CA ALA A 139 -23.39 22.22 -15.50
C ALA A 139 -22.49 22.03 -16.72
N LEU A 140 -22.04 20.81 -16.97
CA LEU A 140 -21.01 20.55 -17.99
C LEU A 140 -21.29 21.19 -19.36
N PRO A 141 -22.51 21.04 -19.90
CA PRO A 141 -22.63 21.55 -21.28
C PRO A 141 -22.56 23.09 -21.38
N TYR A 142 -22.61 23.79 -20.24
CA TYR A 142 -22.46 25.28 -20.24
C TYR A 142 -21.04 25.75 -20.09
N LEU A 143 -20.13 24.83 -19.82
CA LEU A 143 -18.76 25.22 -19.44
C LEU A 143 -17.83 25.26 -20.62
N THR A 144 -17.02 26.31 -20.67
CA THR A 144 -15.99 26.46 -21.67
C THR A 144 -14.62 26.62 -21.03
N SER A 145 -13.61 26.54 -21.89
CA SER A 145 -12.23 26.72 -21.49
C SER A 145 -12.04 27.83 -20.42
N GLY A 146 -11.43 27.48 -19.29
CA GLY A 146 -11.27 28.49 -18.25
C GLY A 146 -12.19 28.31 -17.06
N ALA A 147 -13.22 27.48 -17.23
CA ALA A 147 -14.20 27.15 -16.17
C ALA A 147 -13.50 26.46 -14.99
N SER A 148 -14.16 26.55 -13.85
CA SER A 148 -13.62 26.01 -12.58
C SER A 148 -14.74 25.31 -11.80
N ILE A 149 -14.54 24.02 -11.51
CA ILE A 149 -15.50 23.21 -10.74
C ILE A 149 -14.86 22.99 -9.36
N ILE A 150 -15.61 23.33 -8.32
CA ILE A 150 -15.15 23.26 -6.93
C ILE A 150 -16.14 22.40 -6.14
N THR A 151 -15.67 21.25 -5.64
CA THR A 151 -16.57 20.35 -4.86
C THR A 151 -16.21 20.45 -3.35
N THR A 152 -17.18 20.28 -2.47
CA THR A 152 -16.90 20.27 -1.02
C THR A 152 -16.77 18.82 -0.49
N GLY A 153 -15.56 18.44 -0.06
CA GLY A 153 -15.32 17.16 0.59
C GLY A 153 -15.54 17.25 2.10
N SER A 154 -14.62 16.68 2.84
CA SER A 154 -14.65 16.63 4.30
C SER A 154 -13.47 15.81 4.79
N VAL A 155 -12.65 16.45 5.62
CA VAL A 155 -11.50 15.76 6.27
C VAL A 155 -11.98 14.56 7.10
N ALA A 156 -13.04 14.77 7.90
CA ALA A 156 -13.56 13.73 8.77
C ALA A 156 -13.97 12.53 7.90
N GLY A 157 -14.58 12.83 6.74
CA GLY A 157 -14.88 11.82 5.73
C GLY A 157 -13.68 11.00 5.31
N LEU A 158 -12.60 11.67 4.94
CA LEU A 158 -11.34 11.01 4.54
C LEU A 158 -10.72 10.17 5.64
N ILE A 159 -10.70 10.71 6.86
CA ILE A 159 -10.09 10.03 8.01
C ILE A 159 -10.78 8.69 8.23
N ALA A 160 -12.11 8.71 8.10
CA ALA A 160 -12.93 7.51 8.19
C ALA A 160 -12.56 6.41 7.18
N ALA A 161 -11.93 6.77 6.06
CA ALA A 161 -11.46 5.79 5.09
C ALA A 161 -10.38 4.91 5.73
N ALA A 162 -9.27 5.52 6.13
CA ALA A 162 -8.20 4.85 6.88
C ALA A 162 -8.71 4.04 8.10
N GLN A 163 -9.74 4.57 8.77
CA GLN A 163 -10.40 3.90 9.93
C GLN A 163 -11.32 2.71 9.53
N PRO A 164 -11.41 1.68 10.41
CA PRO A 164 -11.94 0.35 10.00
C PRO A 164 -13.43 0.29 9.70
N PRO A 170 -22.76 5.19 17.96
CA PRO A 170 -21.81 5.63 16.94
C PRO A 170 -22.44 6.55 15.87
N GLN A 171 -21.75 6.68 14.75
CA GLN A 171 -22.17 7.54 13.66
C GLN A 171 -23.43 7.06 12.93
N GLY A 172 -23.70 5.74 12.96
CA GLY A 172 -24.88 5.10 12.37
C GLY A 172 -24.85 5.05 10.83
N PRO A 173 -25.91 4.52 10.20
CA PRO A 173 -25.92 4.41 8.73
C PRO A 173 -25.64 5.77 8.00
N GLY A 174 -26.23 6.85 8.50
CA GLY A 174 -26.03 8.18 7.89
C GLY A 174 -24.59 8.65 7.95
N GLY A 175 -23.92 8.33 9.05
CA GLY A 175 -22.51 8.64 9.21
C GLY A 175 -21.64 7.87 8.28
N ALA A 176 -21.94 6.58 8.07
CA ALA A 176 -21.21 5.81 7.13
C ALA A 176 -21.47 6.26 5.69
N GLY A 177 -22.71 6.63 5.38
CA GLY A 177 -23.02 7.12 4.05
C GLY A 177 -22.36 8.49 3.77
N TYR A 178 -22.16 9.27 4.82
CA TYR A 178 -21.57 10.59 4.71
C TYR A 178 -20.07 10.43 4.37
N SER A 179 -19.39 9.57 5.12
CA SER A 179 -17.96 9.42 4.96
C SER A 179 -17.66 8.82 3.61
N TYR A 180 -18.39 7.78 3.23
CA TYR A 180 -18.21 7.14 1.93
C TYR A 180 -18.52 8.08 0.74
N ALA A 181 -19.63 8.77 0.80
CA ALA A 181 -19.91 9.88 -0.12
C ALA A 181 -18.79 10.94 -0.27
N LYS A 182 -18.23 11.39 0.85
CA LYS A 182 -17.17 12.40 0.83
C LYS A 182 -15.86 11.82 0.28
N GLN A 183 -15.65 10.51 0.51
CA GLN A 183 -14.51 9.81 -0.10
C GLN A 183 -14.72 9.75 -1.62
N LEU A 184 -15.94 9.46 -2.07
CA LEU A 184 -16.24 9.47 -3.52
C LEU A 184 -16.19 10.90 -4.16
N VAL A 185 -16.62 11.93 -3.43
CA VAL A 185 -16.45 13.33 -3.94
C VAL A 185 -14.97 13.53 -4.32
N ASP A 186 -14.09 13.14 -3.41
CA ASP A 186 -12.68 13.29 -3.64
C ASP A 186 -12.20 12.51 -4.88
N SER A 187 -12.41 11.17 -4.95
CA SER A 187 -11.90 10.40 -6.07
C SER A 187 -12.59 10.85 -7.36
N TYR A 188 -13.90 11.17 -7.29
CA TYR A 188 -14.63 11.60 -8.47
C TYR A 188 -14.07 12.93 -8.99
N THR A 189 -13.78 13.86 -8.10
CA THR A 189 -13.28 15.16 -8.58
C THR A 189 -11.96 15.02 -9.35
N LEU A 190 -11.09 14.11 -8.92
CA LEU A 190 -9.82 13.92 -9.59
C LEU A 190 -9.94 13.23 -10.96
N GLN A 191 -10.90 12.32 -11.09
CA GLN A 191 -11.23 11.66 -12.33
C GLN A 191 -11.75 12.68 -13.32
N LEU A 192 -12.69 13.50 -12.86
CA LEU A 192 -13.23 14.57 -13.65
C LEU A 192 -12.12 15.58 -14.05
N ALA A 193 -11.27 15.94 -13.10
CA ALA A 193 -10.17 16.84 -13.40
C ALA A 193 -9.33 16.29 -14.56
N ALA A 194 -9.05 14.98 -14.56
CA ALA A 194 -8.25 14.42 -15.62
C ALA A 194 -9.00 14.50 -16.96
N GLN A 195 -10.32 14.36 -16.94
CA GLN A 195 -11.09 14.30 -18.20
C GLN A 195 -11.31 15.70 -18.75
N LEU A 196 -11.36 16.67 -17.86
CA LEU A 196 -11.55 18.05 -18.29
C LEU A 196 -10.23 18.78 -18.60
N ALA A 197 -9.10 18.25 -18.16
CA ALA A 197 -7.85 19.03 -18.35
C ALA A 197 -7.57 19.40 -19.81
N PRO A 198 -7.82 18.47 -20.75
CA PRO A 198 -7.58 18.85 -22.16
C PRO A 198 -8.32 20.09 -22.67
N GLN A 199 -9.49 20.40 -22.10
CA GLN A 199 -10.30 21.56 -22.45
C GLN A 199 -9.97 22.77 -21.59
N SER A 200 -8.90 22.67 -20.80
CA SER A 200 -8.51 23.71 -19.86
C SER A 200 -9.66 24.06 -18.88
N ILE A 201 -10.48 23.06 -18.55
CA ILE A 201 -11.46 23.20 -17.45
C ILE A 201 -10.87 22.51 -16.20
N ARG A 202 -10.93 23.19 -15.06
CA ARG A 202 -10.35 22.75 -13.78
CA ARG A 202 -10.35 22.66 -13.82
C ARG A 202 -11.40 22.13 -12.85
N ALA A 203 -10.99 21.15 -12.04
CA ALA A 203 -11.85 20.62 -10.98
C ALA A 203 -10.97 20.35 -9.75
N ASN A 204 -11.41 20.84 -8.60
CA ASN A 204 -10.68 20.68 -7.35
C ASN A 204 -11.65 20.46 -6.22
N VAL A 205 -11.18 19.82 -5.16
CA VAL A 205 -12.04 19.52 -4.07
C VAL A 205 -11.52 20.19 -2.84
N ILE A 206 -12.41 20.77 -2.06
CA ILE A 206 -11.98 21.37 -0.79
C ILE A 206 -12.39 20.49 0.39
N HIS A 207 -11.43 20.14 1.25
CA HIS A 207 -11.71 19.31 2.41
C HIS A 207 -11.64 20.11 3.69
N PRO A 208 -12.80 20.58 4.20
CA PRO A 208 -12.79 21.31 5.48
C PRO A 208 -12.65 20.36 6.67
N THR A 209 -12.04 20.86 7.73
CA THR A 209 -12.22 20.26 9.04
C THR A 209 -13.52 20.84 9.60
N ASN A 210 -13.74 20.78 10.92
CA ASN A 210 -14.98 21.34 11.56
C ASN A 210 -15.17 22.76 11.11
N VAL A 211 -16.35 23.11 10.65
CA VAL A 211 -16.63 24.49 10.23
C VAL A 211 -17.85 24.99 11.04
N ASN A 212 -17.75 26.22 11.55
CA ASN A 212 -18.77 26.79 12.42
C ASN A 212 -20.07 27.13 11.66
N THR A 213 -20.89 26.12 11.38
CA THR A 213 -22.18 26.28 10.71
C THR A 213 -23.25 25.42 11.40
N ASP A 214 -24.49 25.51 10.94
CA ASP A 214 -25.60 24.74 11.51
C ASP A 214 -25.39 23.22 11.39
N MET A 215 -24.48 22.78 10.50
CA MET A 215 -24.21 21.34 10.41
C MET A 215 -23.40 20.90 11.64
N LEU A 216 -22.36 21.67 11.98
CA LEU A 216 -21.54 21.35 13.14
C LEU A 216 -22.34 21.61 14.42
N ASN A 217 -23.03 22.75 14.47
CA ASN A 217 -23.86 23.09 15.64
C ASN A 217 -25.26 22.48 15.60
N SER A 218 -25.31 21.15 15.71
CA SER A 218 -26.55 20.40 15.57
C SER A 218 -26.58 19.31 16.63
N ALA A 219 -27.78 18.99 17.13
CA ALA A 219 -27.87 17.93 18.13
C ALA A 219 -27.21 16.60 17.72
N PRO A 220 -27.37 16.15 16.44
CA PRO A 220 -26.74 14.88 16.10
C PRO A 220 -25.22 15.01 16.13
N MET A 221 -24.71 16.19 15.76
CA MET A 221 -23.25 16.39 15.78
C MET A 221 -22.70 16.40 17.22
N TYR A 222 -23.48 16.90 18.18
CA TYR A 222 -23.02 16.90 19.56
C TYR A 222 -22.97 15.47 20.12
N ARG A 223 -23.96 14.63 19.79
CA ARG A 223 -23.86 13.19 20.11
C ARG A 223 -22.62 12.54 19.49
N GLN A 224 -22.34 12.88 18.24
CA GLN A 224 -21.13 12.39 17.58
C GLN A 224 -19.85 12.75 18.34
N PHE A 225 -19.69 14.02 18.70
CA PHE A 225 -18.53 14.48 19.47
C PHE A 225 -18.48 14.09 20.96
N ARG A 226 -19.63 13.81 21.58
CA ARG A 226 -19.66 13.33 22.97
C ARG A 226 -20.42 12.00 23.14
N PRO A 227 -19.85 10.90 22.64
CA PRO A 227 -20.50 9.58 22.66
C PRO A 227 -20.58 9.01 24.09
N ASP A 228 -19.84 9.65 25.00
CA ASP A 228 -19.82 9.33 26.42
C ASP A 228 -21.04 9.93 27.11
N LEU A 229 -21.76 10.83 26.43
CA LEU A 229 -22.97 11.42 27.02
C LEU A 229 -24.23 10.99 26.24
N GLU A 230 -25.31 10.80 26.96
CA GLU A 230 -26.50 10.32 26.28
C GLU A 230 -27.22 11.45 25.54
N ALA A 231 -27.26 12.64 26.15
CA ALA A 231 -27.86 13.80 25.52
C ALA A 231 -27.00 15.06 25.66
N PRO A 232 -25.80 15.07 25.01
CA PRO A 232 -24.85 16.18 25.15
C PRO A 232 -25.40 17.47 24.60
N SER A 233 -25.12 18.58 25.27
CA SER A 233 -25.47 19.90 24.78
C SER A 233 -24.37 20.44 23.86
N ARG A 234 -24.61 21.60 23.29
CA ARG A 234 -23.54 22.33 22.61
C ARG A 234 -22.31 22.56 23.50
N ALA A 235 -22.51 23.09 24.71
CA ALA A 235 -21.38 23.33 25.64
C ALA A 235 -20.57 22.06 25.86
N ASP A 236 -21.25 20.92 26.03
CA ASP A 236 -20.58 19.63 26.12
C ASP A 236 -19.73 19.36 24.86
N ALA A 237 -20.33 19.59 23.70
CA ALA A 237 -19.66 19.30 22.43
C ALA A 237 -18.46 20.22 22.19
N LEU A 238 -18.56 21.48 22.62
CA LEU A 238 -17.52 22.47 22.39
C LEU A 238 -16.19 22.10 23.06
N LEU A 239 -16.24 21.29 24.12
CA LEU A 239 -15.04 20.77 24.77
C LEU A 239 -14.34 19.72 23.91
N ALA A 240 -15.10 19.04 23.05
CA ALA A 240 -14.53 17.95 22.24
C ALA A 240 -14.19 18.36 20.79
N PHE A 241 -14.87 19.40 20.28
CA PHE A 241 -14.60 20.00 18.95
C PHE A 241 -13.10 20.19 18.63
N PRO A 242 -12.30 20.78 19.56
CA PRO A 242 -10.90 21.09 19.23
C PRO A 242 -10.02 19.87 18.94
N ALA A 243 -10.41 18.70 19.41
CA ALA A 243 -9.60 17.49 19.19
C ALA A 243 -9.40 17.17 17.73
N MET A 244 -10.31 17.63 16.87
CA MET A 244 -10.17 17.44 15.41
C MET A 244 -8.97 18.21 14.84
N GLN A 245 -8.68 19.39 15.39
CA GLN A 245 -7.66 20.24 14.81
C GLN A 245 -6.33 20.11 15.50
N ALA A 246 -5.26 20.20 14.72
CA ALA A 246 -3.92 20.31 15.29
C ALA A 246 -3.63 21.73 15.80
N MET A 247 -4.04 22.74 15.05
CA MET A 247 -3.95 24.10 15.59
C MET A 247 -5.00 24.24 16.70
N PRO A 248 -4.75 25.12 17.70
CA PRO A 248 -5.71 25.22 18.81
C PRO A 248 -6.95 26.04 18.44
N THR A 249 -8.01 25.35 18.05
CA THR A 249 -9.30 26.01 17.70
C THR A 249 -10.36 24.93 17.68
N PRO A 250 -11.63 25.27 17.99
CA PRO A 250 -12.68 24.25 17.89
C PRO A 250 -13.15 23.97 16.45
N TYR A 251 -12.92 24.94 15.56
CA TYR A 251 -13.41 24.90 14.19
C TYR A 251 -12.81 26.01 13.37
N VAL A 252 -12.94 25.92 12.05
CA VAL A 252 -12.62 27.08 11.22
C VAL A 252 -13.96 27.77 10.94
N GLU A 253 -13.92 28.95 10.32
CA GLU A 253 -15.11 29.69 9.93
C GLU A 253 -15.44 29.46 8.48
N ALA A 254 -16.68 29.71 8.11
CA ALA A 254 -17.12 29.64 6.73
C ALA A 254 -16.21 30.53 5.85
N SER A 255 -15.80 31.68 6.40
CA SER A 255 -14.91 32.61 5.69
C SER A 255 -13.58 31.97 5.26
N ASP A 256 -13.04 31.11 6.12
CA ASP A 256 -11.86 30.35 5.81
C ASP A 256 -12.06 29.50 4.55
N ILE A 257 -13.21 28.84 4.44
CA ILE A 257 -13.51 28.04 3.25
C ILE A 257 -13.73 28.88 1.98
N SER A 258 -14.50 29.96 2.12
CA SER A 258 -14.69 30.92 1.05
C SER A 258 -13.36 31.48 0.51
N ASN A 259 -12.38 31.68 1.38
CA ASN A 259 -11.06 32.14 0.92
C ASN A 259 -10.40 31.13 -0.07
N ALA A 260 -10.55 29.83 0.21
CA ALA A 260 -10.07 28.82 -0.72
C ALA A 260 -10.97 28.73 -1.97
N VAL A 261 -12.29 28.83 -1.82
CA VAL A 261 -13.17 28.91 -3.00
C VAL A 261 -12.81 30.07 -3.90
N CYS A 262 -12.56 31.24 -3.30
CA CYS A 262 -12.23 32.43 -4.11
C CYS A 262 -10.90 32.18 -4.88
N PHE A 263 -9.91 31.64 -4.18
CA PHE A 263 -8.68 31.29 -4.91
C PHE A 263 -8.97 30.42 -6.14
N LEU A 264 -9.66 29.28 -5.94
CA LEU A 264 -9.97 28.33 -6.99
C LEU A 264 -10.89 28.82 -8.12
N ALA A 265 -11.84 29.69 -7.77
CA ALA A 265 -12.74 30.29 -8.76
C ALA A 265 -12.01 31.33 -9.62
N SER A 266 -11.02 31.97 -9.03
CA SER A 266 -10.29 33.07 -9.67
C SER A 266 -9.37 32.57 -10.79
N ASP A 267 -9.17 33.40 -11.81
CA ASP A 267 -8.16 33.10 -12.87
C ASP A 267 -6.74 32.98 -12.31
N GLU A 268 -6.52 33.46 -11.09
CA GLU A 268 -5.28 33.21 -10.30
C GLU A 268 -4.85 31.76 -10.19
N SER A 269 -5.81 30.84 -10.18
CA SER A 269 -5.49 29.39 -10.09
C SER A 269 -5.72 28.68 -11.44
N ARG A 270 -5.60 29.40 -12.54
CA ARG A 270 -5.76 28.79 -13.93
C ARG A 270 -5.06 27.43 -14.22
N TYR A 271 -3.99 27.10 -13.50
CA TYR A 271 -3.33 25.81 -13.76
C TYR A 271 -3.39 24.93 -12.53
N VAL A 272 -4.35 25.17 -11.63
CA VAL A 272 -4.49 24.34 -10.45
C VAL A 272 -5.69 23.42 -10.70
N THR A 273 -5.45 22.12 -10.78
CA THR A 273 -6.55 21.20 -10.98
C THR A 273 -6.19 19.88 -10.38
N GLY A 274 -7.20 19.11 -9.97
CA GLY A 274 -6.99 17.82 -9.32
C GLY A 274 -6.39 18.00 -7.92
N LEU A 275 -6.43 19.21 -7.40
CA LEU A 275 -5.92 19.47 -6.02
C LEU A 275 -6.92 19.09 -4.92
N GLN A 276 -6.43 18.37 -3.90
CA GLN A 276 -7.19 18.01 -2.73
C GLN A 276 -6.91 19.08 -1.68
N PHE A 277 -7.78 20.09 -1.64
CA PHE A 277 -7.44 21.33 -0.96
C PHE A 277 -7.94 21.31 0.49
N LYS A 278 -7.08 20.82 1.39
CA LYS A 278 -7.41 20.77 2.84
C LYS A 278 -7.45 22.15 3.41
N VAL A 279 -8.52 22.49 4.12
CA VAL A 279 -8.51 23.67 4.94
C VAL A 279 -8.87 23.14 6.32
N ASP A 280 -7.88 22.60 7.00
CA ASP A 280 -8.18 21.69 8.09
C ASP A 280 -7.57 22.00 9.43
N ALA A 281 -6.91 23.15 9.54
CA ALA A 281 -6.14 23.52 10.73
C ALA A 281 -5.24 22.35 11.16
N GLY A 282 -4.80 21.56 10.19
CA GLY A 282 -3.85 20.48 10.52
C GLY A 282 -4.52 19.18 10.94
N ALA A 283 -5.84 19.09 10.80
CA ALA A 283 -6.55 17.83 11.15
C ALA A 283 -5.90 16.55 10.59
N MET A 284 -5.54 16.56 9.32
CA MET A 284 -5.00 15.36 8.67
C MET A 284 -3.60 14.96 9.15
N LEU A 285 -2.94 15.86 9.88
CA LEU A 285 -1.65 15.53 10.46
C LEU A 285 -1.77 14.59 11.68
N LYS A 286 -2.98 14.39 12.18
CA LYS A 286 -3.24 13.44 13.27
C LYS A 286 -3.51 12.02 12.75
N PHE A 287 -3.68 11.88 11.44
CA PHE A 287 -3.97 10.57 10.81
C PHE A 287 -3.13 10.35 9.55
N MET B 5 -5.34 48.49 1.87
CA MET B 5 -4.63 47.35 2.59
C MET B 5 -4.57 46.12 1.67
N GLY B 6 -3.36 45.74 1.27
CA GLY B 6 -3.14 44.58 0.39
C GLY B 6 -3.25 43.25 1.14
N ARG B 7 -3.16 42.15 0.39
CA ARG B 7 -3.42 40.82 0.97
C ARG B 7 -2.36 40.33 1.97
N VAL B 8 -1.18 40.95 1.96
CA VAL B 8 -0.13 40.68 2.96
C VAL B 8 0.39 41.99 3.60
N GLN B 9 -0.55 42.87 3.89
CA GLN B 9 -0.23 44.22 4.36
C GLN B 9 0.73 44.29 5.54
N ASP B 10 1.84 45.02 5.34
CA ASP B 10 2.88 45.25 6.34
C ASP B 10 3.59 44.01 6.89
N LYS B 11 3.40 42.86 6.26
CA LYS B 11 4.16 41.68 6.66
C LYS B 11 5.61 41.84 6.19
N VAL B 12 6.53 41.12 6.86
CA VAL B 12 7.93 41.00 6.46
C VAL B 12 8.16 39.57 5.96
N VAL B 13 8.63 39.42 4.72
CA VAL B 13 8.75 38.10 4.10
C VAL B 13 10.19 37.84 3.78
N LEU B 14 10.70 36.68 4.16
CA LEU B 14 12.02 36.26 3.68
C LEU B 14 11.84 35.41 2.42
N VAL B 15 12.56 35.73 1.35
CA VAL B 15 12.49 34.87 0.15
C VAL B 15 13.92 34.40 -0.16
N THR B 16 14.19 33.10 -0.14
CA THR B 16 15.52 32.62 -0.58
C THR B 16 15.47 32.36 -2.10
N GLY B 17 16.60 32.45 -2.79
CA GLY B 17 16.56 32.36 -4.24
C GLY B 17 15.79 33.52 -4.85
N GLY B 18 15.79 34.67 -4.16
CA GLY B 18 14.96 35.80 -4.60
C GLY B 18 15.48 36.70 -5.74
N ALA B 19 16.67 36.38 -6.27
CA ALA B 19 17.31 37.16 -7.33
C ALA B 19 16.61 37.14 -8.68
N ARG B 20 15.98 36.02 -9.01
CA ARG B 20 15.39 35.86 -10.34
C ARG B 20 14.32 34.74 -10.25
N GLY B 21 13.68 34.42 -11.37
CA GLY B 21 12.81 33.25 -11.46
C GLY B 21 11.63 33.38 -10.52
N GLN B 22 11.23 32.26 -9.92
CA GLN B 22 10.05 32.25 -9.06
C GLN B 22 10.27 33.10 -7.84
N GLY B 23 11.48 33.03 -7.27
CA GLY B 23 11.78 33.76 -6.04
C GLY B 23 11.61 35.29 -6.23
N ARG B 24 12.04 35.81 -7.39
CA ARG B 24 11.90 37.27 -7.63
CA ARG B 24 11.92 37.26 -7.71
C ARG B 24 10.44 37.61 -7.88
N SER B 25 9.71 36.68 -8.51
CA SER B 25 8.29 36.84 -8.79
C SER B 25 7.49 36.88 -7.50
N HIS B 26 7.87 36.04 -6.53
CA HIS B 26 7.26 36.02 -5.22
C HIS B 26 7.48 37.35 -4.50
N ALA B 27 8.74 37.79 -4.49
CA ALA B 27 9.11 39.08 -3.90
C ALA B 27 8.23 40.22 -4.37
N VAL B 28 8.08 40.39 -5.68
CA VAL B 28 7.37 41.55 -6.24
C VAL B 28 5.86 41.44 -6.02
N LYS B 29 5.30 40.23 -6.15
CA LYS B 29 3.87 39.96 -5.89
C LYS B 29 3.51 40.26 -4.43
N LEU B 30 4.32 39.76 -3.50
CA LEU B 30 4.06 40.04 -2.09
C LEU B 30 4.24 41.54 -1.77
N ALA B 31 5.26 42.15 -2.36
CA ALA B 31 5.44 43.61 -2.21
C ALA B 31 4.26 44.42 -2.76
N GLU B 32 3.72 44.03 -3.93
CA GLU B 32 2.54 44.70 -4.50
C GLU B 32 1.32 44.59 -3.58
N GLU B 33 1.26 43.46 -2.86
CA GLU B 33 0.22 43.20 -1.87
C GLU B 33 0.60 43.68 -0.47
N GLY B 34 1.63 44.53 -0.36
CA GLY B 34 1.86 45.27 0.87
C GLY B 34 2.91 44.81 1.87
N ALA B 35 3.76 43.88 1.45
CA ALA B 35 4.83 43.33 2.31
C ALA B 35 6.20 43.90 1.99
N ASP B 36 7.02 44.09 3.02
CA ASP B 36 8.46 44.31 2.81
C ASP B 36 9.14 42.96 2.74
N ILE B 37 10.21 42.88 1.94
CA ILE B 37 10.79 41.60 1.55
C ILE B 37 12.27 41.59 1.86
N ILE B 38 12.74 40.44 2.34
CA ILE B 38 14.14 40.19 2.53
C ILE B 38 14.52 39.19 1.45
N LEU B 39 15.54 39.50 0.66
CA LEU B 39 15.89 38.64 -0.49
C LEU B 39 17.30 38.08 -0.34
N PHE B 40 17.43 36.76 -0.27
CA PHE B 40 18.74 36.11 -0.15
C PHE B 40 19.00 35.33 -1.45
N ASP B 41 20.20 35.42 -2.02
CA ASP B 41 20.55 34.57 -3.15
C ASP B 41 22.05 34.32 -3.13
N ILE B 42 22.44 33.15 -3.60
CA ILE B 42 23.88 32.80 -3.68
C ILE B 42 24.65 33.75 -4.59
N CYS B 43 24.06 34.11 -5.73
CA CYS B 43 24.68 35.06 -6.65
C CYS B 43 26.03 34.58 -7.22
N HIS B 44 26.25 33.27 -7.26
CA HIS B 44 27.35 32.67 -8.02
C HIS B 44 27.03 31.22 -8.36
N ASP B 45 27.84 30.63 -9.24
CA ASP B 45 27.53 29.32 -9.83
C ASP B 45 27.97 28.21 -8.88
N ILE B 46 27.39 27.03 -9.07
CA ILE B 46 27.78 25.81 -8.40
C ILE B 46 28.27 24.86 -9.52
N GLU B 47 29.51 24.41 -9.38
CA GLU B 47 30.24 23.67 -10.44
C GLU B 47 29.46 22.51 -11.06
N THR B 48 28.85 21.66 -10.23
CA THR B 48 28.09 20.50 -10.80
C THR B 48 26.77 20.91 -11.47
N ASN B 49 26.35 22.16 -11.29
CA ASN B 49 25.09 22.60 -11.86
C ASN B 49 25.41 23.39 -13.11
N GLU B 50 25.20 22.72 -14.25
CA GLU B 50 25.74 23.22 -15.50
C GLU B 50 24.83 24.19 -16.24
N TYR B 51 24.35 25.20 -15.51
CA TYR B 51 23.69 26.38 -16.09
C TYR B 51 23.94 27.53 -15.14
N PRO B 52 23.95 28.77 -15.66
CA PRO B 52 24.26 29.88 -14.74
C PRO B 52 23.24 30.12 -13.62
N LEU B 53 23.72 30.36 -12.42
CA LEU B 53 22.84 30.80 -11.34
C LEU B 53 22.74 32.33 -11.39
N ALA B 54 21.98 32.94 -10.47
CA ALA B 54 21.79 34.40 -10.48
C ALA B 54 23.09 35.18 -10.26
N THR B 55 23.09 36.44 -10.67
CA THR B 55 24.29 37.29 -10.53
C THR B 55 24.04 38.28 -9.41
N SER B 56 25.08 39.01 -9.00
CA SER B 56 24.92 40.11 -8.03
C SER B 56 23.87 41.11 -8.51
N ARG B 57 23.95 41.48 -9.79
CA ARG B 57 23.07 42.48 -10.40
C ARG B 57 21.61 42.02 -10.40
N ASP B 58 21.36 40.73 -10.66
CA ASP B 58 20.01 40.18 -10.60
C ASP B 58 19.36 40.51 -9.25
N LEU B 59 20.08 40.19 -8.18
CA LEU B 59 19.62 40.40 -6.82
C LEU B 59 19.34 41.87 -6.53
N GLU B 60 20.27 42.74 -6.92
CA GLU B 60 20.05 44.17 -6.72
C GLU B 60 18.83 44.65 -7.52
N GLU B 61 18.71 44.24 -8.78
CA GLU B 61 17.54 44.61 -9.57
C GLU B 61 16.23 44.04 -8.98
N ALA B 62 16.29 42.84 -8.37
CA ALA B 62 15.13 42.25 -7.74
C ALA B 62 14.67 43.13 -6.57
N GLY B 63 15.63 43.57 -5.75
CA GLY B 63 15.32 44.53 -4.67
C GLY B 63 14.72 45.85 -5.18
N LEU B 64 15.23 46.33 -6.32
CA LEU B 64 14.72 47.61 -6.90
C LEU B 64 13.27 47.44 -7.33
N GLU B 65 12.99 46.29 -7.95
CA GLU B 65 11.62 45.95 -8.33
C GLU B 65 10.68 45.99 -7.13
N VAL B 66 11.13 45.44 -6.00
CA VAL B 66 10.36 45.51 -4.75
C VAL B 66 10.15 46.96 -4.32
N GLU B 67 11.23 47.75 -4.37
CA GLU B 67 11.14 49.16 -3.95
C GLU B 67 10.19 50.00 -4.78
N LYS B 68 10.11 49.71 -6.07
CA LYS B 68 9.22 50.32 -7.05
C LYS B 68 7.73 50.24 -6.65
N THR B 69 7.34 49.15 -5.98
CA THR B 69 6.02 49.00 -5.39
C THR B 69 5.79 49.89 -4.17
N GLY B 70 6.84 50.57 -3.68
CA GLY B 70 6.74 51.44 -2.49
C GLY B 70 7.11 50.79 -1.16
N ARG B 71 7.42 49.49 -1.22
CA ARG B 71 7.77 48.73 -0.03
C ARG B 71 9.28 48.70 0.08
N LYS B 72 9.77 48.22 1.22
CA LYS B 72 11.20 48.11 1.50
C LYS B 72 11.74 46.74 1.09
N ALA B 73 13.00 46.72 0.64
CA ALA B 73 13.71 45.49 0.32
C ALA B 73 15.03 45.46 1.07
N TYR B 74 15.37 44.28 1.58
CA TYR B 74 16.69 44.03 2.15
C TYR B 74 17.30 42.89 1.35
N THR B 75 18.44 43.13 0.70
CA THR B 75 19.06 42.07 -0.12
C THR B 75 20.38 41.62 0.50
N ALA B 76 20.67 40.33 0.43
CA ALA B 76 21.96 39.85 0.88
C ALA B 76 22.42 38.67 0.07
N GLU B 77 23.71 38.65 -0.23
CA GLU B 77 24.31 37.49 -0.87
C GLU B 77 24.55 36.39 0.18
N VAL B 78 23.86 35.27 0.02
CA VAL B 78 23.85 34.21 1.01
C VAL B 78 23.65 32.87 0.30
N ASP B 79 24.52 31.91 0.60
CA ASP B 79 24.40 30.51 0.18
C ASP B 79 23.63 29.79 1.28
N VAL B 80 22.41 29.36 0.99
CA VAL B 80 21.58 28.69 2.00
C VAL B 80 22.17 27.41 2.56
N ARG B 81 23.27 26.90 1.99
CA ARG B 81 24.02 25.78 2.56
C ARG B 81 24.78 26.24 3.81
N ASP B 82 24.96 27.54 3.98
CA ASP B 82 25.76 28.08 5.08
C ASP B 82 24.82 28.63 6.11
N ARG B 83 24.45 27.80 7.08
CA ARG B 83 23.47 28.24 8.09
C ARG B 83 23.96 29.45 8.90
N ALA B 84 25.24 29.47 9.26
CA ALA B 84 25.84 30.62 9.98
C ALA B 84 25.61 31.92 9.20
N ALA B 85 25.80 31.87 7.88
CA ALA B 85 25.55 33.02 7.00
C ALA B 85 24.06 33.41 6.94
N VAL B 86 23.17 32.42 6.82
CA VAL B 86 21.72 32.65 6.83
C VAL B 86 21.30 33.34 8.14
N SER B 87 21.72 32.77 9.26
CA SER B 87 21.42 33.36 10.58
C SER B 87 21.90 34.80 10.76
N ARG B 88 23.15 35.04 10.41
CA ARG B 88 23.75 36.38 10.52
C ARG B 88 23.00 37.40 9.68
N GLU B 89 22.75 37.10 8.40
CA GLU B 89 22.08 38.08 7.54
C GLU B 89 20.61 38.33 7.93
N LEU B 90 19.96 37.27 8.41
CA LEU B 90 18.58 37.33 8.85
C LEU B 90 18.44 38.14 10.15
N ALA B 91 19.39 37.98 11.06
CA ALA B 91 19.44 38.81 12.27
C ALA B 91 19.59 40.27 11.85
N ASN B 92 20.43 40.50 10.84
CA ASN B 92 20.60 41.86 10.27
C ASN B 92 19.34 42.42 9.66
N ALA B 93 18.65 41.58 8.89
CA ALA B 93 17.40 41.98 8.24
C ALA B 93 16.31 42.25 9.26
N VAL B 94 16.14 41.33 10.20
CA VAL B 94 15.09 41.46 11.20
C VAL B 94 15.35 42.67 12.10
N ALA B 95 16.61 42.90 12.46
CA ALA B 95 17.01 44.12 13.17
C ALA B 95 16.43 45.34 12.47
N GLU B 96 16.54 45.37 11.15
CA GLU B 96 16.09 46.50 10.37
C GLU B 96 14.56 46.54 10.20
N PHE B 97 13.94 45.43 9.79
CA PHE B 97 12.50 45.43 9.50
C PHE B 97 11.62 45.26 10.73
N GLY B 98 12.22 44.79 11.82
CA GLY B 98 11.53 44.75 13.11
C GLY B 98 10.90 43.41 13.45
N LYS B 99 10.64 42.59 12.42
CA LYS B 99 9.91 41.32 12.61
C LYS B 99 10.08 40.40 11.39
N LEU B 100 9.54 39.17 11.49
CA LEU B 100 9.58 38.20 10.40
C LEU B 100 8.24 37.49 10.42
N ASP B 101 7.48 37.57 9.32
CA ASP B 101 6.16 36.94 9.24
C ASP B 101 6.08 35.70 8.35
N VAL B 102 6.76 35.73 7.22
CA VAL B 102 6.61 34.69 6.20
C VAL B 102 8.01 34.25 5.74
N VAL B 103 8.19 32.96 5.55
CA VAL B 103 9.45 32.40 5.02
C VAL B 103 9.08 31.66 3.74
N VAL B 104 9.76 31.98 2.66
CA VAL B 104 9.53 31.26 1.40
C VAL B 104 10.86 30.63 1.03
N ALA B 105 10.99 29.32 1.23
CA ALA B 105 12.28 28.65 1.03
C ALA B 105 12.31 28.14 -0.42
N ASN B 106 12.66 29.03 -1.32
CA ASN B 106 12.55 28.79 -2.76
C ASN B 106 13.94 28.45 -3.42
N ALA B 107 15.05 28.81 -2.79
CA ALA B 107 16.36 28.57 -3.45
C ALA B 107 16.51 27.11 -3.88
N GLY B 108 16.83 26.89 -5.15
CA GLY B 108 17.28 25.56 -5.55
C GLY B 108 18.16 25.52 -6.79
N ILE B 109 18.76 24.35 -6.99
CA ILE B 109 19.50 24.02 -8.18
C ILE B 109 18.95 22.69 -8.68
N CYS B 110 19.20 22.39 -9.94
CA CYS B 110 18.81 21.14 -10.56
C CYS B 110 19.99 20.62 -11.38
N PRO B 111 21.01 20.07 -10.70
CA PRO B 111 22.23 19.71 -11.46
C PRO B 111 22.15 18.41 -12.26
N LEU B 112 21.37 18.41 -13.33
CA LEU B 112 21.13 17.24 -14.19
C LEU B 112 22.33 16.95 -15.08
N GLY B 113 22.51 15.67 -15.42
CA GLY B 113 23.55 15.23 -16.34
C GLY B 113 24.03 13.83 -15.97
N ALA B 114 23.83 12.88 -16.88
CA ALA B 114 24.24 11.49 -16.66
C ALA B 114 25.75 11.32 -16.50
N HIS B 115 26.53 12.28 -16.97
CA HIS B 115 28.01 12.19 -16.92
C HIS B 115 28.60 12.66 -15.58
N LEU B 116 27.77 13.32 -14.76
CA LEU B 116 28.28 14.06 -13.62
C LEU B 116 28.68 13.10 -12.49
N PRO B 117 29.66 13.50 -11.66
CA PRO B 117 30.00 12.62 -10.53
C PRO B 117 28.94 12.67 -9.40
N VAL B 118 29.13 11.84 -8.36
CA VAL B 118 28.17 11.69 -7.26
C VAL B 118 28.11 12.97 -6.43
N GLN B 119 29.17 13.77 -6.48
CA GLN B 119 29.11 15.12 -5.93
C GLN B 119 27.87 15.91 -6.34
N ALA B 120 27.40 15.75 -7.58
CA ALA B 120 26.18 16.41 -8.02
C ALA B 120 24.95 15.98 -7.20
N PHE B 121 24.88 14.71 -6.81
CA PHE B 121 23.86 14.24 -5.87
C PHE B 121 23.95 15.00 -4.53
N ALA B 122 25.17 15.09 -3.99
CA ALA B 122 25.41 15.79 -2.71
C ALA B 122 25.04 17.26 -2.81
N ASP B 123 25.45 17.89 -3.92
CA ASP B 123 25.17 19.32 -4.13
C ASP B 123 23.66 19.58 -4.23
N ALA B 124 22.96 18.77 -5.02
CA ALA B 124 21.51 18.92 -5.19
C ALA B 124 20.85 18.79 -3.82
N PHE B 125 21.31 17.81 -3.06
CA PHE B 125 20.76 17.55 -1.74
C PHE B 125 21.09 18.64 -0.73
N ASP B 126 22.36 19.06 -0.67
CA ASP B 126 22.79 20.16 0.23
C ASP B 126 22.00 21.46 0.01
N VAL B 127 21.80 21.82 -1.25
CA VAL B 127 21.07 23.04 -1.55
C VAL B 127 19.58 22.85 -1.34
N ASP B 128 19.01 21.81 -1.97
CA ASP B 128 17.54 21.70 -2.10
C ASP B 128 16.82 21.11 -0.91
N PHE B 129 17.53 20.35 -0.05
CA PHE B 129 16.96 19.93 1.21
C PHE B 129 17.62 20.59 2.44
N VAL B 130 18.92 20.35 2.64
CA VAL B 130 19.63 20.90 3.79
C VAL B 130 19.50 22.45 3.73
N GLY B 131 19.53 22.99 2.50
CA GLY B 131 19.37 24.45 2.32
C GLY B 131 18.01 24.92 2.85
N VAL B 132 16.99 24.09 2.66
CA VAL B 132 15.66 24.47 3.15
C VAL B 132 15.63 24.36 4.69
N ILE B 133 16.19 23.26 5.23
CA ILE B 133 16.29 23.09 6.70
C ILE B 133 16.97 24.31 7.31
N ASN B 134 18.09 24.70 6.72
CA ASN B 134 18.87 25.85 7.22
C ASN B 134 18.05 27.12 7.27
N THR B 135 17.28 27.31 6.21
CA THR B 135 16.43 28.48 6.11
C THR B 135 15.37 28.48 7.20
N VAL B 136 14.67 27.35 7.34
CA VAL B 136 13.55 27.26 8.28
C VAL B 136 14.08 27.35 9.72
N HIS B 137 15.11 26.58 9.99
CA HIS B 137 15.65 26.49 11.34
C HIS B 137 16.25 27.84 11.76
N ALA B 138 16.85 28.54 10.81
CA ALA B 138 17.32 29.90 11.10
C ALA B 138 16.21 30.90 11.36
N ALA B 139 15.02 30.68 10.79
CA ALA B 139 13.93 31.63 10.98
C ALA B 139 13.07 31.33 12.20
N LEU B 140 13.07 30.09 12.68
CA LEU B 140 12.13 29.67 13.74
C LEU B 140 12.12 30.59 14.96
N PRO B 141 13.29 31.01 15.46
CA PRO B 141 13.24 31.86 16.65
C PRO B 141 12.49 33.17 16.43
N TYR B 142 12.27 33.60 15.18
CA TYR B 142 11.55 34.89 14.97
C TYR B 142 10.05 34.76 14.80
N LEU B 143 9.56 33.53 14.74
CA LEU B 143 8.19 33.34 14.29
C LEU B 143 7.21 33.28 15.46
N THR B 144 6.04 33.89 15.27
CA THR B 144 4.97 33.89 16.29
C THR B 144 3.67 33.49 15.60
N SER B 145 2.60 33.36 16.39
CA SER B 145 1.28 32.96 15.88
C SER B 145 0.91 33.67 14.57
N GLY B 146 0.38 32.92 13.62
CA GLY B 146 -0.02 33.52 12.35
C GLY B 146 1.10 33.54 11.33
N ALA B 147 2.33 33.24 11.75
CA ALA B 147 3.41 33.12 10.78
C ALA B 147 3.18 31.98 9.75
N SER B 148 3.80 32.09 8.58
CA SER B 148 3.58 31.14 7.49
C SER B 148 4.92 30.72 6.85
N ILE B 149 5.16 29.42 6.79
CA ILE B 149 6.39 28.88 6.19
C ILE B 149 6.00 28.21 4.89
N ILE B 150 6.64 28.62 3.82
CA ILE B 150 6.25 28.11 2.47
C ILE B 150 7.49 27.50 1.84
N THR B 151 7.46 26.18 1.59
CA THR B 151 8.63 25.57 0.97
C THR B 151 8.27 25.22 -0.49
N THR B 152 9.27 25.12 -1.36
CA THR B 152 9.06 24.77 -2.76
C THR B 152 9.52 23.35 -3.03
N GLY B 153 8.54 22.51 -3.35
CA GLY B 153 8.77 21.15 -3.80
C GLY B 153 8.97 21.06 -5.33
N SER B 154 8.40 20.01 -5.91
CA SER B 154 8.48 19.72 -7.33
C SER B 154 7.63 18.48 -7.57
N VAL B 155 6.68 18.57 -8.52
CA VAL B 155 5.88 17.42 -8.96
C VAL B 155 6.79 16.32 -9.55
N ALA B 156 7.77 16.73 -10.37
CA ALA B 156 8.69 15.76 -10.98
C ALA B 156 9.35 14.92 -9.90
N GLY B 157 9.75 15.59 -8.80
CA GLY B 157 10.22 14.89 -7.60
C GLY B 157 9.28 13.84 -7.04
N LEU B 158 8.01 14.18 -6.81
CA LEU B 158 7.00 13.26 -6.29
C LEU B 158 6.79 12.06 -7.21
N ILE B 159 6.71 12.33 -8.51
CA ILE B 159 6.59 11.31 -9.53
C ILE B 159 7.77 10.34 -9.47
N ALA B 160 8.98 10.85 -9.27
CA ALA B 160 10.17 9.98 -9.15
C ALA B 160 10.08 8.88 -8.05
N ALA B 161 9.37 9.16 -6.94
CA ALA B 161 9.27 8.26 -5.77
C ALA B 161 8.59 6.92 -6.06
N GLN B 171 19.05 11.26 -15.95
CA GLN B 171 18.98 12.35 -14.94
C GLN B 171 20.32 12.50 -14.21
N GLY B 172 20.99 11.36 -13.97
CA GLY B 172 22.36 11.28 -13.38
C GLY B 172 22.29 11.47 -11.86
N PRO B 173 23.45 11.56 -11.17
CA PRO B 173 23.36 11.64 -9.70
C PRO B 173 22.62 12.89 -9.24
N GLY B 174 22.81 13.98 -9.96
CA GLY B 174 22.17 15.27 -9.63
C GLY B 174 20.65 15.26 -9.71
N GLY B 175 20.13 14.65 -10.77
CA GLY B 175 18.71 14.36 -10.92
C GLY B 175 18.13 13.57 -9.78
N ALA B 176 18.88 12.56 -9.34
CA ALA B 176 18.41 11.66 -8.31
C ALA B 176 18.42 12.40 -6.97
N GLY B 177 19.45 13.22 -6.79
CA GLY B 177 19.60 14.07 -5.61
C GLY B 177 18.45 15.08 -5.56
N TYR B 178 18.14 15.70 -6.70
CA TYR B 178 17.00 16.64 -6.81
C TYR B 178 15.67 15.99 -6.43
N SER B 179 15.33 14.86 -7.05
CA SER B 179 14.05 14.21 -6.80
C SER B 179 13.90 13.84 -5.33
N TYR B 180 14.95 13.24 -4.78
CA TYR B 180 14.95 12.81 -3.39
C TYR B 180 14.86 14.00 -2.44
N ALA B 181 15.69 15.05 -2.66
CA ALA B 181 15.58 16.23 -1.86
C ALA B 181 14.14 16.77 -1.86
N LYS B 182 13.51 16.82 -3.04
CA LYS B 182 12.19 17.39 -3.16
C LYS B 182 11.12 16.54 -2.44
N GLN B 183 11.28 15.20 -2.51
CA GLN B 183 10.44 14.30 -1.74
C GLN B 183 10.57 14.58 -0.24
N LEU B 184 11.80 14.85 0.22
CA LEU B 184 11.95 15.16 1.66
C LEU B 184 11.47 16.57 2.01
N VAL B 185 11.56 17.52 1.08
CA VAL B 185 10.96 18.85 1.35
C VAL B 185 9.50 18.64 1.71
N ASP B 186 8.86 17.75 0.96
CA ASP B 186 7.46 17.45 1.20
C ASP B 186 7.21 16.83 2.59
N SER B 187 7.88 15.72 2.92
CA SER B 187 7.59 15.03 4.20
C SER B 187 8.04 15.87 5.38
N TYR B 188 9.17 16.55 5.20
CA TYR B 188 9.66 17.46 6.26
C TYR B 188 8.68 18.59 6.53
N THR B 189 8.09 19.12 5.48
CA THR B 189 7.20 20.28 5.65
C THR B 189 5.96 19.86 6.47
N LEU B 190 5.46 18.64 6.23
CA LEU B 190 4.33 18.17 6.99
C LEU B 190 4.70 17.83 8.46
N GLN B 191 5.89 17.28 8.70
CA GLN B 191 6.40 17.14 10.08
C GLN B 191 6.43 18.51 10.77
N LEU B 192 7.04 19.48 10.12
CA LEU B 192 7.13 20.84 10.65
C LEU B 192 5.75 21.43 10.93
N ALA B 193 4.82 21.27 9.99
CA ALA B 193 3.47 21.69 10.25
C ALA B 193 2.90 21.11 11.55
N ALA B 194 3.13 19.81 11.78
CA ALA B 194 2.60 19.14 12.95
C ALA B 194 3.19 19.76 14.23
N GLN B 195 4.46 20.08 14.17
CA GLN B 195 5.22 20.57 15.32
C GLN B 195 4.90 22.02 15.65
N LEU B 196 4.58 22.80 14.61
CA LEU B 196 4.31 24.22 14.79
C LEU B 196 2.83 24.58 14.95
N ALA B 197 1.95 23.62 14.69
CA ALA B 197 0.51 23.81 14.85
C ALA B 197 0.09 24.35 16.25
N PRO B 198 0.67 23.81 17.35
CA PRO B 198 0.23 24.38 18.63
C PRO B 198 0.51 25.87 18.82
N GLN B 199 1.55 26.38 18.19
CA GLN B 199 1.82 27.82 18.15
C GLN B 199 1.04 28.58 17.05
N SER B 200 0.11 27.90 16.37
CA SER B 200 -0.59 28.47 15.20
C SER B 200 0.36 29.05 14.13
N ILE B 201 1.53 28.43 13.98
CA ILE B 201 2.45 28.76 12.86
C ILE B 201 2.20 27.72 11.77
N ARG B 202 1.90 28.15 10.55
CA ARG B 202 1.63 27.18 9.47
C ARG B 202 2.84 26.87 8.55
N ALA B 203 2.85 25.65 7.98
CA ALA B 203 3.88 25.26 7.04
C ALA B 203 3.23 24.48 5.91
N ASN B 204 3.52 24.88 4.67
CA ASN B 204 2.88 24.25 3.52
C ASN B 204 3.91 24.14 2.42
N VAL B 205 3.74 23.17 1.52
CA VAL B 205 4.69 22.98 0.44
C VAL B 205 3.98 23.21 -0.88
N ILE B 206 4.57 24.04 -1.74
CA ILE B 206 4.04 24.18 -3.09
C ILE B 206 4.79 23.29 -4.02
N HIS B 207 4.07 22.42 -4.72
CA HIS B 207 4.67 21.56 -5.72
C HIS B 207 4.40 22.05 -7.15
N PRO B 208 5.39 22.73 -7.78
CA PRO B 208 5.11 23.13 -9.17
C PRO B 208 5.37 22.01 -10.14
N THR B 209 4.67 22.05 -11.27
CA THR B 209 5.11 21.32 -12.44
C THR B 209 6.20 22.18 -13.16
N ASN B 210 6.51 21.90 -14.43
CA ASN B 210 7.46 22.75 -15.20
C ASN B 210 7.08 24.21 -15.01
N VAL B 211 8.07 25.05 -14.72
CA VAL B 211 7.89 26.50 -14.61
C VAL B 211 8.86 27.17 -15.57
N ASN B 212 8.33 28.14 -16.34
CA ASN B 212 9.09 28.84 -17.35
C ASN B 212 10.12 29.81 -16.73
N THR B 213 11.27 29.27 -16.27
CA THR B 213 12.36 30.02 -15.63
C THR B 213 13.68 29.48 -16.20
N ASP B 214 14.80 30.11 -15.81
CA ASP B 214 16.14 29.66 -16.25
C ASP B 214 16.46 28.19 -15.88
N MET B 215 15.84 27.65 -14.84
CA MET B 215 16.13 26.25 -14.50
C MET B 215 15.57 25.32 -15.55
N LEU B 216 14.37 25.62 -16.00
CA LEU B 216 13.73 24.87 -17.07
C LEU B 216 14.35 25.16 -18.43
N ASN B 217 14.73 26.41 -18.68
CA ASN B 217 15.24 26.81 -20.00
C ASN B 217 16.75 26.76 -20.04
N SER B 218 17.26 25.53 -19.97
CA SER B 218 18.69 25.28 -19.73
C SER B 218 19.08 24.02 -20.47
N ALA B 219 20.33 23.96 -20.96
CA ALA B 219 20.78 22.82 -21.76
C ALA B 219 20.65 21.49 -21.00
N PRO B 220 20.96 21.47 -19.69
CA PRO B 220 20.80 20.18 -18.99
C PRO B 220 19.31 19.74 -18.91
N MET B 221 18.41 20.71 -18.77
CA MET B 221 16.98 20.39 -18.77
C MET B 221 16.55 19.92 -20.18
N TYR B 222 17.08 20.55 -21.23
CA TYR B 222 16.72 20.11 -22.58
C TYR B 222 17.15 18.65 -22.82
N ARG B 223 18.33 18.27 -22.33
CA ARG B 223 18.86 16.92 -22.52
C ARG B 223 17.99 15.93 -21.74
N GLN B 224 17.55 16.36 -20.56
CA GLN B 224 16.65 15.57 -19.73
C GLN B 224 15.33 15.25 -20.44
N PHE B 225 14.68 16.25 -21.04
CA PHE B 225 13.39 16.02 -21.76
C PHE B 225 13.53 15.38 -23.14
N ARG B 226 14.73 15.47 -23.72
CA ARG B 226 15.01 14.83 -25.01
C ARG B 226 16.25 13.95 -24.90
N PRO B 227 16.13 12.80 -24.20
CA PRO B 227 17.31 11.92 -24.04
C PRO B 227 17.71 11.28 -25.36
N ASP B 228 16.78 11.25 -26.34
CA ASP B 228 17.04 10.71 -27.69
C ASP B 228 17.96 11.58 -28.55
N LEU B 229 18.36 12.74 -28.05
CA LEU B 229 19.22 13.66 -28.81
C LEU B 229 20.45 14.02 -28.01
N GLU B 230 21.48 14.47 -28.72
CA GLU B 230 22.79 14.76 -28.12
C GLU B 230 23.00 16.24 -27.73
N ALA B 231 22.56 17.15 -28.61
CA ALA B 231 22.55 18.58 -28.31
C ALA B 231 21.16 19.21 -28.51
N PRO B 232 20.13 18.76 -27.77
CA PRO B 232 18.78 19.33 -27.99
C PRO B 232 18.68 20.83 -27.79
N SER B 233 18.06 21.49 -28.76
CA SER B 233 17.75 22.90 -28.62
C SER B 233 16.49 23.03 -27.75
N ARG B 234 16.14 24.28 -27.41
CA ARG B 234 14.84 24.57 -26.79
C ARG B 234 13.67 24.09 -27.61
N ALA B 235 13.76 24.25 -28.94
CA ALA B 235 12.69 23.82 -29.83
C ALA B 235 12.44 22.32 -29.71
N ASP B 236 13.52 21.54 -29.63
CA ASP B 236 13.45 20.09 -29.45
C ASP B 236 12.77 19.80 -28.10
N ALA B 237 13.22 20.46 -27.04
CA ALA B 237 12.70 20.22 -25.69
C ALA B 237 11.24 20.65 -25.56
N LEU B 238 10.87 21.75 -26.24
CA LEU B 238 9.47 22.20 -26.25
C LEU B 238 8.48 21.17 -26.78
N LEU B 239 8.91 20.30 -27.69
CA LEU B 239 8.00 19.27 -28.18
C LEU B 239 7.65 18.25 -27.06
N ALA B 240 8.52 18.16 -26.07
CA ALA B 240 8.35 17.18 -25.00
C ALA B 240 7.89 17.81 -23.69
N PHE B 241 8.08 19.13 -23.50
CA PHE B 241 7.62 19.79 -22.27
C PHE B 241 6.12 19.52 -21.96
N PRO B 242 5.22 19.59 -22.97
CA PRO B 242 3.77 19.46 -22.64
C PRO B 242 3.35 18.12 -22.05
N ALA B 243 4.09 17.04 -22.33
CA ALA B 243 3.70 15.69 -21.87
C ALA B 243 3.60 15.64 -20.33
N MET B 244 4.29 16.54 -19.65
CA MET B 244 4.33 16.57 -18.21
C MET B 244 2.97 17.05 -17.63
N GLN B 245 2.19 17.82 -18.39
CA GLN B 245 0.93 18.40 -17.86
C GLN B 245 -0.29 17.70 -18.47
N ALA B 246 -1.42 17.67 -17.75
CA ALA B 246 -2.67 17.18 -18.31
C ALA B 246 -3.39 18.30 -19.07
N MET B 247 -3.32 19.52 -18.56
CA MET B 247 -3.74 20.71 -19.35
C MET B 247 -2.76 20.95 -20.51
N PRO B 248 -3.24 21.53 -21.64
CA PRO B 248 -2.38 21.69 -22.81
C PRO B 248 -1.49 22.95 -22.65
N THR B 249 -0.31 22.75 -22.07
CA THR B 249 0.67 23.83 -21.85
C THR B 249 2.03 23.14 -21.66
N PRO B 250 3.13 23.82 -22.05
CA PRO B 250 4.46 23.21 -21.84
C PRO B 250 4.96 23.42 -20.40
N TYR B 251 4.31 24.32 -19.67
CA TYR B 251 4.72 24.74 -18.32
C TYR B 251 3.74 25.74 -17.75
N VAL B 252 3.88 26.02 -16.45
CA VAL B 252 3.21 27.18 -15.84
C VAL B 252 4.26 28.33 -15.79
N GLU B 253 3.81 29.54 -15.44
CA GLU B 253 4.70 30.72 -15.34
C GLU B 253 5.04 30.93 -13.88
N ALA B 254 6.09 31.71 -13.57
CA ALA B 254 6.41 32.01 -12.18
C ALA B 254 5.19 32.63 -11.48
N SER B 255 4.40 33.42 -12.22
CA SER B 255 3.22 34.12 -11.66
C SER B 255 2.14 33.16 -11.13
N ASP B 256 2.01 31.99 -11.76
CA ASP B 256 1.10 30.98 -11.24
C ASP B 256 1.54 30.52 -9.84
N ILE B 257 2.82 30.32 -9.66
CA ILE B 257 3.34 29.94 -8.35
C ILE B 257 3.23 31.05 -7.35
N SER B 258 3.57 32.28 -7.75
CA SER B 258 3.45 33.42 -6.86
C SER B 258 2.01 33.61 -6.39
N ASN B 259 1.05 33.29 -7.24
CA ASN B 259 -0.36 33.39 -6.79
C ASN B 259 -0.65 32.45 -5.63
N ALA B 260 -0.07 31.24 -5.67
CA ALA B 260 -0.25 30.30 -4.59
C ALA B 260 0.52 30.80 -3.36
N VAL B 261 1.74 31.29 -3.58
CA VAL B 261 2.54 31.90 -2.46
C VAL B 261 1.77 33.00 -1.73
N CYS B 262 1.15 33.87 -2.53
CA CYS B 262 0.34 34.98 -1.98
C CYS B 262 -0.81 34.48 -1.11
N PHE B 263 -1.53 33.45 -1.59
CA PHE B 263 -2.61 32.87 -0.76
C PHE B 263 -2.05 32.35 0.58
N LEU B 264 -0.92 31.62 0.52
CA LEU B 264 -0.35 31.00 1.72
C LEU B 264 0.31 32.01 2.67
N ALA B 265 0.85 33.09 2.11
CA ALA B 265 1.41 34.18 2.92
C ALA B 265 0.36 35.07 3.61
N SER B 266 -0.84 35.16 3.04
CA SER B 266 -1.92 36.05 3.51
C SER B 266 -2.70 35.45 4.68
N ASP B 267 -3.21 36.30 5.57
CA ASP B 267 -4.07 35.82 6.66
C ASP B 267 -5.32 35.07 6.15
N GLU B 268 -5.61 35.17 4.85
CA GLU B 268 -6.65 34.43 4.21
C GLU B 268 -6.50 32.91 4.39
N SER B 269 -5.25 32.44 4.51
CA SER B 269 -4.97 31.02 4.71
C SER B 269 -4.58 30.67 6.15
N ARG B 270 -5.06 31.44 7.13
CA ARG B 270 -4.65 31.26 8.55
C ARG B 270 -4.76 29.85 9.10
N TYR B 271 -5.67 29.05 8.52
CA TYR B 271 -5.89 27.69 8.99
C TYR B 271 -5.48 26.62 7.99
N VAL B 272 -4.71 27.01 6.99
CA VAL B 272 -4.18 26.06 6.02
C VAL B 272 -2.78 25.68 6.42
N THR B 273 -2.59 24.40 6.74
CA THR B 273 -1.31 23.92 7.18
C THR B 273 -1.20 22.44 6.87
N GLY B 274 0.01 21.99 6.54
CA GLY B 274 0.26 20.61 6.15
C GLY B 274 -0.20 20.33 4.72
N LEU B 275 -0.46 21.39 3.92
CA LEU B 275 -1.02 21.17 2.57
C LEU B 275 0.07 20.95 1.52
N GLN B 276 -0.10 19.91 0.72
CA GLN B 276 0.75 19.70 -0.44
C GLN B 276 0.09 20.37 -1.67
N PHE B 277 0.45 21.65 -1.88
CA PHE B 277 -0.23 22.55 -2.79
C PHE B 277 0.36 22.40 -4.23
N LYS B 278 -0.22 21.51 -4.99
CA LYS B 278 0.18 21.29 -6.37
C LYS B 278 -0.28 22.47 -7.21
N VAL B 279 0.65 23.06 -7.96
CA VAL B 279 0.30 23.97 -9.07
C VAL B 279 0.87 23.30 -10.28
N ASP B 280 0.17 22.27 -10.77
CA ASP B 280 0.84 21.33 -11.68
C ASP B 280 0.16 21.15 -13.04
N ALA B 281 -0.93 21.91 -13.29
CA ALA B 281 -1.70 21.80 -14.55
C ALA B 281 -2.11 20.33 -14.72
N GLY B 282 -2.34 19.66 -13.58
CA GLY B 282 -2.78 18.25 -13.61
C GLY B 282 -1.68 17.18 -13.85
N ALA B 283 -0.40 17.56 -13.69
CA ALA B 283 0.71 16.59 -13.88
C ALA B 283 0.54 15.31 -13.08
N MET B 284 0.19 15.45 -11.79
CA MET B 284 0.05 14.33 -10.89
C MET B 284 -1.15 13.43 -11.25
N LEU B 285 -2.07 13.90 -12.09
CA LEU B 285 -3.21 13.08 -12.52
C LEU B 285 -2.78 11.99 -13.50
N LYS B 286 -1.56 12.10 -14.01
CA LYS B 286 -0.97 11.02 -14.81
C LYS B 286 -0.23 10.01 -13.91
N PHE B 287 -0.40 10.19 -12.59
CA PHE B 287 0.00 9.25 -11.50
C PHE B 287 1.51 9.09 -11.35
N SER C 4 46.33 -14.72 9.67
CA SER C 4 46.12 -13.83 10.87
C SER C 4 45.87 -12.35 10.57
N MET C 5 45.39 -12.03 9.36
CA MET C 5 45.10 -10.61 9.02
C MET C 5 43.86 -10.18 9.81
N GLY C 6 43.78 -8.91 10.21
CA GLY C 6 42.52 -8.39 10.78
C GLY C 6 41.44 -8.29 9.70
N ARG C 7 40.18 -8.19 10.13
CA ARG C 7 39.04 -8.12 9.22
C ARG C 7 38.93 -6.79 8.46
N VAL C 8 39.51 -5.74 9.04
CA VAL C 8 39.68 -4.46 8.36
C VAL C 8 41.17 -4.05 8.28
N GLN C 9 42.04 -5.05 8.10
CA GLN C 9 43.49 -4.84 8.04
C GLN C 9 43.91 -3.58 7.27
N ASP C 10 44.50 -2.63 7.98
CA ASP C 10 45.11 -1.41 7.41
C ASP C 10 44.18 -0.42 6.73
N LYS C 11 42.86 -0.53 7.03
CA LYS C 11 41.87 0.43 6.57
CA LYS C 11 41.90 0.44 6.55
C LYS C 11 41.91 1.67 7.45
N VAL C 12 41.39 2.77 6.93
CA VAL C 12 41.23 3.96 7.74
C VAL C 12 39.72 4.20 7.88
N VAL C 13 39.26 4.32 9.12
CA VAL C 13 37.83 4.51 9.46
C VAL C 13 37.58 5.80 10.17
N LEU C 14 36.54 6.52 9.75
CA LEU C 14 36.02 7.67 10.52
C LEU C 14 34.80 7.23 11.35
N VAL C 15 34.78 7.52 12.65
CA VAL C 15 33.63 7.21 13.51
C VAL C 15 33.21 8.52 14.19
N THR C 16 32.00 8.99 13.89
CA THR C 16 31.48 10.16 14.57
C THR C 16 30.83 9.67 15.83
N GLY C 17 30.78 10.50 16.85
CA GLY C 17 30.32 10.09 18.18
C GLY C 17 31.25 9.01 18.76
N GLY C 18 32.54 9.10 18.48
CA GLY C 18 33.46 8.04 18.86
C GLY C 18 33.90 8.03 20.32
N ALA C 19 33.45 9.01 21.12
CA ALA C 19 33.99 9.18 22.51
C ALA C 19 33.49 8.19 23.55
N ARG C 20 32.30 7.63 23.33
CA ARG C 20 31.72 6.68 24.28
C ARG C 20 30.70 5.82 23.56
N GLY C 21 30.09 4.89 24.30
CA GLY C 21 28.97 4.08 23.77
C GLY C 21 29.28 3.31 22.50
N GLN C 22 28.32 3.26 21.59
CA GLN C 22 28.50 2.46 20.34
C GLN C 22 29.71 2.94 19.54
N GLY C 23 29.86 4.25 19.42
CA GLY C 23 30.96 4.78 18.64
C GLY C 23 32.33 4.39 19.15
N ARG C 24 32.53 4.46 20.49
CA ARG C 24 33.78 4.01 21.07
C ARG C 24 33.96 2.50 20.87
N SER C 25 32.89 1.76 21.09
CA SER C 25 32.93 0.30 20.87
C SER C 25 33.32 -0.02 19.40
N HIS C 26 32.76 0.74 18.46
CA HIS C 26 33.09 0.53 17.03
C HIS C 26 34.57 0.85 16.78
N ALA C 27 35.04 1.98 17.31
CA ALA C 27 36.46 2.31 17.15
C ALA C 27 37.38 1.20 17.61
N VAL C 28 37.13 0.70 18.83
CA VAL C 28 38.04 -0.27 19.43
C VAL C 28 37.96 -1.60 18.66
N LYS C 29 36.75 -1.99 18.30
CA LYS C 29 36.53 -3.23 17.55
C LYS C 29 37.29 -3.19 16.21
N LEU C 30 37.23 -2.05 15.51
CA LEU C 30 37.81 -1.96 14.17
C LEU C 30 39.33 -1.84 14.29
N ALA C 31 39.79 -1.22 15.38
CA ALA C 31 41.22 -1.14 15.68
C ALA C 31 41.72 -2.53 15.99
N GLU C 32 40.96 -3.31 16.73
CA GLU C 32 41.38 -4.69 16.99
C GLU C 32 41.49 -5.47 15.71
N GLU C 33 40.71 -5.07 14.70
CA GLU C 33 40.67 -5.82 13.44
C GLU C 33 41.59 -5.22 12.37
N GLY C 34 42.44 -4.30 12.83
CA GLY C 34 43.61 -3.82 12.09
C GLY C 34 43.48 -2.46 11.42
N ALA C 35 42.46 -1.67 11.80
CA ALA C 35 42.20 -0.32 11.21
C ALA C 35 42.69 0.84 12.08
N ASP C 36 43.22 1.88 11.45
CA ASP C 36 43.45 3.19 12.09
C ASP C 36 42.13 3.98 12.15
N ILE C 37 41.91 4.67 13.27
CA ILE C 37 40.59 5.27 13.52
C ILE C 37 40.65 6.78 13.73
N ILE C 38 39.73 7.50 13.09
CA ILE C 38 39.54 8.94 13.27
C ILE C 38 38.26 9.10 14.09
N LEU C 39 38.38 9.65 15.31
CA LEU C 39 37.23 9.75 16.19
C LEU C 39 36.84 11.20 16.31
N PHE C 40 35.59 11.52 15.96
CA PHE C 40 35.01 12.89 16.15
C PHE C 40 33.90 12.77 17.20
N ASP C 41 33.86 13.72 18.12
CA ASP C 41 32.77 13.84 19.10
C ASP C 41 32.64 15.30 19.53
N ILE C 42 31.43 15.72 19.86
CA ILE C 42 31.13 17.11 20.24
C ILE C 42 31.74 17.46 21.61
N CYS C 43 31.77 16.48 22.52
CA CYS C 43 32.39 16.66 23.87
C CYS C 43 31.80 17.81 24.72
N HIS C 44 30.56 18.19 24.45
CA HIS C 44 29.80 19.08 25.33
C HIS C 44 28.29 18.78 25.18
N ASP C 45 27.45 19.28 26.08
CA ASP C 45 26.04 18.93 26.11
C ASP C 45 25.22 19.75 25.09
N ILE C 46 23.98 19.32 24.88
CA ILE C 46 23.05 20.09 24.06
C ILE C 46 21.84 20.31 24.94
N GLU C 47 21.41 21.58 25.03
CA GLU C 47 20.44 22.03 26.04
C GLU C 47 19.11 21.29 26.06
N THR C 48 18.52 21.10 24.87
CA THR C 48 17.26 20.36 24.74
C THR C 48 17.41 18.87 25.08
N ASN C 49 18.66 18.38 25.05
CA ASN C 49 18.94 16.99 25.30
C ASN C 49 19.31 16.78 26.78
N GLU C 50 18.32 16.34 27.57
CA GLU C 50 18.40 16.38 29.03
C GLU C 50 19.06 15.16 29.68
N TYR C 51 20.24 14.81 29.17
CA TYR C 51 21.16 13.86 29.80
C TYR C 51 22.56 14.25 29.31
N PRO C 52 23.62 13.98 30.09
CA PRO C 52 24.94 14.38 29.62
C PRO C 52 25.43 13.71 28.31
N LEU C 53 26.08 14.50 27.46
CA LEU C 53 26.87 13.93 26.34
C LEU C 53 28.32 13.62 26.76
N ALA C 54 29.12 13.14 25.80
CA ALA C 54 30.51 12.79 26.08
C ALA C 54 31.32 14.01 26.51
N THR C 55 32.35 13.75 27.29
CA THR C 55 33.27 14.80 27.71
C THR C 55 34.60 14.69 26.95
N SER C 56 35.47 15.68 27.15
CA SER C 56 36.75 15.67 26.52
C SER C 56 37.59 14.48 26.97
N ARG C 57 37.47 14.12 28.27
CA ARG C 57 38.21 12.98 28.83
C ARG C 57 37.74 11.68 28.17
N ASP C 58 36.45 11.59 27.88
CA ASP C 58 35.92 10.45 27.12
C ASP C 58 36.65 10.26 25.80
N LEU C 59 36.77 11.33 25.03
CA LEU C 59 37.37 11.25 23.70
C LEU C 59 38.86 10.88 23.79
N GLU C 60 39.57 11.49 24.75
CA GLU C 60 40.97 11.16 24.97
C GLU C 60 41.13 9.67 25.32
N GLU C 61 40.25 9.18 26.20
CA GLU C 61 40.30 7.78 26.62
C GLU C 61 39.93 6.82 25.49
N ALA C 62 39.01 7.25 24.62
CA ALA C 62 38.69 6.49 23.40
C ALA C 62 39.91 6.33 22.52
N GLY C 63 40.58 7.46 22.25
CA GLY C 63 41.79 7.47 21.45
C GLY C 63 42.89 6.58 22.01
N LEU C 64 43.14 6.69 23.32
CA LEU C 64 44.10 5.81 24.01
C LEU C 64 43.72 4.33 23.93
N GLU C 65 42.43 4.01 24.09
CA GLU C 65 42.02 2.62 23.94
C GLU C 65 42.33 2.05 22.53
N VAL C 66 42.12 2.87 21.50
CA VAL C 66 42.50 2.49 20.14
C VAL C 66 44.01 2.32 20.00
N GLU C 67 44.78 3.29 20.53
CA GLU C 67 46.23 3.21 20.45
C GLU C 67 46.80 1.94 21.11
N LYS C 68 46.11 1.45 22.15
CA LYS C 68 46.50 0.25 22.91
C LYS C 68 46.54 -1.00 22.03
N THR C 69 45.68 -1.06 21.00
CA THR C 69 45.68 -2.17 20.05
C THR C 69 46.91 -2.14 19.15
N GLY C 70 47.68 -1.06 19.17
CA GLY C 70 48.82 -0.89 18.25
C GLY C 70 48.48 -0.13 16.96
N ARG C 71 47.24 0.29 16.81
CA ARG C 71 46.85 1.14 15.67
C ARG C 71 46.93 2.63 16.06
N LYS C 72 46.79 3.51 15.07
CA LYS C 72 46.76 4.96 15.33
C LYS C 72 45.31 5.47 15.52
N ALA C 73 45.18 6.50 16.37
CA ALA C 73 43.94 7.22 16.60
C ALA C 73 44.14 8.72 16.31
N TYR C 74 43.24 9.31 15.54
CA TYR C 74 43.19 10.77 15.40
C TYR C 74 41.90 11.16 16.10
N THR C 75 42.00 11.97 17.15
CA THR C 75 40.79 12.42 17.88
C THR C 75 40.59 13.94 17.66
N ALA C 76 39.33 14.37 17.61
CA ALA C 76 39.05 15.81 17.53
C ALA C 76 37.63 16.09 18.02
N GLU C 77 37.48 17.23 18.69
CA GLU C 77 36.16 17.70 19.11
C GLU C 77 35.53 18.40 17.92
N VAL C 78 34.49 17.78 17.36
CA VAL C 78 33.81 18.27 16.16
C VAL C 78 32.33 18.07 16.41
N ASP C 79 31.55 19.10 16.16
CA ASP C 79 30.09 18.99 16.14
C ASP C 79 29.66 18.66 14.70
N VAL C 80 29.09 17.47 14.47
CA VAL C 80 28.62 17.06 13.13
C VAL C 80 27.58 18.00 12.51
N ARG C 81 26.94 18.84 13.33
CA ARG C 81 26.05 19.86 12.77
C ARG C 81 26.85 20.93 12.02
N ASP C 82 28.17 20.94 12.18
CA ASP C 82 28.98 21.95 11.49
C ASP C 82 29.75 21.39 10.31
N ARG C 83 29.13 21.47 9.12
CA ARG C 83 29.69 20.93 7.88
CA ARG C 83 29.71 20.86 7.93
C ARG C 83 31.14 21.35 7.67
N ALA C 84 31.39 22.67 7.74
CA ALA C 84 32.72 23.21 7.52
C ALA C 84 33.73 22.64 8.51
N ALA C 85 33.36 22.55 9.79
CA ALA C 85 34.30 22.04 10.80
C ALA C 85 34.55 20.53 10.58
N VAL C 86 33.50 19.80 10.19
CA VAL C 86 33.67 18.37 9.84
C VAL C 86 34.65 18.23 8.69
N SER C 87 34.52 19.04 7.64
CA SER C 87 35.34 18.88 6.41
C SER C 87 36.80 19.22 6.68
N ARG C 88 36.99 20.33 7.39
CA ARG C 88 38.28 20.78 7.87
C ARG C 88 39.02 19.71 8.67
N GLU C 89 38.44 19.21 9.77
CA GLU C 89 39.13 18.20 10.58
C GLU C 89 39.42 16.95 9.77
N LEU C 90 38.46 16.56 8.93
CA LEU C 90 38.59 15.32 8.15
C LEU C 90 39.75 15.40 7.13
N ALA C 91 39.86 16.55 6.45
CA ALA C 91 40.99 16.85 5.57
C ALA C 91 42.29 16.65 6.31
N ASN C 92 42.36 17.17 7.52
CA ASN C 92 43.57 17.08 8.35
C ASN C 92 43.90 15.62 8.66
N ALA C 93 42.88 14.88 9.09
CA ALA C 93 43.03 13.43 9.42
C ALA C 93 43.35 12.56 8.22
N VAL C 94 42.68 12.79 7.09
CA VAL C 94 42.97 12.01 5.88
C VAL C 94 44.41 12.29 5.41
N ALA C 95 44.83 13.56 5.46
CA ALA C 95 46.21 13.89 5.16
C ALA C 95 47.17 13.10 6.02
N GLU C 96 46.90 13.03 7.32
CA GLU C 96 47.76 12.28 8.24
C GLU C 96 47.74 10.77 7.99
N PHE C 97 46.56 10.20 7.76
CA PHE C 97 46.50 8.73 7.68
C PHE C 97 46.66 8.16 6.27
N GLY C 98 46.52 9.00 5.24
CA GLY C 98 46.81 8.61 3.86
C GLY C 98 45.59 8.39 2.95
N LYS C 99 44.47 7.98 3.54
CA LYS C 99 43.29 7.50 2.82
C LYS C 99 42.08 7.48 3.76
N LEU C 100 40.93 7.15 3.23
CA LEU C 100 39.72 6.93 4.04
C LEU C 100 38.90 5.80 3.41
N ASP C 101 38.71 4.72 4.17
CA ASP C 101 38.01 3.55 3.60
C ASP C 101 36.58 3.36 4.11
N VAL C 102 36.32 3.77 5.35
CA VAL C 102 35.06 3.46 6.02
C VAL C 102 34.53 4.67 6.77
N VAL C 103 33.22 4.88 6.72
CA VAL C 103 32.52 5.96 7.41
C VAL C 103 31.42 5.38 8.29
N VAL C 104 31.48 5.68 9.59
CA VAL C 104 30.52 5.19 10.55
C VAL C 104 29.82 6.39 11.14
N ALA C 105 28.69 6.74 10.57
CA ALA C 105 27.98 7.95 10.93
C ALA C 105 27.10 7.64 12.16
N ASN C 106 27.72 7.65 13.35
CA ASN C 106 27.09 7.13 14.56
C ASN C 106 26.56 8.22 15.53
N ALA C 107 27.10 9.45 15.45
CA ALA C 107 26.79 10.42 16.47
C ALA C 107 25.28 10.68 16.52
N GLY C 108 24.74 10.85 17.72
CA GLY C 108 23.32 11.05 17.83
C GLY C 108 22.92 11.54 19.18
N ILE C 109 21.74 12.17 19.25
CA ILE C 109 21.13 12.56 20.53
C ILE C 109 19.71 12.09 20.49
N CYS C 110 19.08 12.02 21.66
CA CYS C 110 17.69 11.60 21.77
C CYS C 110 16.98 12.53 22.76
N PRO C 111 16.60 13.76 22.31
CA PRO C 111 16.14 14.81 23.27
C PRO C 111 14.68 14.71 23.65
N LEU C 112 14.31 13.57 24.25
CA LEU C 112 12.91 13.26 24.63
C LEU C 112 12.36 14.12 25.77
N GLY C 113 11.04 14.34 25.76
CA GLY C 113 10.34 15.07 26.83
C GLY C 113 9.15 15.86 26.29
N ALA C 114 7.97 15.63 26.86
CA ALA C 114 6.75 16.29 26.40
C ALA C 114 6.79 17.81 26.65
N HIS C 115 7.58 18.20 27.63
CA HIS C 115 7.64 19.59 28.09
C HIS C 115 8.56 20.46 27.23
N LEU C 116 9.39 19.84 26.39
CA LEU C 116 10.37 20.58 25.62
C LEU C 116 9.77 21.35 24.45
N PRO C 117 10.37 22.51 24.13
CA PRO C 117 9.90 23.31 23.00
C PRO C 117 10.30 22.73 21.63
N VAL C 118 9.85 23.36 20.56
CA VAL C 118 10.10 22.87 19.19
C VAL C 118 11.59 22.76 18.87
N GLN C 119 12.41 23.63 19.48
CA GLN C 119 13.87 23.52 19.35
C GLN C 119 14.38 22.07 19.53
N ALA C 120 13.75 21.32 20.42
CA ALA C 120 14.08 19.89 20.60
C ALA C 120 13.89 19.10 19.30
N PHE C 121 12.79 19.36 18.57
CA PHE C 121 12.63 18.77 17.23
C PHE C 121 13.81 19.11 16.31
N ALA C 122 14.12 20.40 16.21
CA ALA C 122 15.16 20.91 15.32
C ALA C 122 16.54 20.39 15.71
N ASP C 123 16.81 20.27 17.01
CA ASP C 123 18.08 19.76 17.47
C ASP C 123 18.24 18.25 17.15
N ALA C 124 17.20 17.47 17.40
CA ALA C 124 17.31 16.03 17.11
C ALA C 124 17.51 15.85 15.60
N PHE C 125 16.80 16.68 14.83
CA PHE C 125 16.86 16.57 13.38
C PHE C 125 18.24 17.01 12.86
N ASP C 126 18.73 18.17 13.33
CA ASP C 126 20.03 18.68 12.95
C ASP C 126 21.16 17.71 13.22
N VAL C 127 21.19 17.13 14.41
CA VAL C 127 22.26 16.18 14.75
C VAL C 127 22.05 14.84 14.05
N ASP C 128 20.83 14.32 14.12
CA ASP C 128 20.62 12.90 13.82
C ASP C 128 20.43 12.69 12.30
N PHE C 129 20.01 13.72 11.57
CA PHE C 129 19.93 13.57 10.12
C PHE C 129 20.92 14.46 9.44
N VAL C 130 20.83 15.75 9.71
CA VAL C 130 21.70 16.69 9.02
C VAL C 130 23.17 16.38 9.33
N GLY C 131 23.48 16.08 10.59
CA GLY C 131 24.83 15.62 10.99
C GLY C 131 25.33 14.40 10.24
N VAL C 132 24.44 13.43 10.00
CA VAL C 132 24.77 12.27 9.14
C VAL C 132 25.11 12.66 7.68
N ILE C 133 24.26 13.51 7.08
CA ILE C 133 24.49 14.07 5.75
C ILE C 133 25.86 14.79 5.75
N ASN C 134 26.10 15.61 6.76
CA ASN C 134 27.33 16.41 6.79
C ASN C 134 28.53 15.48 6.89
N THR C 135 28.37 14.36 7.61
CA THR C 135 29.45 13.38 7.80
C THR C 135 29.70 12.68 6.49
N VAL C 136 28.64 12.17 5.89
CA VAL C 136 28.74 11.47 4.62
C VAL C 136 29.26 12.37 3.52
N HIS C 137 28.66 13.54 3.39
CA HIS C 137 29.13 14.43 2.31
C HIS C 137 30.56 14.92 2.45
N ALA C 138 31.00 15.21 3.67
CA ALA C 138 32.40 15.56 3.90
C ALA C 138 33.35 14.43 3.51
N ALA C 139 32.92 13.18 3.69
CA ALA C 139 33.74 11.99 3.38
C ALA C 139 33.79 11.65 1.89
N LEU C 140 32.71 11.91 1.17
CA LEU C 140 32.60 11.48 -0.22
C LEU C 140 33.81 11.74 -1.12
N PRO C 141 34.39 12.96 -1.10
CA PRO C 141 35.50 13.18 -2.05
C PRO C 141 36.70 12.26 -1.87
N TYR C 142 36.91 11.73 -0.67
CA TYR C 142 38.01 10.79 -0.39
C TYR C 142 37.75 9.31 -0.75
N LEU C 143 36.48 8.91 -0.91
CA LEU C 143 36.13 7.49 -1.00
C LEU C 143 36.36 6.95 -2.40
N THR C 144 36.86 5.71 -2.48
CA THR C 144 37.08 5.12 -3.79
C THR C 144 36.49 3.73 -3.76
N SER C 145 36.53 3.08 -4.90
CA SER C 145 35.99 1.72 -5.08
CA SER C 145 35.95 1.73 -5.06
C SER C 145 36.29 0.79 -3.90
N GLY C 146 35.25 0.20 -3.28
CA GLY C 146 35.39 -0.72 -2.14
C GLY C 146 35.19 -0.06 -0.77
N ALA C 147 35.03 1.26 -0.76
CA ALA C 147 34.68 2.00 0.46
C ALA C 147 33.29 1.61 1.02
N SER C 148 33.11 1.78 2.32
CA SER C 148 31.89 1.36 2.99
C SER C 148 31.34 2.45 3.88
N ILE C 149 30.09 2.84 3.63
CA ILE C 149 29.45 3.84 4.45
C ILE C 149 28.41 3.17 5.33
N ILE C 150 28.51 3.41 6.64
CA ILE C 150 27.66 2.75 7.59
C ILE C 150 26.97 3.81 8.44
N THR C 151 25.66 3.87 8.33
CA THR C 151 24.86 4.86 9.11
C THR C 151 24.09 4.18 10.22
N THR C 152 23.90 4.91 11.33
CA THR C 152 23.12 4.35 12.45
C THR C 152 21.70 4.85 12.44
N GLY C 153 20.77 3.91 12.27
CA GLY C 153 19.35 4.18 12.29
C GLY C 153 18.78 3.93 13.68
N SER C 154 17.63 3.29 13.72
CA SER C 154 16.95 2.99 14.97
C SER C 154 15.62 2.32 14.64
N VAL C 155 15.42 1.14 15.20
CA VAL C 155 14.19 0.41 15.02
C VAL C 155 12.97 1.22 15.55
N ALA C 156 13.08 1.76 16.77
CA ALA C 156 12.03 2.57 17.39
C ALA C 156 11.64 3.69 16.43
N GLY C 157 12.66 4.24 15.74
CA GLY C 157 12.48 5.12 14.58
C GLY C 157 11.55 4.56 13.53
N LEU C 158 11.94 3.45 12.90
CA LEU C 158 11.13 2.76 11.87
C LEU C 158 9.71 2.34 12.33
N ILE C 159 9.51 2.22 13.63
CA ILE C 159 8.19 1.84 14.17
C ILE C 159 7.18 2.99 14.08
N ALA C 160 7.67 4.22 14.23
CA ALA C 160 6.86 5.41 13.94
C ALA C 160 6.96 5.78 12.45
N PRO C 170 3.87 12.81 24.05
CA PRO C 170 4.52 12.12 25.19
C PRO C 170 6.04 11.90 25.00
N GLN C 171 6.46 11.54 23.79
CA GLN C 171 7.89 11.63 23.39
C GLN C 171 8.34 13.11 23.16
N GLY C 172 7.34 13.98 22.91
CA GLY C 172 7.54 15.42 22.69
C GLY C 172 8.16 15.74 21.32
N PRO C 173 8.52 17.02 21.10
CA PRO C 173 9.07 17.43 19.83
C PRO C 173 10.40 16.74 19.55
N GLY C 174 11.21 16.51 20.58
CA GLY C 174 12.52 15.86 20.39
C GLY C 174 12.39 14.40 19.95
N GLY C 175 11.35 13.73 20.44
CA GLY C 175 11.10 12.33 20.08
C GLY C 175 10.55 12.24 18.67
N ALA C 176 9.70 13.20 18.28
CA ALA C 176 9.19 13.22 16.91
C ALA C 176 10.34 13.50 15.96
N GLY C 177 11.20 14.42 16.36
CA GLY C 177 12.38 14.76 15.56
C GLY C 177 13.34 13.58 15.44
N TYR C 178 13.55 12.89 16.56
CA TYR C 178 14.37 11.69 16.56
C TYR C 178 13.85 10.63 15.58
N SER C 179 12.55 10.34 15.68
CA SER C 179 11.96 9.28 14.88
C SER C 179 12.04 9.62 13.41
N TYR C 180 11.76 10.89 13.10
CA TYR C 180 11.73 11.30 11.69
C TYR C 180 13.12 11.31 11.07
N ALA C 181 14.10 11.82 11.82
CA ALA C 181 15.53 11.81 11.43
C ALA C 181 15.98 10.37 11.12
N LYS C 182 15.66 9.44 12.02
CA LYS C 182 16.03 8.04 11.83
C LYS C 182 15.36 7.40 10.61
N GLN C 183 14.08 7.72 10.35
CA GLN C 183 13.43 7.30 9.10
C GLN C 183 14.16 7.80 7.88
N LEU C 184 14.57 9.06 7.90
CA LEU C 184 15.24 9.62 6.75
C LEU C 184 16.65 9.07 6.64
N VAL C 185 17.32 8.80 7.76
CA VAL C 185 18.65 8.16 7.68
C VAL C 185 18.54 6.84 6.87
N ASP C 186 17.47 6.11 7.12
CA ASP C 186 17.20 4.90 6.39
C ASP C 186 16.95 5.17 4.88
N SER C 187 15.97 6.01 4.51
CA SER C 187 15.72 6.24 3.06
C SER C 187 16.96 6.88 2.39
N TYR C 188 17.64 7.79 3.10
CA TYR C 188 18.80 8.47 2.54
C TYR C 188 19.92 7.45 2.25
N THR C 189 20.20 6.59 3.21
CA THR C 189 21.26 5.60 3.00
C THR C 189 21.01 4.76 1.74
N LEU C 190 19.75 4.36 1.53
CA LEU C 190 19.40 3.54 0.39
C LEU C 190 19.49 4.33 -0.91
N GLN C 191 19.09 5.62 -0.85
CA GLN C 191 19.24 6.47 -2.00
C GLN C 191 20.72 6.63 -2.38
N LEU C 192 21.56 6.83 -1.36
CA LEU C 192 23.00 6.95 -1.58
C LEU C 192 23.62 5.65 -2.09
N ALA C 193 23.15 4.52 -1.56
CA ALA C 193 23.63 3.23 -2.02
C ALA C 193 23.37 3.05 -3.54
N ALA C 194 22.21 3.49 -4.03
CA ALA C 194 21.92 3.39 -5.48
C ALA C 194 22.86 4.26 -6.32
N GLN C 195 23.15 5.47 -5.84
CA GLN C 195 24.04 6.38 -6.58
C GLN C 195 25.51 5.92 -6.54
N LEU C 196 25.92 5.32 -5.43
CA LEU C 196 27.30 4.84 -5.28
C LEU C 196 27.59 3.45 -5.82
N ALA C 197 26.55 2.65 -6.10
CA ALA C 197 26.78 1.29 -6.57
C ALA C 197 27.63 1.20 -7.84
N PRO C 198 27.42 2.11 -8.82
CA PRO C 198 28.22 1.90 -10.04
C PRO C 198 29.75 2.09 -9.79
N GLN C 199 30.11 2.79 -8.72
CA GLN C 199 31.51 2.99 -8.34
C GLN C 199 31.99 1.94 -7.34
N SER C 200 31.11 0.98 -7.02
CA SER C 200 31.43 -0.14 -6.10
C SER C 200 31.69 0.35 -4.67
N ILE C 201 31.00 1.40 -4.26
CA ILE C 201 31.06 1.91 -2.89
C ILE C 201 29.70 1.57 -2.30
N ARG C 202 29.70 1.03 -1.07
CA ARG C 202 28.47 0.53 -0.49
C ARG C 202 28.03 1.42 0.64
N ALA C 203 26.72 1.41 0.90
CA ALA C 203 26.15 2.17 2.00
C ALA C 203 25.02 1.35 2.57
N ASN C 204 25.03 1.17 3.90
CA ASN C 204 24.04 0.34 4.58
C ASN C 204 23.70 0.97 5.90
N VAL C 205 22.51 0.69 6.40
CA VAL C 205 22.09 1.28 7.63
C VAL C 205 21.87 0.17 8.63
N ILE C 206 22.43 0.37 9.83
CA ILE C 206 22.15 -0.47 11.00
C ILE C 206 21.03 0.11 11.87
N HIS C 207 20.03 -0.73 12.16
CA HIS C 207 18.87 -0.31 13.01
C HIS C 207 18.88 -1.12 14.32
N PRO C 208 19.48 -0.55 15.38
CA PRO C 208 19.49 -1.21 16.69
C PRO C 208 18.12 -1.09 17.35
N THR C 209 17.73 -2.10 18.12
CA THR C 209 16.73 -1.94 19.14
C THR C 209 17.46 -1.27 20.33
N ASN C 210 16.81 -1.16 21.49
CA ASN C 210 17.49 -0.74 22.73
C ASN C 210 18.97 -1.18 22.83
N VAL C 211 19.89 -0.24 23.07
CA VAL C 211 21.31 -0.56 23.27
C VAL C 211 21.75 -0.06 24.67
N ASN C 212 22.45 -0.90 25.43
CA ASN C 212 22.88 -0.53 26.79
C ASN C 212 23.96 0.56 26.82
N THR C 213 23.56 1.82 26.69
CA THR C 213 24.50 2.94 26.65
C THR C 213 23.89 4.08 27.39
N ASP C 214 24.63 5.19 27.48
CA ASP C 214 24.13 6.37 28.21
C ASP C 214 22.87 6.97 27.64
N MET C 215 22.59 6.71 26.35
CA MET C 215 21.35 7.21 25.74
C MET C 215 20.11 6.50 26.30
N LEU C 216 20.17 5.16 26.35
CA LEU C 216 19.10 4.36 26.96
C LEU C 216 19.04 4.56 28.48
N ASN C 217 20.21 4.58 29.10
CA ASN C 217 20.34 4.71 30.55
C ASN C 217 20.34 6.17 30.95
N SER C 218 19.22 6.83 30.67
CA SER C 218 19.10 8.25 30.90
C SER C 218 17.69 8.57 31.40
N ALA C 219 17.58 9.61 32.24
CA ALA C 219 16.32 10.00 32.86
C ALA C 219 15.18 10.24 31.87
N PRO C 220 15.46 10.93 30.74
CA PRO C 220 14.38 11.12 29.75
C PRO C 220 13.93 9.79 29.14
N MET C 221 14.85 8.86 28.93
CA MET C 221 14.48 7.54 28.41
C MET C 221 13.62 6.76 29.42
N TYR C 222 13.95 6.85 30.72
CA TYR C 222 13.16 6.17 31.76
C TYR C 222 11.74 6.73 31.81
N ARG C 223 11.59 8.06 31.72
CA ARG C 223 10.24 8.66 31.63
C ARG C 223 9.47 8.15 30.43
N GLN C 224 10.17 8.00 29.30
CA GLN C 224 9.57 7.49 28.07
C GLN C 224 9.10 6.03 28.22
N PHE C 225 9.93 5.18 28.82
CA PHE C 225 9.54 3.78 29.06
C PHE C 225 8.55 3.56 30.20
N ARG C 226 8.50 4.50 31.12
CA ARG C 226 7.51 4.49 32.20
C ARG C 226 6.67 5.77 32.18
N PRO C 227 5.70 5.86 31.25
CA PRO C 227 4.83 7.03 31.23
C PRO C 227 3.80 7.01 32.36
N ASP C 228 3.84 5.99 33.21
CA ASP C 228 2.88 5.81 34.30
C ASP C 228 3.42 6.33 35.64
N LEU C 229 4.74 6.52 35.74
CA LEU C 229 5.37 7.18 36.89
C LEU C 229 5.92 8.58 36.50
N GLU C 230 6.09 9.47 37.47
CA GLU C 230 6.56 10.86 37.22
C GLU C 230 8.08 11.00 37.30
N ALA C 231 8.70 10.30 38.24
CA ALA C 231 10.15 10.26 38.36
C ALA C 231 10.69 8.82 38.47
N PRO C 232 10.62 8.03 37.37
CA PRO C 232 11.03 6.62 37.46
C PRO C 232 12.54 6.46 37.51
N SER C 233 13.00 5.48 38.28
CA SER C 233 14.40 5.19 38.37
C SER C 233 14.74 4.22 37.24
N ARG C 234 16.02 3.86 37.13
CA ARG C 234 16.44 2.87 36.16
C ARG C 234 15.77 1.53 36.43
N ALA C 235 15.69 1.16 37.72
CA ALA C 235 15.00 -0.06 38.17
C ALA C 235 13.54 -0.16 37.66
N ASP C 236 12.83 0.97 37.65
CA ASP C 236 11.47 1.05 37.10
C ASP C 236 11.46 0.84 35.58
N ALA C 237 12.36 1.56 34.90
CA ALA C 237 12.44 1.45 33.44
C ALA C 237 12.88 0.05 33.01
N LEU C 238 13.81 -0.54 33.76
CA LEU C 238 14.41 -1.85 33.42
C LEU C 238 13.34 -2.93 33.34
N LEU C 239 12.24 -2.74 34.07
CA LEU C 239 11.07 -3.61 34.00
C LEU C 239 10.33 -3.51 32.67
N ALA C 240 10.35 -2.32 32.07
CA ALA C 240 9.66 -2.05 30.79
C ALA C 240 10.55 -2.26 29.53
N PHE C 241 11.86 -2.15 29.68
CA PHE C 241 12.79 -2.35 28.55
C PHE C 241 12.52 -3.63 27.72
N PRO C 242 12.31 -4.81 28.38
CA PRO C 242 12.12 -6.04 27.61
C PRO C 242 10.96 -6.06 26.60
N ALA C 243 9.93 -5.24 26.83
CA ALA C 243 8.75 -5.21 25.93
C ALA C 243 9.13 -4.91 24.47
N MET C 244 10.21 -4.15 24.30
CA MET C 244 10.70 -3.78 22.97
C MET C 244 11.18 -4.96 22.13
N GLN C 245 11.83 -5.93 22.76
CA GLN C 245 12.43 -7.04 22.03
C GLN C 245 11.51 -8.25 22.03
N ALA C 246 11.59 -9.08 21.00
CA ALA C 246 10.90 -10.36 21.01
C ALA C 246 11.69 -11.41 21.79
N MET C 247 13.03 -11.40 21.66
CA MET C 247 13.85 -12.28 22.51
C MET C 247 13.87 -11.69 23.94
N PRO C 248 13.97 -12.56 24.96
CA PRO C 248 13.94 -12.14 26.38
C PRO C 248 15.24 -11.42 26.76
N THR C 249 15.26 -10.10 26.53
CA THR C 249 16.38 -9.25 26.91
C THR C 249 15.86 -7.81 27.01
N PRO C 250 16.42 -7.00 27.93
CA PRO C 250 16.03 -5.59 27.99
C PRO C 250 16.69 -4.68 26.93
N TYR C 251 17.76 -5.16 26.31
CA TYR C 251 18.52 -4.38 25.34
C TYR C 251 19.56 -5.29 24.80
N VAL C 252 20.15 -4.88 23.68
CA VAL C 252 21.37 -5.51 23.17
C VAL C 252 22.55 -4.69 23.67
N GLU C 253 23.78 -5.15 23.44
CA GLU C 253 24.97 -4.43 23.89
C GLU C 253 25.66 -3.68 22.74
N ALA C 254 26.47 -2.69 23.08
CA ALA C 254 27.26 -2.02 22.05
C ALA C 254 28.06 -3.02 21.19
N SER C 255 28.61 -4.09 21.80
CA SER C 255 29.36 -5.13 21.06
C SER C 255 28.52 -5.79 19.96
N ASP C 256 27.22 -5.91 20.19
CA ASP C 256 26.32 -6.48 19.17
C ASP C 256 26.23 -5.60 17.89
N ILE C 257 26.22 -4.28 18.09
CA ILE C 257 26.21 -3.35 16.97
C ILE C 257 27.60 -3.32 16.31
N SER C 258 28.63 -3.34 17.13
CA SER C 258 30.03 -3.37 16.61
C SER C 258 30.29 -4.57 15.73
N ASN C 259 29.65 -5.70 16.06
CA ASN C 259 29.79 -6.90 15.26
C ASN C 259 29.17 -6.71 13.88
N ALA C 260 28.06 -6.02 13.83
CA ALA C 260 27.45 -5.68 12.53
C ALA C 260 28.30 -4.66 11.76
N VAL C 261 28.85 -3.69 12.49
CA VAL C 261 29.70 -2.65 11.90
C VAL C 261 30.96 -3.31 11.28
N CYS C 262 31.56 -4.22 12.04
CA CYS C 262 32.77 -4.88 11.56
C CYS C 262 32.54 -5.66 10.28
N PHE C 263 31.40 -6.36 10.22
CA PHE C 263 31.01 -7.09 9.03
C PHE C 263 30.84 -6.18 7.81
N LEU C 264 30.07 -5.10 7.97
CA LEU C 264 29.89 -4.10 6.90
C LEU C 264 31.20 -3.36 6.50
N ALA C 265 32.05 -3.09 7.48
CA ALA C 265 33.33 -2.38 7.21
C ALA C 265 34.32 -3.28 6.48
N SER C 266 34.19 -4.60 6.67
CA SER C 266 35.15 -5.56 6.12
C SER C 266 34.81 -5.86 4.65
N ASP C 267 35.83 -6.23 3.89
CA ASP C 267 35.69 -6.70 2.50
C ASP C 267 34.86 -7.99 2.41
N GLU C 268 34.66 -8.64 3.56
CA GLU C 268 33.67 -9.76 3.70
C GLU C 268 32.33 -9.40 3.16
N SER C 269 32.05 -8.09 3.13
CA SER C 269 30.69 -7.63 2.81
C SER C 269 30.70 -6.83 1.51
N ARG C 270 31.66 -7.14 0.62
CA ARG C 270 31.90 -6.36 -0.63
C ARG C 270 30.68 -6.15 -1.56
N TYR C 271 29.70 -7.05 -1.51
CA TYR C 271 28.52 -6.93 -2.35
C TYR C 271 27.24 -6.70 -1.53
N VAL C 272 27.40 -6.30 -0.27
CA VAL C 272 26.27 -5.95 0.57
C VAL C 272 26.10 -4.44 0.52
N THR C 273 24.96 -3.99 -0.01
CA THR C 273 24.68 -2.56 -0.09
C THR C 273 23.17 -2.33 -0.19
N GLY C 274 22.75 -1.20 0.37
CA GLY C 274 21.33 -0.88 0.50
C GLY C 274 20.56 -1.73 1.51
N LEU C 275 21.28 -2.37 2.44
CA LEU C 275 20.67 -3.24 3.43
C LEU C 275 20.23 -2.50 4.68
N GLN C 276 19.01 -2.76 5.14
CA GLN C 276 18.50 -2.29 6.41
C GLN C 276 18.80 -3.36 7.44
N PHE C 277 19.96 -3.20 8.04
CA PHE C 277 20.56 -4.23 8.88
C PHE C 277 20.05 -4.10 10.31
N LYS C 278 18.92 -4.75 10.60
CA LYS C 278 18.35 -4.75 11.95
C LYS C 278 19.23 -5.59 12.90
N VAL C 279 19.59 -5.02 14.03
CA VAL C 279 20.19 -5.76 15.15
C VAL C 279 19.23 -5.48 16.29
N ASP C 280 18.12 -6.21 16.32
CA ASP C 280 16.97 -5.77 17.07
C ASP C 280 16.32 -6.81 18.01
N ALA C 281 16.92 -7.99 18.16
CA ALA C 281 16.34 -9.02 19.03
C ALA C 281 14.83 -9.25 18.74
N GLY C 282 14.47 -9.18 17.46
CA GLY C 282 13.10 -9.37 17.04
C GLY C 282 12.12 -8.23 17.24
N ALA C 283 12.60 -7.04 17.61
CA ALA C 283 11.67 -5.93 17.89
C ALA C 283 10.66 -5.73 16.76
N MET C 284 11.15 -5.76 15.51
CA MET C 284 10.30 -5.46 14.33
C MET C 284 9.25 -6.54 14.01
N LEU C 285 9.41 -7.72 14.60
CA LEU C 285 8.46 -8.83 14.45
C LEU C 285 7.17 -8.60 15.27
N LYS C 286 7.22 -7.63 16.20
CA LYS C 286 6.02 -7.24 16.93
C LYS C 286 5.21 -6.16 16.19
N PHE C 287 5.60 -5.84 14.95
CA PHE C 287 4.92 -4.81 14.15
C PHE C 287 4.58 -5.30 12.75
N MET D 5 40.85 -20.15 18.00
CA MET D 5 39.51 -19.66 18.46
C MET D 5 38.71 -19.09 17.28
N GLY D 6 37.93 -19.95 16.63
CA GLY D 6 37.17 -19.57 15.44
C GLY D 6 35.85 -18.90 15.73
N ARG D 7 35.27 -18.29 14.70
CA ARG D 7 34.04 -17.53 14.82
C ARG D 7 32.80 -18.38 15.09
N VAL D 8 32.87 -19.67 14.76
CA VAL D 8 31.85 -20.63 15.20
C VAL D 8 32.52 -21.79 15.95
N GLN D 9 33.39 -21.47 16.90
CA GLN D 9 34.18 -22.50 17.58
C GLN D 9 33.34 -23.63 18.16
N ASP D 10 33.61 -24.86 17.75
CA ASP D 10 32.96 -26.09 18.30
C ASP D 10 31.46 -26.27 18.10
N LYS D 11 30.83 -25.33 17.39
CA LYS D 11 29.45 -25.52 17.00
C LYS D 11 29.24 -26.73 16.06
N VAL D 12 28.02 -27.24 16.02
CA VAL D 12 27.64 -28.26 15.05
C VAL D 12 26.62 -27.67 14.07
N VAL D 13 26.92 -27.77 12.77
CA VAL D 13 26.09 -27.14 11.72
C VAL D 13 25.54 -28.18 10.73
N LEU D 14 24.22 -28.19 10.55
CA LEU D 14 23.60 -28.89 9.42
C LEU D 14 23.53 -28.02 8.16
N VAL D 15 24.06 -28.53 7.04
CA VAL D 15 23.93 -27.84 5.74
C VAL D 15 23.24 -28.73 4.71
N THR D 16 22.05 -28.34 4.25
CA THR D 16 21.36 -29.09 3.19
C THR D 16 21.85 -28.54 1.86
N GLY D 17 21.87 -29.38 0.83
CA GLY D 17 22.53 -29.01 -0.41
C GLY D 17 24.03 -28.78 -0.23
N GLY D 18 24.64 -29.44 0.74
CA GLY D 18 26.04 -29.24 1.06
C GLY D 18 27.09 -29.84 0.14
N ALA D 19 26.67 -30.55 -0.91
CA ALA D 19 27.64 -31.22 -1.82
C ALA D 19 28.50 -30.31 -2.69
N ARG D 20 27.98 -29.16 -3.06
CA ARG D 20 28.66 -28.29 -4.02
C ARG D 20 28.14 -26.88 -3.89
N GLY D 21 28.73 -25.95 -4.63
CA GLY D 21 28.21 -24.56 -4.70
C GLY D 21 28.16 -23.91 -3.34
N GLN D 22 27.07 -23.21 -3.04
CA GLN D 22 26.99 -22.41 -1.83
C GLN D 22 27.09 -23.31 -0.63
N GLY D 23 26.39 -24.44 -0.67
CA GLY D 23 26.38 -25.37 0.47
C GLY D 23 27.75 -25.87 0.89
N ARG D 24 28.52 -26.35 -0.07
CA ARG D 24 29.89 -26.77 0.18
C ARG D 24 30.72 -25.60 0.66
N SER D 25 30.51 -24.41 0.07
CA SER D 25 31.24 -23.20 0.49
C SER D 25 30.93 -22.85 1.93
N HIS D 26 29.66 -22.97 2.32
CA HIS D 26 29.30 -22.73 3.71
C HIS D 26 29.93 -23.76 4.66
N ALA D 27 29.89 -25.04 4.27
CA ALA D 27 30.49 -26.09 5.09
C ALA D 27 31.98 -25.81 5.39
N VAL D 28 32.73 -25.47 4.33
CA VAL D 28 34.17 -25.21 4.44
C VAL D 28 34.43 -23.94 5.27
N LYS D 29 33.63 -22.90 5.06
CA LYS D 29 33.86 -21.62 5.74
C LYS D 29 33.64 -21.84 7.22
N LEU D 30 32.54 -22.48 7.56
CA LEU D 30 32.21 -22.72 8.94
C LEU D 30 33.23 -23.65 9.61
N ALA D 31 33.61 -24.72 8.92
CA ALA D 31 34.69 -25.58 9.41
C ALA D 31 36.01 -24.81 9.63
N GLU D 32 36.37 -23.92 8.69
CA GLU D 32 37.55 -23.06 8.89
C GLU D 32 37.42 -22.23 10.16
N GLU D 33 36.17 -21.92 10.54
CA GLU D 33 35.91 -21.12 11.72
C GLU D 33 35.57 -21.96 12.95
N GLY D 34 35.88 -23.25 12.86
CA GLY D 34 35.84 -24.13 14.04
C GLY D 34 34.60 -24.97 14.27
N ALA D 35 33.76 -25.15 13.26
CA ALA D 35 32.57 -25.97 13.45
C ALA D 35 32.62 -27.31 12.72
N ASP D 36 31.96 -28.32 13.29
CA ASP D 36 31.76 -29.61 12.63
C ASP D 36 30.48 -29.59 11.79
N ILE D 37 30.56 -30.15 10.59
CA ILE D 37 29.47 -30.02 9.63
C ILE D 37 28.75 -31.36 9.37
N ILE D 38 27.41 -31.30 9.35
CA ILE D 38 26.56 -32.34 8.83
C ILE D 38 26.11 -31.87 7.45
N LEU D 39 26.50 -32.61 6.40
CA LEU D 39 26.17 -32.26 5.01
C LEU D 39 25.15 -33.23 4.45
N PHE D 40 23.97 -32.72 4.09
CA PHE D 40 22.98 -33.57 3.39
C PHE D 40 22.88 -33.07 1.96
N ASP D 41 22.71 -33.98 1.02
CA ASP D 41 22.46 -33.63 -0.38
C ASP D 41 21.74 -34.78 -1.07
N ILE D 42 20.93 -34.46 -2.09
CA ILE D 42 20.18 -35.45 -2.85
C ILE D 42 21.11 -36.41 -3.59
N CYS D 43 22.19 -35.88 -4.19
CA CYS D 43 23.17 -36.69 -4.94
C CYS D 43 22.61 -37.42 -6.16
N HIS D 44 21.48 -36.95 -6.68
CA HIS D 44 20.96 -37.42 -7.98
C HIS D 44 20.03 -36.38 -8.60
N ASP D 45 19.77 -36.51 -9.90
CA ASP D 45 19.01 -35.52 -10.63
C ASP D 45 17.52 -35.54 -10.30
N ILE D 46 16.85 -34.41 -10.53
CA ILE D 46 15.39 -34.35 -10.51
C ILE D 46 14.97 -34.10 -11.96
N GLU D 47 14.02 -34.91 -12.48
CA GLU D 47 13.71 -34.93 -13.93
C GLU D 47 13.32 -33.59 -14.56
N THR D 48 12.45 -32.82 -13.92
CA THR D 48 12.04 -31.52 -14.47
C THR D 48 13.15 -30.48 -14.35
N ASN D 49 14.16 -30.77 -13.53
CA ASN D 49 15.30 -29.84 -13.37
C ASN D 49 16.41 -30.16 -14.37
N GLU D 50 16.42 -29.42 -15.49
CA GLU D 50 17.24 -29.75 -16.65
C GLU D 50 18.70 -29.24 -16.63
N TYR D 51 19.34 -29.34 -15.46
CA TYR D 51 20.81 -29.29 -15.32
C TYR D 51 21.16 -30.32 -14.25
N PRO D 52 22.37 -30.90 -14.29
CA PRO D 52 22.76 -31.90 -13.28
C PRO D 52 22.82 -31.38 -11.84
N LEU D 53 22.31 -32.15 -10.89
CA LEU D 53 22.45 -31.82 -9.49
C LEU D 53 23.75 -32.47 -9.01
N ALA D 54 24.07 -32.37 -7.74
CA ALA D 54 25.32 -32.95 -7.24
C ALA D 54 25.33 -34.48 -7.33
N THR D 55 26.53 -35.04 -7.40
CA THR D 55 26.77 -36.49 -7.44
C THR D 55 27.23 -36.98 -6.07
N SER D 56 27.26 -38.31 -5.91
CA SER D 56 27.78 -38.96 -4.72
C SER D 56 29.18 -38.50 -4.44
N ARG D 57 29.97 -38.40 -5.52
CA ARG D 57 31.38 -38.00 -5.45
C ARG D 57 31.52 -36.57 -4.92
N ASP D 58 30.61 -35.68 -5.34
CA ASP D 58 30.62 -34.28 -4.89
C ASP D 58 30.53 -34.17 -3.38
N LEU D 59 29.63 -34.98 -2.81
CA LEU D 59 29.36 -34.99 -1.38
C LEU D 59 30.56 -35.48 -0.59
N GLU D 60 31.20 -36.53 -1.13
CA GLU D 60 32.46 -37.07 -0.61
C GLU D 60 33.56 -36.02 -0.61
N GLU D 61 33.77 -35.38 -1.77
CA GLU D 61 34.76 -34.32 -1.90
C GLU D 61 34.51 -33.21 -0.88
N ALA D 62 33.22 -32.95 -0.63
CA ALA D 62 32.81 -31.92 0.31
C ALA D 62 33.16 -32.28 1.77
N GLY D 63 32.91 -33.53 2.17
CA GLY D 63 33.36 -34.01 3.48
C GLY D 63 34.87 -33.88 3.65
N LEU D 64 35.61 -34.32 2.62
CA LEU D 64 37.07 -34.24 2.61
C LEU D 64 37.55 -32.81 2.79
N GLU D 65 36.93 -31.88 2.06
CA GLU D 65 37.29 -30.47 2.15
C GLU D 65 37.14 -29.92 3.57
N VAL D 66 36.09 -30.37 4.26
CA VAL D 66 35.82 -30.00 5.65
C VAL D 66 36.91 -30.62 6.53
N GLU D 67 37.05 -31.95 6.43
CA GLU D 67 38.00 -32.70 7.23
C GLU D 67 39.41 -32.12 7.17
N LYS D 68 39.78 -31.65 5.99
CA LYS D 68 41.04 -30.95 5.76
C LYS D 68 41.26 -29.74 6.70
N THR D 69 40.20 -29.14 7.23
CA THR D 69 40.34 -28.06 8.21
C THR D 69 40.68 -28.60 9.61
N GLY D 70 40.51 -29.90 9.82
CA GLY D 70 40.71 -30.49 11.13
C GLY D 70 39.42 -30.71 11.87
N ARG D 71 38.33 -30.21 11.31
CA ARG D 71 37.00 -30.46 11.88
C ARG D 71 36.44 -31.76 11.31
N LYS D 72 35.32 -32.20 11.89
CA LYS D 72 34.67 -33.45 11.51
C LYS D 72 33.50 -33.20 10.54
N ALA D 73 33.21 -34.20 9.72
CA ALA D 73 32.13 -34.14 8.74
C ALA D 73 31.27 -35.38 8.79
N TYR D 74 29.97 -35.19 8.97
CA TYR D 74 29.01 -36.26 8.76
C TYR D 74 28.35 -36.00 7.40
N THR D 75 28.38 -36.99 6.52
CA THR D 75 27.74 -36.89 5.19
C THR D 75 26.62 -37.93 5.05
N ALA D 76 25.56 -37.54 4.37
CA ALA D 76 24.43 -38.41 4.13
C ALA D 76 23.72 -38.01 2.84
N GLU D 77 23.33 -39.00 2.05
CA GLU D 77 22.51 -38.75 0.87
C GLU D 77 21.03 -38.74 1.27
N VAL D 78 20.45 -37.55 1.24
CA VAL D 78 19.13 -37.28 1.79
C VAL D 78 18.42 -36.33 0.84
N ASP D 79 17.16 -36.63 0.49
CA ASP D 79 16.32 -35.71 -0.28
C ASP D 79 15.52 -34.92 0.75
N VAL D 80 15.61 -33.59 0.72
CA VAL D 80 14.95 -32.76 1.70
C VAL D 80 13.43 -32.82 1.60
N ARG D 81 12.87 -33.25 0.47
CA ARG D 81 11.42 -33.58 0.37
C ARG D 81 11.03 -34.79 1.22
N ASP D 82 12.03 -35.60 1.61
CA ASP D 82 11.75 -36.73 2.50
C ASP D 82 12.01 -36.45 3.99
N ARG D 83 10.98 -36.03 4.72
CA ARG D 83 11.18 -35.71 6.14
C ARG D 83 11.74 -36.84 7.03
N ALA D 84 11.19 -38.06 6.90
CA ALA D 84 11.62 -39.18 7.70
C ALA D 84 13.10 -39.46 7.45
N ALA D 85 13.51 -39.43 6.17
CA ALA D 85 14.92 -39.53 5.83
C ALA D 85 15.75 -38.42 6.50
N VAL D 86 15.21 -37.19 6.53
CA VAL D 86 15.94 -36.09 7.15
C VAL D 86 16.06 -36.31 8.67
N SER D 87 14.93 -36.69 9.29
CA SER D 87 14.87 -37.04 10.71
C SER D 87 15.84 -38.15 11.06
N ARG D 88 15.79 -39.22 10.28
CA ARG D 88 16.62 -40.40 10.48
C ARG D 88 18.12 -40.07 10.47
N GLU D 89 18.58 -39.47 9.37
CA GLU D 89 20.00 -39.14 9.18
C GLU D 89 20.50 -38.07 10.15
N LEU D 90 19.58 -37.23 10.62
CA LEU D 90 19.91 -36.18 11.60
C LEU D 90 20.14 -36.77 13.00
N ALA D 91 19.33 -37.77 13.37
CA ALA D 91 19.56 -38.51 14.60
C ALA D 91 20.95 -39.18 14.55
N ASN D 92 21.27 -39.81 13.42
CA ASN D 92 22.59 -40.43 13.25
C ASN D 92 23.69 -39.39 13.41
N ALA D 93 23.48 -38.22 12.81
CA ALA D 93 24.47 -37.18 12.80
C ALA D 93 24.64 -36.67 14.23
N VAL D 94 23.53 -36.40 14.90
CA VAL D 94 23.61 -35.94 16.28
C VAL D 94 24.32 -36.98 17.16
N ALA D 95 24.05 -38.28 16.93
CA ALA D 95 24.68 -39.32 17.70
C ALA D 95 26.19 -39.10 17.66
N GLU D 96 26.71 -38.91 16.44
CA GLU D 96 28.15 -38.68 16.28
C GLU D 96 28.67 -37.40 16.95
N PHE D 97 27.87 -36.32 16.93
CA PHE D 97 28.34 -35.02 17.41
C PHE D 97 27.77 -34.58 18.76
N GLY D 98 26.56 -35.04 19.09
CA GLY D 98 25.94 -34.84 20.42
C GLY D 98 25.11 -33.56 20.61
N LYS D 99 24.96 -32.77 19.55
CA LYS D 99 24.50 -31.38 19.61
C LYS D 99 24.07 -30.99 18.18
N LEU D 100 23.18 -30.00 18.07
CA LEU D 100 22.97 -29.30 16.81
C LEU D 100 22.77 -27.81 17.14
N ASP D 101 23.59 -26.95 16.53
CA ASP D 101 23.59 -25.52 16.87
C ASP D 101 23.04 -24.61 15.81
N VAL D 102 23.27 -24.97 14.54
CA VAL D 102 22.94 -24.10 13.39
C VAL D 102 22.34 -24.95 12.27
N VAL D 103 21.28 -24.42 11.65
CA VAL D 103 20.65 -25.06 10.49
C VAL D 103 20.79 -24.10 9.31
N VAL D 104 21.35 -24.61 8.21
CA VAL D 104 21.52 -23.87 6.95
C VAL D 104 20.68 -24.56 5.86
N ALA D 105 19.45 -24.06 5.69
CA ALA D 105 18.51 -24.67 4.77
C ALA D 105 18.76 -24.16 3.34
N ASN D 106 19.77 -24.73 2.71
CA ASN D 106 20.35 -24.21 1.47
C ASN D 106 19.95 -24.98 0.21
N ALA D 107 19.56 -26.25 0.36
CA ALA D 107 19.24 -27.07 -0.81
C ALA D 107 18.19 -26.39 -1.66
N GLY D 108 18.36 -26.46 -2.96
CA GLY D 108 17.32 -25.98 -3.87
C GLY D 108 17.59 -26.30 -5.32
N ILE D 109 16.55 -26.19 -6.16
CA ILE D 109 16.64 -26.39 -7.59
C ILE D 109 15.98 -25.19 -8.27
N CYS D 110 16.24 -25.01 -9.55
CA CYS D 110 15.65 -23.92 -10.31
C CYS D 110 15.26 -24.49 -11.67
N PRO D 111 14.15 -25.25 -11.71
CA PRO D 111 13.83 -26.01 -12.93
C PRO D 111 13.13 -25.14 -13.95
N LEU D 112 13.86 -24.18 -14.53
CA LEU D 112 13.32 -23.19 -15.48
C LEU D 112 13.13 -23.80 -16.85
N GLY D 113 12.21 -23.21 -17.63
CA GLY D 113 11.91 -23.64 -19.01
C GLY D 113 10.41 -23.66 -19.31
N ALA D 114 9.98 -22.81 -20.25
CA ALA D 114 8.55 -22.63 -20.61
C ALA D 114 7.85 -23.86 -21.21
N HIS D 115 8.61 -24.87 -21.62
CA HIS D 115 8.05 -26.08 -22.24
C HIS D 115 7.75 -27.14 -21.20
N LEU D 116 8.12 -26.87 -19.94
CA LEU D 116 7.94 -27.86 -18.87
C LEU D 116 6.49 -27.89 -18.37
N PRO D 117 6.04 -29.06 -17.90
CA PRO D 117 4.68 -29.16 -17.36
C PRO D 117 4.58 -28.63 -15.92
N VAL D 118 3.34 -28.58 -15.42
CA VAL D 118 3.08 -28.00 -14.09
C VAL D 118 3.84 -28.73 -12.97
N GLN D 119 4.18 -30.01 -13.21
CA GLN D 119 5.07 -30.76 -12.33
C GLN D 119 6.33 -29.94 -11.94
N ALA D 120 6.88 -29.16 -12.88
CA ALA D 120 8.09 -28.35 -12.61
C ALA D 120 7.84 -27.34 -11.48
N PHE D 121 6.69 -26.66 -11.54
CA PHE D 121 6.19 -25.83 -10.42
C PHE D 121 6.16 -26.61 -9.09
N ALA D 122 5.50 -27.79 -9.09
CA ALA D 122 5.38 -28.62 -7.88
C ALA D 122 6.73 -29.05 -7.32
N ASP D 123 7.59 -29.48 -8.23
CA ASP D 123 8.96 -29.85 -7.91
C ASP D 123 9.77 -28.65 -7.35
N ALA D 124 9.66 -27.48 -7.97
CA ALA D 124 10.38 -26.27 -7.47
C ALA D 124 9.91 -25.97 -6.05
N PHE D 125 8.57 -25.94 -5.87
CA PHE D 125 7.95 -25.76 -4.57
C PHE D 125 8.26 -26.82 -3.53
N ASP D 126 8.11 -28.10 -3.89
CA ASP D 126 8.39 -29.19 -2.96
C ASP D 126 9.82 -29.09 -2.43
N VAL D 127 10.79 -28.88 -3.31
CA VAL D 127 12.18 -28.78 -2.85
C VAL D 127 12.49 -27.44 -2.14
N ASP D 128 12.03 -26.36 -2.76
CA ASP D 128 12.49 -25.02 -2.35
C ASP D 128 11.71 -24.45 -1.14
N PHE D 129 10.45 -24.85 -0.99
CA PHE D 129 9.73 -24.47 0.21
C PHE D 129 9.50 -25.64 1.16
N VAL D 130 8.79 -26.68 0.67
CA VAL D 130 8.49 -27.82 1.53
C VAL D 130 9.75 -28.47 2.16
N GLY D 131 10.81 -28.64 1.36
CA GLY D 131 12.11 -29.12 1.85
C GLY D 131 12.71 -28.26 2.95
N VAL D 132 12.46 -26.94 2.89
CA VAL D 132 12.90 -26.05 3.94
C VAL D 132 12.09 -26.32 5.22
N ILE D 133 10.76 -26.42 5.09
CA ILE D 133 9.90 -26.80 6.22
C ILE D 133 10.38 -28.11 6.83
N ASN D 134 10.59 -29.10 5.97
CA ASN D 134 11.02 -30.41 6.42
C ASN D 134 12.33 -30.32 7.20
N THR D 135 13.22 -29.45 6.72
CA THR D 135 14.54 -29.30 7.31
C THR D 135 14.43 -28.68 8.70
N VAL D 136 13.72 -27.55 8.81
CA VAL D 136 13.56 -26.89 10.11
C VAL D 136 12.77 -27.81 11.05
N HIS D 137 11.62 -28.28 10.59
CA HIS D 137 10.76 -29.12 11.43
C HIS D 137 11.45 -30.37 11.97
N ALA D 138 12.26 -31.02 11.13
CA ALA D 138 13.11 -32.11 11.60
C ALA D 138 14.16 -31.66 12.63
N ALA D 139 14.61 -30.41 12.52
CA ALA D 139 15.73 -29.93 13.31
C ALA D 139 15.33 -29.38 14.67
N LEU D 140 14.14 -28.78 14.74
CA LEU D 140 13.63 -28.13 15.96
C LEU D 140 13.83 -28.90 17.28
N PRO D 141 13.45 -30.20 17.33
CA PRO D 141 13.62 -30.88 18.62
C PRO D 141 15.03 -30.79 19.17
N TYR D 142 16.02 -30.63 18.29
CA TYR D 142 17.41 -30.66 18.70
C TYR D 142 17.98 -29.33 19.15
N LEU D 143 17.25 -28.25 18.86
CA LEU D 143 17.77 -26.90 19.07
C LEU D 143 17.44 -26.35 20.47
N THR D 144 18.43 -25.68 21.06
CA THR D 144 18.29 -25.05 22.36
C THR D 144 18.64 -23.54 22.26
N SER D 145 18.51 -22.85 23.37
CA SER D 145 18.80 -21.41 23.49
C SER D 145 20.11 -21.06 22.80
N GLY D 146 20.08 -20.07 21.90
CA GLY D 146 21.30 -19.66 21.18
C GLY D 146 21.48 -20.31 19.80
N ALA D 147 20.60 -21.22 19.43
CA ALA D 147 20.63 -21.85 18.09
C ALA D 147 20.33 -20.84 16.98
N SER D 148 20.82 -21.11 15.76
CA SER D 148 20.60 -20.18 14.63
C SER D 148 20.09 -20.94 13.42
N ILE D 149 18.97 -20.50 12.87
CA ILE D 149 18.43 -21.12 11.67
C ILE D 149 18.60 -20.12 10.53
N ILE D 150 19.17 -20.59 9.42
CA ILE D 150 19.54 -19.74 8.30
C ILE D 150 18.92 -20.36 7.06
N THR D 151 18.10 -19.60 6.36
CA THR D 151 17.44 -20.13 5.18
C THR D 151 17.91 -19.34 3.98
N THR D 152 17.90 -19.99 2.82
CA THR D 152 18.37 -19.33 1.60
C THR D 152 17.20 -18.93 0.73
N GLY D 153 17.08 -17.62 0.50
CA GLY D 153 15.99 -17.09 -0.33
C GLY D 153 16.48 -16.82 -1.74
N SER D 154 16.10 -15.67 -2.28
CA SER D 154 16.54 -15.27 -3.61
C SER D 154 16.01 -13.89 -3.90
N VAL D 155 16.90 -13.00 -4.31
CA VAL D 155 16.48 -11.67 -4.73
C VAL D 155 15.53 -11.74 -5.96
N ALA D 156 15.93 -12.52 -6.97
CA ALA D 156 15.07 -12.75 -8.15
C ALA D 156 13.67 -13.18 -7.71
N GLY D 157 13.58 -14.04 -6.69
CA GLY D 157 12.28 -14.37 -6.08
C GLY D 157 11.53 -13.15 -5.57
N LEU D 158 12.15 -12.37 -4.70
CA LEU D 158 11.51 -11.15 -4.18
C LEU D 158 11.07 -10.16 -5.28
N ILE D 159 11.87 -10.03 -6.33
CA ILE D 159 11.49 -9.13 -7.43
C ILE D 159 10.22 -9.61 -8.15
N ALA D 160 10.13 -10.92 -8.39
CA ALA D 160 8.93 -11.51 -9.03
C ALA D 160 7.63 -11.11 -8.32
N ALA D 161 7.69 -10.94 -6.99
CA ALA D 161 6.60 -10.34 -6.22
C ALA D 161 6.43 -8.88 -6.59
N GLN D 171 10.14 -18.22 -18.53
CA GLN D 171 10.60 -18.91 -17.30
C GLN D 171 9.75 -20.15 -16.92
N GLY D 172 8.49 -20.15 -17.38
CA GLY D 172 7.59 -21.31 -17.22
C GLY D 172 7.17 -21.67 -15.79
N PRO D 173 6.49 -22.84 -15.65
CA PRO D 173 6.03 -23.36 -14.35
C PRO D 173 7.13 -23.53 -13.28
N GLY D 174 8.32 -23.95 -13.69
CA GLY D 174 9.42 -24.08 -12.74
C GLY D 174 9.94 -22.73 -12.22
N GLY D 175 9.99 -21.74 -13.10
CA GLY D 175 10.37 -20.39 -12.71
C GLY D 175 9.38 -19.81 -11.71
N ALA D 176 8.08 -19.95 -12.04
CA ALA D 176 7.01 -19.44 -11.19
C ALA D 176 7.08 -20.07 -9.81
N GLY D 177 7.25 -21.39 -9.78
CA GLY D 177 7.36 -22.14 -8.54
C GLY D 177 8.58 -21.82 -7.71
N TYR D 178 9.70 -21.63 -8.38
CA TYR D 178 10.89 -21.11 -7.74
C TYR D 178 10.64 -19.75 -7.05
N SER D 179 10.16 -18.77 -7.80
CA SER D 179 9.92 -17.41 -7.24
C SER D 179 8.97 -17.41 -6.04
N TYR D 180 7.85 -18.11 -6.19
CA TYR D 180 6.81 -18.15 -5.16
C TYR D 180 7.36 -18.93 -3.95
N ALA D 181 8.05 -20.03 -4.19
CA ALA D 181 8.70 -20.74 -3.06
C ALA D 181 9.65 -19.84 -2.29
N LYS D 182 10.49 -19.08 -3.01
CA LYS D 182 11.41 -18.14 -2.33
C LYS D 182 10.71 -16.98 -1.57
N GLN D 183 9.61 -16.45 -2.10
CA GLN D 183 8.82 -15.47 -1.32
C GLN D 183 8.29 -16.10 -0.03
N LEU D 184 7.86 -17.37 -0.08
CA LEU D 184 7.44 -18.04 1.14
C LEU D 184 8.58 -18.40 2.07
N VAL D 185 9.76 -18.76 1.54
CA VAL D 185 10.92 -18.95 2.40
C VAL D 185 11.11 -17.70 3.23
N ASP D 186 11.01 -16.53 2.59
CA ASP D 186 11.17 -15.26 3.32
C ASP D 186 10.07 -15.07 4.43
N SER D 187 8.79 -15.17 4.07
CA SER D 187 7.72 -14.93 5.07
C SER D 187 7.65 -16.00 6.15
N TYR D 188 7.88 -17.25 5.75
CA TYR D 188 8.02 -18.32 6.73
C TYR D 188 9.19 -18.10 7.70
N THR D 189 10.34 -17.66 7.20
CA THR D 189 11.46 -17.39 8.08
C THR D 189 11.07 -16.37 9.16
N LEU D 190 10.32 -15.34 8.79
CA LEU D 190 9.91 -14.30 9.77
C LEU D 190 8.90 -14.81 10.82
N GLN D 191 7.97 -15.66 10.38
CA GLN D 191 7.09 -16.39 11.31
C GLN D 191 7.88 -17.24 12.29
N LEU D 192 8.83 -18.01 11.75
CA LEU D 192 9.64 -18.87 12.58
C LEU D 192 10.43 -18.06 13.59
N ALA D 193 10.96 -16.91 13.14
CA ALA D 193 11.68 -16.01 14.01
C ALA D 193 10.82 -15.56 15.17
N ALA D 194 9.59 -15.16 14.89
CA ALA D 194 8.66 -14.78 15.96
C ALA D 194 8.42 -15.93 16.94
N GLN D 195 8.18 -17.13 16.41
CA GLN D 195 7.82 -18.28 17.23
C GLN D 195 8.95 -18.73 18.15
N LEU D 196 10.19 -18.58 17.68
CA LEU D 196 11.34 -19.11 18.40
C LEU D 196 12.06 -18.08 19.28
N ALA D 197 11.72 -16.81 19.08
CA ALA D 197 12.37 -15.74 19.82
C ALA D 197 12.27 -15.90 21.35
N PRO D 198 11.09 -16.36 21.89
CA PRO D 198 11.06 -16.54 23.35
C PRO D 198 12.09 -17.55 23.85
N GLN D 199 12.50 -18.48 22.99
CA GLN D 199 13.54 -19.45 23.34
C GLN D 199 14.97 -18.99 22.99
N SER D 200 15.15 -17.72 22.63
CA SER D 200 16.46 -17.22 22.13
C SER D 200 17.08 -18.04 20.97
N ILE D 201 16.22 -18.51 20.07
CA ILE D 201 16.66 -19.23 18.89
C ILE D 201 16.31 -18.30 17.76
N ARG D 202 17.28 -18.03 16.91
CA ARG D 202 17.05 -17.05 15.89
C ARG D 202 16.84 -17.66 14.53
N ALA D 203 16.16 -16.91 13.67
CA ALA D 203 15.92 -17.35 12.29
C ALA D 203 16.02 -16.14 11.38
N ASN D 204 16.86 -16.27 10.34
CA ASN D 204 17.07 -15.22 9.35
C ASN D 204 17.18 -15.81 7.95
N VAL D 205 16.85 -15.01 6.94
CA VAL D 205 16.89 -15.43 5.53
C VAL D 205 17.95 -14.60 4.80
N ILE D 206 18.84 -15.29 4.08
CA ILE D 206 19.78 -14.63 3.21
C ILE D 206 19.18 -14.63 1.79
N HIS D 207 19.08 -13.45 1.18
CA HIS D 207 18.64 -13.30 -0.24
C HIS D 207 19.79 -12.99 -1.16
N PRO D 208 20.32 -14.01 -1.88
CA PRO D 208 21.42 -13.70 -2.79
C PRO D 208 20.89 -13.16 -4.14
N THR D 209 21.70 -12.33 -4.81
CA THR D 209 21.51 -12.09 -6.25
C THR D 209 22.18 -13.26 -6.99
N ASN D 210 22.27 -13.20 -8.32
CA ASN D 210 23.14 -14.09 -9.09
C ASN D 210 24.36 -14.62 -8.28
N VAL D 211 24.47 -15.93 -8.11
CA VAL D 211 25.67 -16.49 -7.53
C VAL D 211 26.36 -17.40 -8.54
N ASN D 212 27.68 -17.27 -8.63
CA ASN D 212 28.52 -18.04 -9.53
C ASN D 212 28.63 -19.54 -9.15
N THR D 213 27.57 -20.29 -9.42
CA THR D 213 27.47 -21.74 -9.16
C THR D 213 26.81 -22.44 -10.35
N ASP D 214 26.75 -23.78 -10.27
CA ASP D 214 26.10 -24.59 -11.33
C ASP D 214 24.65 -24.26 -11.58
N MET D 215 23.98 -23.64 -10.61
CA MET D 215 22.60 -23.22 -10.83
C MET D 215 22.53 -22.05 -11.83
N LEU D 216 23.37 -21.04 -11.62
CA LEU D 216 23.49 -19.92 -12.53
C LEU D 216 24.13 -20.30 -13.86
N ASN D 217 25.18 -21.11 -13.79
CA ASN D 217 25.89 -21.48 -15.00
C ASN D 217 25.28 -22.78 -15.55
N SER D 218 24.05 -22.66 -16.06
CA SER D 218 23.28 -23.77 -16.57
C SER D 218 22.54 -23.34 -17.83
N ALA D 219 22.27 -24.30 -18.71
CA ALA D 219 21.61 -24.00 -19.96
C ALA D 219 20.23 -23.35 -19.75
N PRO D 220 19.40 -23.90 -18.82
CA PRO D 220 18.13 -23.22 -18.64
C PRO D 220 18.26 -21.77 -18.17
N MET D 221 19.25 -21.49 -17.32
CA MET D 221 19.50 -20.13 -16.86
C MET D 221 19.97 -19.20 -17.97
N TYR D 222 20.81 -19.71 -18.87
CA TYR D 222 21.25 -18.94 -20.06
C TYR D 222 20.08 -18.51 -20.93
N ARG D 223 19.13 -19.43 -21.17
CA ARG D 223 17.96 -19.11 -22.01
C ARG D 223 17.05 -18.09 -21.32
N GLN D 224 17.08 -18.10 -19.99
CA GLN D 224 16.32 -17.18 -19.15
C GLN D 224 16.83 -15.73 -19.27
N PHE D 225 18.15 -15.58 -19.32
CA PHE D 225 18.80 -14.26 -19.44
C PHE D 225 18.90 -13.76 -20.87
N ARG D 226 18.77 -14.67 -21.84
CA ARG D 226 18.88 -14.33 -23.27
C ARG D 226 17.74 -14.92 -24.07
N PRO D 227 16.51 -14.45 -23.79
CA PRO D 227 15.32 -14.99 -24.48
C PRO D 227 15.28 -14.59 -25.95
N ASP D 228 16.11 -13.60 -26.31
CA ASP D 228 16.28 -13.20 -27.70
C ASP D 228 17.04 -14.25 -28.53
N LEU D 229 17.86 -15.06 -27.87
CA LEU D 229 18.63 -16.10 -28.58
C LEU D 229 17.99 -17.49 -28.51
N GLU D 230 18.10 -18.24 -29.62
CA GLU D 230 17.61 -19.62 -29.66
C GLU D 230 18.47 -20.54 -28.77
N ALA D 231 19.79 -20.56 -28.99
CA ALA D 231 20.69 -21.39 -28.19
C ALA D 231 21.80 -20.56 -27.55
N PRO D 232 21.46 -19.75 -26.53
CA PRO D 232 22.52 -18.90 -25.93
C PRO D 232 23.60 -19.72 -25.23
N SER D 233 24.85 -19.28 -25.37
CA SER D 233 26.00 -19.89 -24.75
C SER D 233 26.25 -19.21 -23.42
N ARG D 234 27.19 -19.71 -22.62
CA ARG D 234 27.51 -19.02 -21.39
C ARG D 234 27.99 -17.62 -21.71
N ALA D 235 28.82 -17.48 -22.75
CA ALA D 235 29.33 -16.16 -23.12
C ALA D 235 28.20 -15.16 -23.45
N ASP D 236 27.17 -15.62 -24.13
CA ASP D 236 26.02 -14.77 -24.44
C ASP D 236 25.28 -14.31 -23.16
N ALA D 237 24.99 -15.24 -22.26
CA ALA D 237 24.30 -14.93 -21.01
C ALA D 237 25.12 -13.99 -20.13
N LEU D 238 26.44 -14.16 -20.19
CA LEU D 238 27.37 -13.41 -19.36
C LEU D 238 27.28 -11.92 -19.66
N LEU D 239 26.87 -11.59 -20.88
CA LEU D 239 26.62 -10.22 -21.27
C LEU D 239 25.35 -9.65 -20.62
N ALA D 240 24.39 -10.52 -20.32
CA ALA D 240 23.14 -10.12 -19.67
C ALA D 240 23.17 -10.27 -18.13
N PHE D 241 24.09 -11.07 -17.58
CA PHE D 241 24.16 -11.29 -16.13
C PHE D 241 24.23 -9.98 -15.31
N PRO D 242 25.08 -9.00 -15.71
CA PRO D 242 25.29 -7.79 -14.88
C PRO D 242 24.09 -6.87 -14.65
N ALA D 243 23.14 -6.84 -15.59
CA ALA D 243 21.91 -6.03 -15.47
C ALA D 243 21.12 -6.26 -14.16
N MET D 244 21.22 -7.46 -13.60
CA MET D 244 20.59 -7.78 -12.32
C MET D 244 21.19 -7.01 -11.13
N GLN D 245 22.49 -6.72 -11.19
CA GLN D 245 23.16 -6.03 -10.09
C GLN D 245 23.31 -4.51 -10.35
N ALA D 246 23.32 -3.71 -9.27
CA ALA D 246 23.61 -2.27 -9.41
C ALA D 246 25.12 -1.99 -9.39
N MET D 247 25.86 -2.71 -8.54
CA MET D 247 27.33 -2.78 -8.65
C MET D 247 27.74 -3.50 -9.96
N PRO D 248 28.89 -3.09 -10.53
CA PRO D 248 29.32 -3.68 -11.81
C PRO D 248 29.97 -5.08 -11.64
N THR D 249 29.14 -6.10 -11.72
CA THR D 249 29.54 -7.48 -11.55
C THR D 249 28.43 -8.35 -12.17
N PRO D 250 28.81 -9.48 -12.76
CA PRO D 250 27.77 -10.39 -13.29
C PRO D 250 27.12 -11.25 -12.23
N TYR D 251 27.80 -11.39 -11.08
CA TYR D 251 27.31 -12.25 -10.00
C TYR D 251 28.14 -12.01 -8.77
N VAL D 252 27.68 -12.49 -7.63
CA VAL D 252 28.53 -12.59 -6.44
C VAL D 252 29.11 -14.01 -6.42
N GLU D 253 30.02 -14.28 -5.49
CA GLU D 253 30.61 -15.62 -5.39
C GLU D 253 29.95 -16.36 -4.23
N ALA D 254 30.03 -17.68 -4.23
CA ALA D 254 29.54 -18.42 -3.07
C ALA D 254 30.18 -17.88 -1.77
N SER D 255 31.47 -17.54 -1.79
CA SER D 255 32.17 -16.96 -0.60
C SER D 255 31.48 -15.74 -0.01
N ASP D 256 30.86 -14.93 -0.87
CA ASP D 256 30.08 -13.78 -0.41
C ASP D 256 28.87 -14.20 0.42
N ILE D 257 28.19 -15.25 0.00
CA ILE D 257 27.11 -15.84 0.78
C ILE D 257 27.64 -16.51 2.05
N SER D 258 28.75 -17.23 1.94
CA SER D 258 29.32 -17.89 3.12
C SER D 258 29.74 -16.90 4.17
N ASN D 259 30.22 -15.72 3.75
CA ASN D 259 30.51 -14.68 4.74
C ASN D 259 29.27 -14.25 5.56
N ALA D 260 28.12 -14.14 4.89
CA ALA D 260 26.90 -13.75 5.64
C ALA D 260 26.41 -14.93 6.50
N VAL D 261 26.50 -16.14 5.97
CA VAL D 261 26.19 -17.36 6.75
C VAL D 261 27.04 -17.46 8.02
N CYS D 262 28.37 -17.29 7.88
CA CYS D 262 29.25 -17.29 9.03
C CYS D 262 28.88 -16.27 10.07
N PHE D 263 28.55 -15.05 9.63
CA PHE D 263 28.07 -14.04 10.60
C PHE D 263 26.80 -14.51 11.35
N LEU D 264 25.84 -15.06 10.61
CA LEU D 264 24.56 -15.48 11.24
C LEU D 264 24.68 -16.76 12.09
N ALA D 265 25.70 -17.58 11.80
CA ALA D 265 25.96 -18.84 12.52
C ALA D 265 26.66 -18.60 13.86
N SER D 266 27.42 -17.50 13.90
CA SER D 266 28.30 -17.11 14.99
C SER D 266 27.53 -16.44 16.13
N ASP D 267 27.99 -16.59 17.37
CA ASP D 267 27.36 -15.89 18.50
C ASP D 267 27.47 -14.35 18.35
N GLU D 268 28.32 -13.92 17.42
CA GLU D 268 28.47 -12.50 17.03
C GLU D 268 27.12 -11.88 16.68
N SER D 269 26.21 -12.72 16.16
CA SER D 269 24.86 -12.27 15.75
C SER D 269 23.74 -12.75 16.71
N ARG D 270 24.08 -12.96 17.99
CA ARG D 270 23.13 -13.50 18.99
C ARG D 270 21.75 -12.81 19.06
N TYR D 271 21.67 -11.53 18.75
CA TYR D 271 20.38 -10.80 18.78
C TYR D 271 19.87 -10.40 17.40
N VAL D 272 20.40 -11.03 16.34
CA VAL D 272 19.93 -10.77 14.95
C VAL D 272 18.93 -11.87 14.60
N THR D 273 17.67 -11.49 14.40
CA THR D 273 16.64 -12.48 14.07
C THR D 273 15.55 -11.78 13.25
N GLY D 274 14.90 -12.53 12.36
CA GLY D 274 13.90 -11.97 11.44
C GLY D 274 14.43 -10.97 10.42
N LEU D 275 15.75 -11.03 10.18
CA LEU D 275 16.41 -10.18 9.19
C LEU D 275 16.38 -10.78 7.77
N GLN D 276 16.00 -9.94 6.82
CA GLN D 276 16.02 -10.27 5.40
C GLN D 276 17.39 -9.81 4.86
N PHE D 277 18.35 -10.72 4.93
CA PHE D 277 19.77 -10.40 4.71
C PHE D 277 20.12 -10.48 3.22
N LYS D 278 20.03 -9.35 2.52
CA LYS D 278 20.27 -9.29 1.07
C LYS D 278 21.78 -9.30 0.85
N VAL D 279 22.27 -10.20 0.02
CA VAL D 279 23.66 -10.16 -0.49
C VAL D 279 23.49 -10.04 -1.98
N ASP D 280 23.27 -8.81 -2.44
CA ASP D 280 22.66 -8.60 -3.75
C ASP D 280 23.39 -7.66 -4.69
N ALA D 281 24.49 -7.05 -4.25
CA ALA D 281 25.21 -6.08 -5.06
C ALA D 281 24.23 -4.99 -5.51
N GLY D 282 23.27 -4.67 -4.65
CA GLY D 282 22.32 -3.60 -4.94
C GLY D 282 21.19 -3.96 -5.90
N ALA D 283 21.01 -5.24 -6.22
CA ALA D 283 19.96 -5.64 -7.17
C ALA D 283 18.60 -5.08 -6.74
N MET D 284 18.31 -5.10 -5.44
CA MET D 284 16.99 -4.62 -4.96
C MET D 284 16.80 -3.10 -5.04
N LEU D 285 17.89 -2.36 -5.24
CA LEU D 285 17.83 -0.91 -5.44
C LEU D 285 17.32 -0.54 -6.85
N LYS D 286 17.13 -1.53 -7.70
CA LYS D 286 16.56 -1.31 -9.05
C LYS D 286 15.05 -1.53 -9.13
N MET E 5 -28.28 -35.06 -15.42
CA MET E 5 -29.33 -34.52 -14.48
C MET E 5 -28.66 -33.72 -13.36
N GLY E 6 -27.75 -34.36 -12.62
CA GLY E 6 -27.09 -33.72 -11.48
C GLY E 6 -26.11 -32.63 -11.87
N ARG E 7 -25.84 -31.70 -10.94
CA ARG E 7 -24.97 -30.57 -11.22
C ARG E 7 -23.49 -30.91 -11.31
N VAL E 8 -23.11 -32.12 -10.85
CA VAL E 8 -21.77 -32.71 -11.02
C VAL E 8 -21.87 -34.18 -11.50
N GLN E 9 -22.77 -34.39 -12.46
CA GLN E 9 -23.07 -35.72 -13.01
C GLN E 9 -21.80 -36.47 -13.44
N ASP E 10 -21.61 -37.67 -12.88
CA ASP E 10 -20.54 -38.60 -13.22
C ASP E 10 -19.11 -38.17 -12.95
N LYS E 11 -18.95 -37.02 -12.29
CA LYS E 11 -17.64 -36.58 -11.83
C LYS E 11 -17.12 -37.47 -10.71
N VAL E 12 -15.80 -37.53 -10.57
CA VAL E 12 -15.16 -38.16 -9.43
C VAL E 12 -14.40 -37.10 -8.63
N VAL E 13 -14.63 -37.11 -7.31
CA VAL E 13 -14.26 -36.03 -6.42
C VAL E 13 -13.49 -36.60 -5.24
N LEU E 14 -12.29 -36.09 -5.02
CA LEU E 14 -11.55 -36.39 -3.81
C LEU E 14 -11.87 -35.36 -2.74
N VAL E 15 -12.26 -35.83 -1.56
CA VAL E 15 -12.49 -34.94 -0.43
C VAL E 15 -11.58 -35.39 0.70
N THR E 16 -10.62 -34.56 1.12
CA THR E 16 -9.85 -34.85 2.33
C THR E 16 -10.57 -34.29 3.55
N GLY E 17 -10.36 -34.91 4.71
CA GLY E 17 -11.17 -34.62 5.91
C GLY E 17 -12.62 -34.98 5.66
N GLY E 18 -12.87 -36.08 4.92
CA GLY E 18 -14.24 -36.41 4.51
C GLY E 18 -15.11 -37.13 5.53
N ALA E 19 -14.53 -37.43 6.70
CA ALA E 19 -15.20 -38.31 7.67
C ALA E 19 -16.39 -37.64 8.33
N ARG E 20 -16.28 -36.33 8.56
CA ARG E 20 -17.32 -35.59 9.29
C ARG E 20 -17.31 -34.09 8.89
N GLY E 21 -18.19 -33.30 9.50
CA GLY E 21 -18.16 -31.84 9.37
C GLY E 21 -18.33 -31.40 7.94
N GLN E 22 -17.61 -30.36 7.56
CA GLN E 22 -17.70 -29.80 6.20
C GLN E 22 -17.37 -30.84 5.14
N GLY E 23 -16.34 -31.63 5.41
CA GLY E 23 -15.88 -32.64 4.47
C GLY E 23 -16.94 -33.65 4.12
N ARG E 24 -17.65 -34.15 5.13
CA ARG E 24 -18.68 -35.16 4.87
C ARG E 24 -19.88 -34.51 4.13
N SER E 25 -20.23 -33.31 4.57
CA SER E 25 -21.29 -32.51 3.95
C SER E 25 -21.01 -32.28 2.45
N HIS E 26 -19.75 -31.99 2.09
CA HIS E 26 -19.36 -31.85 0.68
C HIS E 26 -19.55 -33.18 -0.08
N ALA E 27 -19.07 -34.25 0.52
CA ALA E 27 -19.23 -35.59 -0.08
C ALA E 27 -20.69 -35.92 -0.41
N VAL E 28 -21.56 -35.66 0.56
CA VAL E 28 -22.98 -36.04 0.43
C VAL E 28 -23.71 -35.16 -0.59
N LYS E 29 -23.44 -33.85 -0.54
CA LYS E 29 -24.05 -32.90 -1.46
C LYS E 29 -23.62 -33.22 -2.89
N LEU E 30 -22.33 -33.48 -3.05
CA LEU E 30 -21.78 -33.77 -4.37
C LEU E 30 -22.28 -35.13 -4.88
N ALA E 31 -22.38 -36.11 -4.00
CA ALA E 31 -23.02 -37.40 -4.37
C ALA E 31 -24.49 -37.21 -4.80
N GLU E 32 -25.27 -36.43 -4.04
CA GLU E 32 -26.65 -36.15 -4.39
C GLU E 32 -26.76 -35.51 -5.78
N GLU E 33 -25.74 -34.73 -6.16
CA GLU E 33 -25.67 -34.08 -7.48
C GLU E 33 -24.95 -34.88 -8.58
N GLY E 34 -24.78 -36.20 -8.37
CA GLY E 34 -24.34 -37.13 -9.42
C GLY E 34 -22.88 -37.56 -9.47
N ALA E 35 -22.11 -37.26 -8.43
CA ALA E 35 -20.69 -37.58 -8.43
C ALA E 35 -20.35 -38.75 -7.52
N ASP E 36 -19.34 -39.52 -7.91
CA ASP E 36 -18.74 -40.54 -7.03
C ASP E 36 -17.61 -39.91 -6.23
N ILE E 37 -17.48 -40.34 -4.97
CA ILE E 37 -16.62 -39.65 -4.01
C ILE E 37 -15.50 -40.55 -3.45
N ILE E 38 -14.30 -39.98 -3.40
CA ILE E 38 -13.17 -40.53 -2.65
C ILE E 38 -12.99 -39.75 -1.35
N LEU E 39 -13.15 -40.44 -0.23
CA LEU E 39 -13.10 -39.79 1.09
C LEU E 39 -11.86 -40.22 1.84
N PHE E 40 -10.98 -39.27 2.16
CA PHE E 40 -9.78 -39.55 2.98
C PHE E 40 -9.92 -38.87 4.31
N ASP E 41 -9.53 -39.54 5.38
CA ASP E 41 -9.49 -38.88 6.68
C ASP E 41 -8.44 -39.56 7.55
N ILE E 42 -7.86 -38.81 8.48
CA ILE E 42 -6.83 -39.33 9.36
C ILE E 42 -7.40 -40.36 10.34
N CYS E 43 -8.64 -40.17 10.78
CA CYS E 43 -9.30 -41.13 11.69
C CYS E 43 -8.52 -41.43 12.97
N HIS E 44 -7.70 -40.48 13.42
CA HIS E 44 -7.09 -40.52 14.76
C HIS E 44 -6.66 -39.11 15.19
N ASP E 45 -6.33 -38.95 16.48
CA ASP E 45 -6.06 -37.61 17.04
C ASP E 45 -4.63 -37.13 16.86
N ILE E 46 -4.42 -35.82 17.05
CA ILE E 46 -3.10 -35.21 16.95
C ILE E 46 -2.85 -34.51 18.29
N GLU E 47 -1.74 -34.84 18.93
CA GLU E 47 -1.52 -34.48 20.35
C GLU E 47 -1.66 -32.98 20.69
N THR E 48 -1.18 -32.10 19.81
CA THR E 48 -1.24 -30.65 20.09
C THR E 48 -2.63 -30.07 19.84
N ASN E 49 -3.45 -30.81 19.11
CA ASN E 49 -4.82 -30.40 18.80
C ASN E 49 -5.78 -30.96 19.85
N GLU E 50 -6.17 -30.10 20.80
CA GLU E 50 -6.86 -30.52 22.04
C GLU E 50 -8.38 -30.67 21.91
N TYR E 51 -8.79 -31.30 20.81
CA TYR E 51 -10.13 -31.76 20.61
C TYR E 51 -10.05 -32.99 19.70
N PRO E 52 -11.05 -33.89 19.79
CA PRO E 52 -11.00 -35.13 19.05
C PRO E 52 -11.24 -34.97 17.54
N LEU E 53 -10.39 -35.62 16.76
CA LEU E 53 -10.57 -35.74 15.32
C LEU E 53 -11.53 -36.89 14.99
N ALA E 54 -11.77 -37.15 13.70
CA ALA E 54 -12.78 -38.11 13.30
C ALA E 54 -12.34 -39.53 13.66
N THR E 55 -13.29 -40.47 13.72
CA THR E 55 -12.95 -41.88 13.95
C THR E 55 -13.06 -42.72 12.68
N SER E 56 -12.53 -43.94 12.76
CA SER E 56 -12.78 -44.95 11.73
C SER E 56 -14.27 -45.08 11.43
N ARG E 57 -15.08 -45.18 12.48
CA ARG E 57 -16.55 -45.24 12.32
C ARG E 57 -17.15 -44.05 11.56
N ASP E 58 -16.69 -42.82 11.87
CA ASP E 58 -17.17 -41.64 11.18
C ASP E 58 -16.95 -41.79 9.68
N LEU E 59 -15.75 -42.20 9.29
CA LEU E 59 -15.42 -42.35 7.88
C LEU E 59 -16.28 -43.38 7.16
N GLU E 60 -16.51 -44.54 7.81
CA GLU E 60 -17.37 -45.58 7.23
C GLU E 60 -18.78 -45.07 7.07
N GLU E 61 -19.28 -44.38 8.08
CA GLU E 61 -20.61 -43.79 8.00
C GLU E 61 -20.77 -42.74 6.90
N ALA E 62 -19.69 -41.99 6.64
CA ALA E 62 -19.69 -40.98 5.59
C ALA E 62 -19.74 -41.67 4.23
N GLY E 63 -18.95 -42.72 4.06
CA GLY E 63 -18.97 -43.53 2.82
C GLY E 63 -20.36 -44.10 2.54
N LEU E 64 -21.02 -44.54 3.60
CA LEU E 64 -22.35 -45.14 3.50
C LEU E 64 -23.39 -44.09 3.10
N GLU E 65 -23.21 -42.86 3.59
CA GLU E 65 -24.16 -41.80 3.31
C GLU E 65 -24.07 -41.37 1.85
N VAL E 66 -22.85 -41.46 1.31
CA VAL E 66 -22.57 -41.24 -0.11
C VAL E 66 -23.28 -42.30 -0.92
N GLU E 67 -23.05 -43.56 -0.55
CA GLU E 67 -23.62 -44.73 -1.27
C GLU E 67 -25.14 -44.78 -1.24
N LYS E 68 -25.69 -44.30 -0.13
CA LYS E 68 -27.12 -44.09 0.03
C LYS E 68 -27.73 -43.29 -1.14
N THR E 69 -26.96 -42.35 -1.70
CA THR E 69 -27.43 -41.56 -2.84
C THR E 69 -27.52 -42.35 -4.15
N GLY E 70 -26.83 -43.50 -4.21
CA GLY E 70 -26.79 -44.33 -5.42
C GLY E 70 -25.47 -44.24 -6.18
N ARG E 71 -24.58 -43.39 -5.69
CA ARG E 71 -23.26 -43.24 -6.28
C ARG E 71 -22.25 -44.09 -5.49
N LYS E 72 -21.01 -44.16 -5.98
CA LYS E 72 -19.94 -44.94 -5.36
C LYS E 72 -19.04 -44.13 -4.40
N ALA E 73 -18.61 -44.77 -3.32
CA ALA E 73 -17.68 -44.17 -2.36
C ALA E 73 -16.45 -45.03 -2.20
N TYR E 74 -15.29 -44.38 -2.16
CA TYR E 74 -14.05 -45.08 -1.82
C TYR E 74 -13.51 -44.40 -0.57
N THR E 75 -13.37 -45.15 0.51
CA THR E 75 -12.86 -44.51 1.73
C THR E 75 -11.45 -44.99 2.02
N ALA E 76 -10.68 -44.13 2.67
CA ALA E 76 -9.36 -44.55 3.10
C ALA E 76 -8.94 -43.70 4.28
N GLU E 77 -8.33 -44.35 5.26
CA GLU E 77 -7.76 -43.65 6.40
C GLU E 77 -6.35 -43.24 5.97
N VAL E 78 -6.12 -41.92 5.92
CA VAL E 78 -4.93 -41.33 5.30
C VAL E 78 -4.65 -39.98 5.96
N ASP E 79 -3.40 -39.78 6.41
CA ASP E 79 -2.91 -38.52 6.99
C ASP E 79 -2.35 -37.66 5.85
N VAL E 80 -2.97 -36.50 5.59
CA VAL E 80 -2.52 -35.63 4.48
C VAL E 80 -1.06 -35.14 4.64
N ARG E 81 -0.50 -35.29 5.85
CA ARG E 81 0.91 -35.01 6.06
C ARG E 81 1.80 -36.08 5.45
N ASP E 82 1.21 -37.23 5.12
CA ASP E 82 1.96 -38.33 4.52
C ASP E 82 1.69 -38.39 3.00
N ARG E 83 2.52 -37.73 2.18
CA ARG E 83 2.24 -37.73 0.73
C ARG E 83 2.28 -39.11 0.06
N ALA E 84 3.24 -39.96 0.46
CA ALA E 84 3.28 -41.35 -0.04
C ALA E 84 1.90 -42.04 0.11
N ALA E 85 1.30 -41.93 1.29
CA ALA E 85 -0.01 -42.50 1.60
C ALA E 85 -1.15 -41.90 0.79
N VAL E 86 -1.14 -40.57 0.63
CA VAL E 86 -2.12 -39.90 -0.21
C VAL E 86 -2.00 -40.42 -1.64
N SER E 87 -0.78 -40.47 -2.15
CA SER E 87 -0.57 -40.95 -3.52
C SER E 87 -0.94 -42.42 -3.72
N ARG E 88 -0.55 -43.28 -2.78
CA ARG E 88 -0.89 -44.71 -2.85
C ARG E 88 -2.40 -44.92 -2.91
N GLU E 89 -3.13 -44.35 -1.94
CA GLU E 89 -4.59 -44.53 -1.87
C GLU E 89 -5.34 -43.89 -3.03
N LEU E 90 -4.86 -42.75 -3.51
CA LEU E 90 -5.47 -42.09 -4.66
C LEU E 90 -5.30 -42.97 -5.90
N ALA E 91 -4.12 -43.54 -6.07
CA ALA E 91 -3.90 -44.54 -7.13
C ALA E 91 -4.96 -45.66 -7.10
N ASN E 92 -5.19 -46.25 -5.92
CA ASN E 92 -6.18 -47.32 -5.75
C ASN E 92 -7.59 -46.84 -6.07
N ALA E 93 -7.91 -45.60 -5.64
CA ALA E 93 -9.26 -45.09 -5.85
C ALA E 93 -9.51 -44.77 -7.33
N VAL E 94 -8.50 -44.21 -7.98
CA VAL E 94 -8.56 -43.86 -9.39
C VAL E 94 -8.69 -45.13 -10.27
N ALA E 95 -7.92 -46.18 -9.97
CA ALA E 95 -8.03 -47.44 -10.71
C ALA E 95 -9.43 -48.07 -10.56
N GLU E 96 -10.13 -47.74 -9.47
CA GLU E 96 -11.48 -48.22 -9.29
C GLU E 96 -12.50 -47.32 -10.00
N PHE E 97 -12.36 -45.99 -9.83
CA PHE E 97 -13.32 -45.05 -10.45
C PHE E 97 -12.96 -44.60 -11.86
N GLY E 98 -11.71 -44.82 -12.25
CA GLY E 98 -11.23 -44.59 -13.63
C GLY E 98 -10.83 -43.16 -14.01
N LYS E 99 -10.91 -42.22 -13.06
CA LYS E 99 -10.99 -40.78 -13.38
C LYS E 99 -10.84 -39.96 -12.09
N LEU E 100 -10.39 -38.70 -12.23
CA LEU E 100 -10.43 -37.72 -11.13
C LEU E 100 -10.66 -36.31 -11.66
N ASP E 101 -11.78 -35.71 -11.26
CA ASP E 101 -12.28 -34.44 -11.80
C ASP E 101 -12.18 -33.25 -10.86
N VAL E 102 -12.34 -33.52 -9.57
CA VAL E 102 -12.46 -32.45 -8.57
C VAL E 102 -11.68 -32.82 -7.30
N VAL E 103 -10.91 -31.86 -6.79
CA VAL E 103 -10.16 -32.08 -5.56
C VAL E 103 -10.69 -31.08 -4.53
N VAL E 104 -11.07 -31.57 -3.36
CA VAL E 104 -11.52 -30.70 -2.26
C VAL E 104 -10.59 -30.90 -1.08
N ALA E 105 -9.65 -29.97 -0.91
CA ALA E 105 -8.62 -30.13 0.11
C ALA E 105 -9.11 -29.47 1.37
N ASN E 106 -9.88 -30.24 2.11
CA ASN E 106 -10.64 -29.69 3.20
C ASN E 106 -10.12 -30.05 4.60
N ALA E 107 -9.27 -31.06 4.67
CA ALA E 107 -8.75 -31.55 5.97
C ALA E 107 -8.02 -30.46 6.75
N GLY E 108 -8.30 -30.38 8.06
CA GLY E 108 -7.59 -29.39 8.87
C GLY E 108 -7.81 -29.57 10.35
N ILE E 109 -6.91 -28.97 11.12
CA ILE E 109 -6.95 -28.94 12.58
C ILE E 109 -6.82 -27.49 12.98
N CYS E 110 -7.13 -27.19 14.23
CA CYS E 110 -7.02 -25.85 14.75
C CYS E 110 -6.51 -25.94 16.18
N PRO E 111 -5.20 -26.16 16.32
CA PRO E 111 -4.61 -26.48 17.61
C PRO E 111 -4.34 -25.25 18.49
N LEU E 112 -5.40 -24.52 18.83
CA LEU E 112 -5.30 -23.34 19.67
C LEU E 112 -4.92 -23.67 21.09
N GLY E 113 -4.30 -22.69 21.74
CA GLY E 113 -4.00 -22.70 23.18
C GLY E 113 -2.76 -21.88 23.49
N ALA E 114 -2.85 -20.95 24.44
CA ALA E 114 -1.71 -20.07 24.77
C ALA E 114 -0.63 -20.83 25.52
N HIS E 115 -1.01 -21.98 26.08
CA HIS E 115 -0.11 -22.81 26.88
C HIS E 115 0.67 -23.88 26.04
N LEU E 116 0.42 -23.96 24.73
CA LEU E 116 1.01 -25.01 23.90
C LEU E 116 2.40 -24.65 23.40
N PRO E 117 3.26 -25.67 23.16
CA PRO E 117 4.63 -25.37 22.74
C PRO E 117 4.70 -25.08 21.23
N VAL E 118 5.86 -24.74 20.70
CA VAL E 118 5.98 -24.41 19.26
C VAL E 118 5.59 -25.57 18.34
N GLN E 119 5.64 -26.80 18.85
CA GLN E 119 5.14 -27.94 18.10
C GLN E 119 3.73 -27.71 17.54
N ALA E 120 2.88 -27.03 18.32
CA ALA E 120 1.51 -26.74 17.87
C ALA E 120 1.48 -25.93 16.57
N PHE E 121 2.44 -25.01 16.39
CA PHE E 121 2.59 -24.22 15.16
C PHE E 121 2.99 -25.11 14.00
N ALA E 122 4.03 -25.92 14.17
CA ALA E 122 4.39 -26.91 13.16
C ALA E 122 3.25 -27.86 12.79
N ASP E 123 2.51 -28.37 13.79
CA ASP E 123 1.41 -29.29 13.47
C ASP E 123 0.32 -28.56 12.68
N ALA E 124 -0.05 -27.33 13.10
CA ALA E 124 -1.06 -26.58 12.35
C ALA E 124 -0.59 -26.43 10.91
N PHE E 125 0.66 -26.00 10.76
CA PHE E 125 1.27 -25.78 9.43
C PHE E 125 1.44 -27.05 8.55
N ASP E 126 1.90 -28.15 9.16
CA ASP E 126 2.03 -29.41 8.46
C ASP E 126 0.73 -29.91 7.89
N VAL E 127 -0.33 -29.80 8.68
CA VAL E 127 -1.66 -30.27 8.29
C VAL E 127 -2.36 -29.27 7.36
N ASP E 128 -2.43 -28.02 7.82
CA ASP E 128 -3.22 -27.00 7.14
C ASP E 128 -2.58 -26.42 5.87
N PHE E 129 -1.26 -26.44 5.75
CA PHE E 129 -0.68 -26.00 4.52
C PHE E 129 -0.02 -27.13 3.74
N VAL E 130 0.98 -27.77 4.36
CA VAL E 130 1.69 -28.88 3.71
C VAL E 130 0.71 -30.00 3.32
N GLY E 131 -0.30 -30.25 4.18
CA GLY E 131 -1.35 -31.21 3.87
C GLY E 131 -2.12 -30.86 2.60
N VAL E 132 -2.36 -29.57 2.39
CA VAL E 132 -3.04 -29.10 1.18
C VAL E 132 -2.13 -29.29 -0.03
N ILE E 133 -0.85 -28.91 0.12
CA ILE E 133 0.15 -29.10 -0.94
C ILE E 133 0.23 -30.57 -1.31
N ASN E 134 0.37 -31.44 -0.32
CA ASN E 134 0.44 -32.89 -0.59
C ASN E 134 -0.77 -33.41 -1.34
N THR E 135 -1.96 -32.96 -0.92
CA THR E 135 -3.19 -33.34 -1.57
C THR E 135 -3.21 -32.94 -3.04
N VAL E 136 -2.96 -31.67 -3.32
CA VAL E 136 -2.99 -31.14 -4.66
C VAL E 136 -1.89 -31.77 -5.50
N HIS E 137 -0.68 -31.83 -4.94
CA HIS E 137 0.47 -32.33 -5.71
C HIS E 137 0.27 -33.81 -6.09
N ALA E 138 -0.29 -34.58 -5.16
CA ALA E 138 -0.76 -35.94 -5.46
C ALA E 138 -1.83 -36.04 -6.56
N ALA E 139 -2.75 -35.08 -6.62
CA ALA E 139 -3.84 -35.10 -7.60
C ALA E 139 -3.40 -34.65 -8.97
N LEU E 140 -2.40 -33.76 -9.02
CA LEU E 140 -1.96 -33.15 -10.27
C LEU E 140 -1.81 -34.09 -11.50
N PRO E 141 -1.12 -35.26 -11.36
CA PRO E 141 -0.94 -36.15 -12.53
C PRO E 141 -2.24 -36.60 -13.19
N TYR E 142 -3.33 -36.64 -12.41
CA TYR E 142 -4.59 -37.23 -12.87
C TYR E 142 -5.56 -36.24 -13.56
N LEU E 143 -5.26 -34.94 -13.49
CA LEU E 143 -6.25 -33.95 -13.93
C LEU E 143 -6.24 -33.71 -15.43
N THR E 144 -7.44 -33.50 -15.97
CA THR E 144 -7.62 -33.25 -17.39
C THR E 144 -8.31 -31.90 -17.53
N SER E 145 -8.52 -31.48 -18.78
CA SER E 145 -9.29 -30.29 -19.09
C SER E 145 -10.57 -30.25 -18.27
N GLY E 146 -10.91 -29.06 -17.76
CA GLY E 146 -12.15 -28.83 -17.04
C GLY E 146 -12.14 -29.26 -15.59
N ALA E 147 -10.98 -29.74 -15.10
CA ALA E 147 -10.85 -30.15 -13.69
C ALA E 147 -10.98 -28.95 -12.72
N SER E 148 -11.34 -29.22 -11.46
CA SER E 148 -11.59 -28.16 -10.50
C SER E 148 -10.91 -28.47 -9.15
N ILE E 149 -10.08 -27.55 -8.68
CA ILE E 149 -9.42 -27.73 -7.40
C ILE E 149 -9.97 -26.74 -6.40
N ILE E 150 -10.43 -27.24 -5.26
CA ILE E 150 -11.09 -26.38 -4.30
C ILE E 150 -10.39 -26.52 -2.97
N THR E 151 -9.82 -25.44 -2.46
CA THR E 151 -9.14 -25.52 -1.16
C THR E 151 -9.95 -24.81 -0.07
N THR E 152 -9.72 -25.12 1.20
CA THR E 152 -10.50 -24.46 2.25
C THR E 152 -9.61 -23.56 3.07
N GLY E 153 -9.92 -22.26 3.00
CA GLY E 153 -9.18 -21.24 3.70
C GLY E 153 -9.82 -21.00 5.06
N SER E 154 -9.90 -19.74 5.42
CA SER E 154 -10.49 -19.31 6.67
C SER E 154 -10.47 -17.79 6.69
N VAL E 155 -11.63 -17.19 6.92
CA VAL E 155 -11.73 -15.75 7.13
C VAL E 155 -10.90 -15.27 8.35
N ALA E 156 -11.08 -15.94 9.49
CA ALA E 156 -10.30 -15.58 10.70
C ALA E 156 -8.78 -15.63 10.45
N GLY E 157 -8.33 -16.60 9.67
CA GLY E 157 -6.96 -16.67 9.19
C GLY E 157 -6.57 -15.44 8.38
N LEU E 158 -7.34 -15.11 7.34
CA LEU E 158 -7.11 -13.88 6.58
C LEU E 158 -6.96 -12.65 7.50
N ILE E 159 -7.96 -12.38 8.32
CA ILE E 159 -7.97 -11.26 9.27
C ILE E 159 -6.67 -11.13 10.06
N ALA E 160 -6.20 -12.26 10.63
CA ALA E 160 -4.87 -12.32 11.27
C ALA E 160 -3.76 -11.56 10.50
N ALA E 161 -3.79 -11.65 9.16
CA ALA E 161 -2.94 -10.84 8.30
C ALA E 161 -3.43 -9.39 8.29
N PRO E 170 -2.06 -15.34 22.71
CA PRO E 170 -3.34 -15.85 23.29
C PRO E 170 -3.88 -17.07 22.51
N GLN E 171 -4.08 -16.90 21.19
CA GLN E 171 -4.29 -18.01 20.26
C GLN E 171 -3.18 -19.09 20.35
N GLY E 172 -2.01 -18.69 20.89
CA GLY E 172 -0.82 -19.53 21.01
C GLY E 172 -0.16 -19.88 19.68
N PRO E 173 0.97 -20.65 19.72
CA PRO E 173 1.69 -21.03 18.50
C PRO E 173 0.82 -21.73 17.49
N GLY E 174 -0.08 -22.59 17.96
CA GLY E 174 -1.06 -23.27 17.09
C GLY E 174 -1.93 -22.30 16.32
N GLY E 175 -2.40 -21.25 17.00
CA GLY E 175 -3.23 -20.21 16.36
C GLY E 175 -2.47 -19.47 15.28
N ALA E 176 -1.26 -19.04 15.63
CA ALA E 176 -0.31 -18.45 14.66
C ALA E 176 -0.06 -19.32 13.43
N GLY E 177 0.22 -20.61 13.66
CA GLY E 177 0.40 -21.59 12.60
C GLY E 177 -0.83 -21.74 11.74
N TYR E 178 -1.98 -21.85 12.38
CA TYR E 178 -3.26 -21.92 11.68
C TYR E 178 -3.42 -20.75 10.71
N SER E 179 -3.31 -19.53 11.27
CA SER E 179 -3.55 -18.30 10.51
C SER E 179 -2.57 -18.22 9.35
N TYR E 180 -1.30 -18.48 9.64
CA TYR E 180 -0.31 -18.39 8.58
C TYR E 180 -0.55 -19.47 7.52
N ALA E 181 -0.86 -20.70 7.94
CA ALA E 181 -1.18 -21.74 6.99
C ALA E 181 -2.32 -21.34 6.04
N LYS E 182 -3.41 -20.78 6.60
CA LYS E 182 -4.57 -20.34 5.80
C LYS E 182 -4.24 -19.17 4.84
N GLN E 183 -3.43 -18.21 5.28
CA GLN E 183 -2.94 -17.19 4.35
C GLN E 183 -2.18 -17.84 3.18
N LEU E 184 -1.35 -18.85 3.48
CA LEU E 184 -0.63 -19.49 2.39
C LEU E 184 -1.53 -20.35 1.53
N VAL E 185 -2.59 -20.94 2.11
CA VAL E 185 -3.50 -21.73 1.28
C VAL E 185 -4.07 -20.76 0.24
N ASP E 186 -4.44 -19.57 0.67
CA ASP E 186 -4.98 -18.57 -0.24
C ASP E 186 -3.98 -18.21 -1.39
N SER E 187 -2.75 -17.82 -1.04
CA SER E 187 -1.83 -17.32 -2.07
C SER E 187 -1.31 -18.48 -2.94
N TYR E 188 -1.18 -19.66 -2.32
CA TYR E 188 -0.85 -20.85 -3.07
C TYR E 188 -1.92 -21.19 -4.09
N THR E 189 -3.19 -21.16 -3.69
CA THR E 189 -4.29 -21.46 -4.61
C THR E 189 -4.31 -20.53 -5.81
N LEU E 190 -4.06 -19.24 -5.61
CA LEU E 190 -4.01 -18.32 -6.75
C LEU E 190 -2.82 -18.56 -7.68
N GLN E 191 -1.65 -18.86 -7.09
CA GLN E 191 -0.48 -19.21 -7.89
C GLN E 191 -0.74 -20.45 -8.73
N LEU E 192 -1.41 -21.43 -8.14
CA LEU E 192 -1.73 -22.67 -8.85
C LEU E 192 -2.77 -22.42 -9.94
N ALA E 193 -3.76 -21.54 -9.68
CA ALA E 193 -4.73 -21.19 -10.70
C ALA E 193 -4.10 -20.61 -11.96
N ALA E 194 -3.15 -19.68 -11.77
CA ALA E 194 -2.32 -19.15 -12.86
C ALA E 194 -1.61 -20.23 -13.68
N GLN E 195 -1.04 -21.22 -13.00
CA GLN E 195 -0.25 -22.24 -13.69
C GLN E 195 -1.11 -23.29 -14.36
N LEU E 196 -2.34 -23.46 -13.89
CA LEU E 196 -3.23 -24.46 -14.46
C LEU E 196 -4.20 -23.89 -15.52
N ALA E 197 -4.33 -22.57 -15.56
CA ALA E 197 -5.28 -21.92 -16.47
C ALA E 197 -5.09 -22.32 -17.95
N PRO E 198 -3.83 -22.44 -18.43
CA PRO E 198 -3.66 -22.87 -19.83
C PRO E 198 -4.35 -24.20 -20.19
N GLN E 199 -4.47 -25.11 -19.23
CA GLN E 199 -5.14 -26.38 -19.49
C GLN E 199 -6.61 -26.35 -19.04
N SER E 200 -7.21 -25.15 -18.94
CA SER E 200 -8.61 -25.00 -18.51
C SER E 200 -8.94 -25.81 -17.26
N ILE E 201 -7.94 -25.95 -16.38
CA ILE E 201 -8.13 -26.45 -15.02
C ILE E 201 -8.20 -25.28 -14.03
N ARG E 202 -9.24 -25.27 -13.19
CA ARG E 202 -9.37 -24.13 -12.27
C ARG E 202 -9.03 -24.44 -10.79
N ALA E 203 -8.70 -23.42 -10.03
CA ALA E 203 -8.39 -23.58 -8.60
C ALA E 203 -8.97 -22.37 -7.90
N ASN E 204 -9.77 -22.62 -6.86
CA ASN E 204 -10.40 -21.58 -6.09
C ASN E 204 -10.28 -21.91 -4.59
N VAL E 205 -10.25 -20.89 -3.74
CA VAL E 205 -10.18 -21.11 -2.29
C VAL E 205 -11.48 -20.65 -1.64
N ILE E 206 -12.07 -21.46 -0.78
CA ILE E 206 -13.28 -20.99 -0.03
C ILE E 206 -12.84 -20.52 1.35
N HIS E 207 -13.24 -19.31 1.74
CA HIS E 207 -12.96 -18.75 3.08
C HIS E 207 -14.21 -18.69 3.93
N PRO E 208 -14.42 -19.70 4.79
CA PRO E 208 -15.61 -19.67 5.64
C PRO E 208 -15.36 -18.79 6.86
N THR E 209 -16.41 -18.17 7.41
CA THR E 209 -16.39 -17.67 8.78
C THR E 209 -16.64 -18.87 9.72
N ASN E 210 -16.92 -18.63 11.00
CA ASN E 210 -17.47 -19.69 11.88
C ASN E 210 -18.36 -20.68 11.12
N VAL E 211 -18.05 -21.96 11.23
CA VAL E 211 -18.92 -23.03 10.72
C VAL E 211 -19.25 -23.99 11.87
N ASN E 212 -20.54 -24.32 11.97
CA ASN E 212 -21.11 -25.21 12.99
C ASN E 212 -20.69 -26.67 12.81
N THR E 213 -19.42 -26.93 13.13
CA THR E 213 -18.79 -28.24 13.16
C THR E 213 -18.02 -28.43 14.49
N ASP E 214 -17.43 -29.61 14.70
CA ASP E 214 -16.64 -29.91 15.91
C ASP E 214 -15.37 -29.05 16.08
N MET E 215 -14.86 -28.48 14.99
CA MET E 215 -13.73 -27.54 15.14
C MET E 215 -14.15 -26.29 15.91
N LEU E 216 -15.30 -25.72 15.54
CA LEU E 216 -15.81 -24.52 16.21
C LEU E 216 -16.36 -24.87 17.59
N ASN E 217 -17.01 -26.03 17.67
CA ASN E 217 -17.66 -26.45 18.90
C ASN E 217 -16.66 -27.29 19.71
N SER E 218 -15.63 -26.63 20.23
CA SER E 218 -14.52 -27.34 20.86
C SER E 218 -14.00 -26.48 21.98
N ALA E 219 -13.43 -27.15 23.00
CA ALA E 219 -13.00 -26.44 24.20
C ALA E 219 -11.94 -25.36 23.91
N PRO E 220 -10.95 -25.64 23.04
CA PRO E 220 -9.98 -24.59 22.72
C PRO E 220 -10.63 -23.38 22.04
N MET E 221 -11.61 -23.64 21.17
CA MET E 221 -12.31 -22.55 20.50
C MET E 221 -13.14 -21.71 21.48
N TYR E 222 -13.73 -22.35 22.51
CA TYR E 222 -14.54 -21.59 23.49
C TYR E 222 -13.64 -20.66 24.26
N ARG E 223 -12.44 -21.12 24.57
CA ARG E 223 -11.46 -20.27 25.26
C ARG E 223 -10.94 -19.12 24.37
N GLN E 224 -10.80 -19.39 23.08
CA GLN E 224 -10.40 -18.39 22.09
C GLN E 224 -11.44 -17.27 22.00
N PHE E 225 -12.72 -17.65 22.01
CA PHE E 225 -13.84 -16.69 21.95
C PHE E 225 -14.20 -16.03 23.27
N ARG E 226 -13.77 -16.59 24.40
CA ARG E 226 -14.02 -15.94 25.68
C ARG E 226 -12.75 -15.83 26.52
N PRO E 227 -11.79 -14.99 26.06
CA PRO E 227 -10.52 -14.83 26.80
C PRO E 227 -10.75 -14.07 28.11
N ASP E 228 -11.95 -13.51 28.29
CA ASP E 228 -12.33 -12.88 29.54
C ASP E 228 -12.69 -13.90 30.64
N LEU E 229 -12.82 -15.17 30.26
CA LEU E 229 -13.20 -16.21 31.20
C LEU E 229 -12.12 -17.28 31.28
N GLU E 230 -11.85 -17.74 32.51
CA GLU E 230 -10.87 -18.82 32.73
C GLU E 230 -11.38 -20.17 32.25
N ALA E 231 -12.68 -20.39 32.38
CA ALA E 231 -13.26 -21.70 32.08
C ALA E 231 -14.65 -21.56 31.42
N PRO E 232 -14.71 -20.97 30.20
CA PRO E 232 -15.98 -20.76 29.51
C PRO E 232 -16.67 -22.07 29.06
N SER E 233 -17.99 -22.12 29.18
CA SER E 233 -18.77 -23.23 28.64
C SER E 233 -19.11 -22.95 27.17
N ARG E 234 -19.75 -23.91 26.49
CA ARG E 234 -20.25 -23.65 25.14
C ARG E 234 -21.21 -22.45 25.13
N ALA E 235 -22.10 -22.40 26.13
CA ALA E 235 -23.06 -21.31 26.31
C ALA E 235 -22.39 -19.93 26.43
N ASP E 236 -21.32 -19.83 27.23
CA ASP E 236 -20.50 -18.59 27.31
C ASP E 236 -19.90 -18.18 25.96
N ALA E 237 -19.34 -19.18 25.26
CA ALA E 237 -18.80 -18.97 23.92
C ALA E 237 -19.88 -18.60 22.87
N LEU E 238 -21.02 -19.29 22.91
CA LEU E 238 -22.09 -19.03 21.95
C LEU E 238 -22.55 -17.56 21.99
N LEU E 239 -22.42 -16.93 23.15
CA LEU E 239 -22.67 -15.49 23.30
C LEU E 239 -21.71 -14.61 22.50
N ALA E 240 -20.47 -15.09 22.31
CA ALA E 240 -19.43 -14.35 21.59
C ALA E 240 -19.37 -14.69 20.09
N PHE E 241 -19.87 -15.87 19.69
CA PHE E 241 -19.79 -16.33 18.28
C PHE E 241 -20.34 -15.35 17.24
N PRO E 242 -21.47 -14.67 17.53
CA PRO E 242 -22.07 -13.74 16.52
C PRO E 242 -21.23 -12.52 16.14
N ALA E 243 -20.41 -12.02 17.07
CA ALA E 243 -19.52 -10.86 16.85
C ALA E 243 -18.63 -11.03 15.59
N MET E 244 -18.38 -12.28 15.20
CA MET E 244 -17.55 -12.54 14.04
C MET E 244 -18.30 -12.20 12.72
N GLN E 245 -19.63 -12.32 12.70
CA GLN E 245 -20.41 -12.11 11.49
C GLN E 245 -21.04 -10.74 11.47
N ALA E 246 -21.31 -10.23 10.28
CA ALA E 246 -22.07 -8.98 10.13
C ALA E 246 -23.58 -9.28 10.13
N MET E 247 -23.98 -10.38 9.49
CA MET E 247 -25.33 -10.91 9.59
C MET E 247 -25.57 -11.44 11.01
N PRO E 248 -26.83 -11.41 11.48
CA PRO E 248 -27.05 -11.88 12.84
C PRO E 248 -27.11 -13.42 12.90
N THR E 249 -25.95 -14.05 13.04
CA THR E 249 -25.86 -15.50 13.16
C THR E 249 -24.60 -15.81 13.98
N PRO E 250 -24.60 -16.94 14.73
CA PRO E 250 -23.34 -17.32 15.39
C PRO E 250 -22.34 -18.03 14.45
N TYR E 251 -22.81 -18.53 13.30
CA TYR E 251 -22.01 -19.33 12.38
C TYR E 251 -22.80 -19.61 11.12
N VAL E 252 -22.11 -20.05 10.09
CA VAL E 252 -22.78 -20.65 8.95
C VAL E 252 -22.79 -22.17 9.19
N GLU E 253 -23.54 -22.92 8.37
CA GLU E 253 -23.65 -24.39 8.53
C GLU E 253 -22.79 -25.04 7.48
N ALA E 254 -22.41 -26.30 7.69
CA ALA E 254 -21.64 -26.98 6.67
C ALA E 254 -22.34 -26.88 5.29
N SER E 255 -23.68 -26.96 5.26
CA SER E 255 -24.42 -26.88 4.00
C SER E 255 -24.17 -25.59 3.23
N ASP E 256 -23.96 -24.48 3.94
CA ASP E 256 -23.56 -23.24 3.27
C ASP E 256 -22.20 -23.39 2.53
N ILE E 257 -21.21 -24.04 3.15
CA ILE E 257 -19.91 -24.25 2.42
C ILE E 257 -20.09 -25.22 1.25
N SER E 258 -20.85 -26.29 1.50
CA SER E 258 -21.15 -27.28 0.50
C SER E 258 -21.88 -26.68 -0.73
N ASN E 259 -22.81 -25.74 -0.54
CA ASN E 259 -23.38 -25.06 -1.68
C ASN E 259 -22.36 -24.35 -2.58
N ALA E 260 -21.36 -23.74 -1.94
CA ALA E 260 -20.28 -23.08 -2.66
C ALA E 260 -19.34 -24.13 -3.33
N VAL E 261 -18.98 -25.19 -2.59
CA VAL E 261 -18.24 -26.32 -3.16
C VAL E 261 -18.92 -26.91 -4.46
N CYS E 262 -20.24 -27.05 -4.42
CA CYS E 262 -21.00 -27.60 -5.55
C CYS E 262 -20.99 -26.69 -6.77
N PHE E 263 -21.12 -25.38 -6.54
CA PHE E 263 -20.96 -24.42 -7.64
C PHE E 263 -19.57 -24.61 -8.31
N LEU E 264 -18.52 -24.64 -7.48
CA LEU E 264 -17.13 -24.71 -7.98
C LEU E 264 -16.77 -26.05 -8.64
N ALA E 265 -17.39 -27.12 -8.17
CA ALA E 265 -17.16 -28.44 -8.72
C ALA E 265 -17.95 -28.67 -10.02
N SER E 266 -19.03 -27.91 -10.20
CA SER E 266 -19.95 -28.10 -11.34
C SER E 266 -19.36 -27.46 -12.58
N ASP E 267 -19.71 -27.96 -13.78
CA ASP E 267 -19.35 -27.25 -15.04
C ASP E 267 -19.88 -25.81 -15.14
N GLU E 268 -20.85 -25.47 -14.29
CA GLU E 268 -21.39 -24.10 -14.21
C GLU E 268 -20.34 -23.03 -13.86
N SER E 269 -19.19 -23.44 -13.34
CA SER E 269 -18.13 -22.48 -12.96
C SER E 269 -16.84 -22.68 -13.76
N ARG E 270 -17.01 -23.20 -14.97
CA ARG E 270 -15.93 -23.55 -15.86
C ARG E 270 -14.93 -22.41 -16.08
N TYR E 271 -15.41 -21.16 -15.98
CA TYR E 271 -14.51 -20.01 -16.09
C TYR E 271 -14.29 -19.24 -14.78
N VAL E 272 -14.52 -19.91 -13.65
CA VAL E 272 -14.24 -19.33 -12.33
C VAL E 272 -12.95 -19.93 -11.79
N THR E 273 -11.92 -19.09 -11.69
CA THR E 273 -10.61 -19.55 -11.23
C THR E 273 -9.90 -18.37 -10.57
N GLY E 274 -9.12 -18.65 -9.54
CA GLY E 274 -8.37 -17.64 -8.82
C GLY E 274 -9.26 -16.83 -7.89
N LEU E 275 -10.46 -17.35 -7.64
CA LEU E 275 -11.43 -16.67 -6.76
C LEU E 275 -11.22 -17.00 -5.28
N GLN E 276 -11.19 -15.96 -4.46
CA GLN E 276 -11.17 -16.11 -3.00
C GLN E 276 -12.64 -15.98 -2.57
N PHE E 277 -13.27 -17.14 -2.42
CA PHE E 277 -14.74 -17.30 -2.35
C PHE E 277 -15.17 -17.27 -0.87
N LYS E 278 -15.44 -16.08 -0.37
CA LYS E 278 -15.88 -15.85 1.02
C LYS E 278 -17.33 -16.36 1.18
N VAL E 279 -17.53 -17.16 2.22
CA VAL E 279 -18.88 -17.52 2.71
C VAL E 279 -18.80 -17.16 4.19
N ASP E 280 -18.89 -15.87 4.46
CA ASP E 280 -18.50 -15.37 5.74
C ASP E 280 -19.59 -14.59 6.48
N ALA E 281 -20.80 -14.54 5.91
CA ALA E 281 -21.90 -13.75 6.47
C ALA E 281 -21.45 -12.32 6.76
N GLY E 282 -20.46 -11.83 5.99
CA GLY E 282 -20.07 -10.41 6.14
C GLY E 282 -18.95 -10.15 7.12
N ALA E 283 -18.36 -11.23 7.60
CA ALA E 283 -17.25 -11.16 8.56
C ALA E 283 -16.11 -10.21 8.11
N MET E 284 -15.70 -10.35 6.84
CA MET E 284 -14.66 -9.47 6.27
C MET E 284 -15.07 -8.00 6.17
N LEU E 285 -16.36 -7.71 6.19
CA LEU E 285 -16.81 -6.32 6.15
C LEU E 285 -16.48 -5.55 7.43
N LYS E 286 -16.06 -6.27 8.47
CA LYS E 286 -15.60 -5.59 9.70
C LYS E 286 -14.11 -5.25 9.62
N PHE E 287 -13.54 -5.43 8.42
CA PHE E 287 -12.09 -5.35 8.10
C PHE E 287 -11.23 -6.20 9.04
N GLY F 1 -39.82 -28.78 -16.00
CA GLY F 1 -41.29 -29.13 -16.55
C GLY F 1 -42.35 -28.80 -15.50
N PRO F 2 -43.64 -29.07 -15.83
CA PRO F 2 -44.80 -28.72 -14.95
C PRO F 2 -44.60 -29.15 -13.47
N GLY F 3 -44.48 -28.15 -12.59
CA GLY F 3 -44.39 -28.38 -11.15
C GLY F 3 -43.00 -28.73 -10.64
N SER F 4 -41.97 -28.41 -11.42
CA SER F 4 -40.59 -28.56 -10.94
C SER F 4 -40.32 -27.55 -9.82
N MET F 5 -39.60 -27.97 -8.76
CA MET F 5 -39.11 -27.05 -7.73
C MET F 5 -37.68 -26.59 -8.05
N GLY F 6 -37.52 -25.29 -8.34
CA GLY F 6 -36.23 -24.76 -8.80
C GLY F 6 -35.39 -24.10 -7.73
N ARG F 7 -34.15 -23.76 -8.09
CA ARG F 7 -33.20 -23.17 -7.15
C ARG F 7 -33.60 -21.75 -6.69
N VAL F 8 -34.51 -21.11 -7.44
CA VAL F 8 -35.01 -19.79 -7.10
C VAL F 8 -36.56 -19.75 -7.08
N GLN F 9 -37.15 -20.89 -6.69
CA GLN F 9 -38.60 -21.13 -6.70
C GLN F 9 -39.48 -20.02 -6.11
N ASP F 10 -40.34 -19.44 -6.95
CA ASP F 10 -41.37 -18.48 -6.54
C ASP F 10 -40.83 -17.07 -6.18
N LYS F 11 -39.54 -16.84 -6.38
CA LYS F 11 -39.00 -15.53 -6.06
C LYS F 11 -39.40 -14.55 -7.14
N VAL F 12 -39.46 -13.26 -6.77
CA VAL F 12 -39.67 -12.17 -7.71
C VAL F 12 -38.34 -11.42 -7.85
N VAL F 13 -37.87 -11.29 -9.10
CA VAL F 13 -36.53 -10.74 -9.43
C VAL F 13 -36.62 -9.52 -10.37
N LEU F 14 -36.00 -8.41 -9.99
CA LEU F 14 -35.85 -7.27 -10.89
C LEU F 14 -34.53 -7.37 -11.67
N VAL F 15 -34.60 -7.28 -12.99
CA VAL F 15 -33.40 -7.31 -13.82
C VAL F 15 -33.35 -6.08 -14.71
N THR F 16 -32.42 -5.16 -14.43
CA THR F 16 -32.21 -4.02 -15.32
C THR F 16 -31.32 -4.42 -16.53
N GLY F 17 -31.59 -3.79 -17.68
CA GLY F 17 -30.95 -4.15 -18.93
C GLY F 17 -31.28 -5.59 -19.30
N GLY F 18 -32.52 -5.97 -19.03
CA GLY F 18 -32.98 -7.35 -19.22
C GLY F 18 -33.43 -7.68 -20.64
N ALA F 19 -33.25 -6.75 -21.57
CA ALA F 19 -33.74 -6.92 -22.96
C ALA F 19 -32.90 -7.86 -23.84
N ARG F 20 -31.58 -7.88 -23.65
CA ARG F 20 -30.69 -8.79 -24.38
C ARG F 20 -29.45 -9.06 -23.53
N GLY F 21 -28.51 -9.81 -24.09
CA GLY F 21 -27.21 -10.00 -23.47
C GLY F 21 -27.31 -10.69 -22.12
N GLN F 22 -26.48 -10.24 -21.18
CA GLN F 22 -26.42 -10.89 -19.89
C GLN F 22 -27.76 -10.81 -19.18
N GLY F 23 -28.41 -9.66 -19.29
CA GLY F 23 -29.65 -9.41 -18.57
C GLY F 23 -30.76 -10.39 -18.94
N ARG F 24 -30.94 -10.57 -20.26
CA ARG F 24 -31.92 -11.50 -20.77
C ARG F 24 -31.53 -12.88 -20.29
N SER F 25 -30.25 -13.23 -20.47
CA SER F 25 -29.69 -14.50 -20.02
C SER F 25 -30.05 -14.79 -18.54
N HIS F 26 -29.82 -13.82 -17.65
CA HIS F 26 -30.17 -13.97 -16.23
C HIS F 26 -31.66 -14.19 -16.07
N ALA F 27 -32.46 -13.36 -16.75
CA ALA F 27 -33.92 -13.43 -16.64
C ALA F 27 -34.40 -14.85 -16.94
N VAL F 28 -33.94 -15.39 -18.06
CA VAL F 28 -34.27 -16.77 -18.50
C VAL F 28 -33.80 -17.85 -17.49
N LYS F 29 -32.52 -17.82 -17.12
CA LYS F 29 -31.95 -18.82 -16.18
C LYS F 29 -32.70 -18.86 -14.84
N LEU F 30 -33.05 -17.69 -14.31
CA LEU F 30 -33.81 -17.55 -13.06
C LEU F 30 -35.28 -17.97 -13.23
N ALA F 31 -35.83 -17.74 -14.43
CA ALA F 31 -37.14 -18.29 -14.78
C ALA F 31 -37.11 -19.84 -14.84
N GLU F 32 -36.14 -20.40 -15.57
CA GLU F 32 -35.94 -21.84 -15.61
C GLU F 32 -35.81 -22.45 -14.21
N GLU F 33 -35.33 -21.64 -13.27
CA GLU F 33 -35.11 -22.07 -11.88
C GLU F 33 -36.23 -21.60 -10.98
N GLY F 34 -37.30 -21.07 -11.58
CA GLY F 34 -38.56 -20.93 -10.86
C GLY F 34 -39.02 -19.55 -10.49
N ALA F 35 -38.19 -18.54 -10.76
CA ALA F 35 -38.50 -17.13 -10.46
C ALA F 35 -39.33 -16.41 -11.52
N ASP F 36 -40.19 -15.50 -11.06
CA ASP F 36 -40.93 -14.60 -11.94
C ASP F 36 -40.14 -13.31 -12.08
N ILE F 37 -40.06 -12.78 -13.30
CA ILE F 37 -39.09 -11.72 -13.59
C ILE F 37 -39.73 -10.38 -13.94
N ILE F 38 -39.21 -9.33 -13.33
CA ILE F 38 -39.48 -7.95 -13.73
C ILE F 38 -38.27 -7.48 -14.56
N LEU F 39 -38.53 -7.12 -15.82
CA LEU F 39 -37.48 -6.73 -16.75
C LEU F 39 -37.62 -5.24 -17.10
N PHE F 40 -36.51 -4.52 -16.95
CA PHE F 40 -36.41 -3.11 -17.27
C PHE F 40 -35.31 -2.92 -18.31
N ASP F 41 -35.60 -2.16 -19.36
CA ASP F 41 -34.58 -1.76 -20.30
C ASP F 41 -34.97 -0.44 -20.92
N ILE F 42 -33.97 0.41 -21.17
CA ILE F 42 -34.16 1.74 -21.77
C ILE F 42 -34.82 1.70 -23.16
N CYS F 43 -34.42 0.72 -23.97
CA CYS F 43 -35.03 0.45 -25.29
C CYS F 43 -34.82 1.50 -26.36
N HIS F 44 -33.84 2.38 -26.13
CA HIS F 44 -33.33 3.29 -27.14
C HIS F 44 -31.82 3.49 -27.01
N ASP F 45 -31.24 4.14 -28.01
CA ASP F 45 -29.80 4.44 -28.07
C ASP F 45 -29.40 5.61 -27.16
N ILE F 46 -28.10 5.69 -26.89
CA ILE F 46 -27.54 6.85 -26.19
C ILE F 46 -26.45 7.43 -27.07
N GLU F 47 -26.52 8.73 -27.33
CA GLU F 47 -25.74 9.36 -28.40
C GLU F 47 -24.22 9.10 -28.31
N THR F 48 -23.67 9.14 -27.10
CA THR F 48 -22.22 8.92 -26.93
C THR F 48 -21.84 7.45 -26.99
N ASN F 49 -22.82 6.57 -26.90
CA ASN F 49 -22.55 5.13 -26.96
C ASN F 49 -22.67 4.60 -28.41
N GLU F 50 -21.56 4.56 -29.14
CA GLU F 50 -21.58 4.37 -30.60
C GLU F 50 -21.73 2.92 -31.05
N TYR F 51 -22.69 2.24 -30.43
CA TYR F 51 -23.22 0.95 -30.88
C TYR F 51 -24.69 0.91 -30.40
N PRO F 52 -25.57 0.21 -31.14
CA PRO F 52 -26.99 0.27 -30.77
C PRO F 52 -27.30 -0.49 -29.48
N LEU F 53 -28.18 0.10 -28.68
CA LEU F 53 -28.69 -0.57 -27.49
C LEU F 53 -29.87 -1.45 -27.85
N ALA F 54 -30.52 -2.05 -26.86
CA ALA F 54 -31.71 -2.87 -27.12
C ALA F 54 -32.86 -2.05 -27.72
N THR F 55 -33.73 -2.75 -28.44
CA THR F 55 -34.94 -2.18 -29.06
C THR F 55 -36.17 -2.60 -28.24
N SER F 56 -37.35 -2.07 -28.56
CA SER F 56 -38.60 -2.42 -27.85
C SER F 56 -38.96 -3.89 -28.07
N ARG F 57 -38.78 -4.32 -29.32
CA ARG F 57 -38.97 -5.72 -29.71
C ARG F 57 -38.04 -6.66 -28.95
N ASP F 58 -36.76 -6.28 -28.82
CA ASP F 58 -35.81 -7.05 -27.99
C ASP F 58 -36.38 -7.36 -26.61
N LEU F 59 -36.99 -6.35 -25.97
CA LEU F 59 -37.53 -6.48 -24.62
C LEU F 59 -38.74 -7.42 -24.59
N GLU F 60 -39.68 -7.18 -25.51
CA GLU F 60 -40.84 -8.04 -25.67
C GLU F 60 -40.38 -9.48 -25.78
N GLU F 61 -39.36 -9.73 -26.62
CA GLU F 61 -38.88 -11.10 -26.89
C GLU F 61 -38.21 -11.69 -25.66
N ALA F 62 -37.58 -10.83 -24.86
CA ALA F 62 -37.06 -11.26 -23.58
C ALA F 62 -38.20 -11.71 -22.65
N GLY F 63 -39.32 -10.97 -22.68
CA GLY F 63 -40.51 -11.39 -21.93
C GLY F 63 -41.03 -12.74 -22.41
N LEU F 64 -40.99 -12.95 -23.72
CA LEU F 64 -41.48 -14.20 -24.36
C LEU F 64 -40.56 -15.37 -24.04
N GLU F 65 -39.25 -15.12 -24.12
CA GLU F 65 -38.25 -16.14 -23.79
C GLU F 65 -38.45 -16.63 -22.35
N VAL F 66 -38.88 -15.72 -21.47
CA VAL F 66 -39.16 -16.03 -20.05
C VAL F 66 -40.38 -16.95 -19.94
N GLU F 67 -41.50 -16.53 -20.53
CA GLU F 67 -42.76 -17.28 -20.43
C GLU F 67 -42.65 -18.71 -20.96
N LYS F 68 -41.75 -18.87 -21.95
CA LYS F 68 -41.41 -20.16 -22.55
C LYS F 68 -40.85 -21.19 -21.56
N THR F 69 -40.21 -20.70 -20.49
CA THR F 69 -39.82 -21.56 -19.36
C THR F 69 -41.00 -21.98 -18.47
N GLY F 70 -42.14 -21.29 -18.62
CA GLY F 70 -43.33 -21.52 -17.79
C GLY F 70 -43.63 -20.44 -16.74
N ARG F 71 -42.81 -19.39 -16.74
CA ARG F 71 -42.86 -18.34 -15.70
C ARG F 71 -43.46 -16.98 -16.15
N LYS F 72 -43.81 -16.14 -15.18
CA LYS F 72 -44.44 -14.84 -15.44
C LYS F 72 -43.41 -13.69 -15.59
N ALA F 73 -43.69 -12.77 -16.52
CA ALA F 73 -42.80 -11.65 -16.84
C ALA F 73 -43.54 -10.31 -16.80
N TYR F 74 -42.89 -9.27 -16.30
CA TYR F 74 -43.42 -7.91 -16.32
C TYR F 74 -42.40 -6.98 -16.97
N THR F 75 -42.78 -6.33 -18.06
CA THR F 75 -41.84 -5.51 -18.81
C THR F 75 -42.21 -4.03 -18.80
N ALA F 76 -41.18 -3.18 -18.76
CA ALA F 76 -41.34 -1.72 -18.84
C ALA F 76 -40.08 -1.08 -19.37
N GLU F 77 -40.25 -0.14 -20.30
CA GLU F 77 -39.16 0.65 -20.82
C GLU F 77 -38.88 1.69 -19.77
N VAL F 78 -37.69 1.56 -19.19
CA VAL F 78 -37.21 2.37 -18.08
C VAL F 78 -35.73 2.62 -18.30
N ASP F 79 -35.35 3.90 -18.17
CA ASP F 79 -33.97 4.38 -18.21
C ASP F 79 -33.54 4.41 -16.74
N VAL F 80 -32.57 3.57 -16.36
CA VAL F 80 -32.07 3.56 -14.97
C VAL F 80 -31.58 4.93 -14.49
N ARG F 81 -31.31 5.85 -15.40
CA ARG F 81 -30.90 7.22 -14.98
C ARG F 81 -32.06 8.04 -14.43
N ASP F 82 -33.29 7.56 -14.62
CA ASP F 82 -34.48 8.27 -14.18
C ASP F 82 -35.04 7.51 -13.00
N ARG F 83 -34.68 7.96 -11.79
CA ARG F 83 -35.10 7.26 -10.59
C ARG F 83 -36.63 7.28 -10.45
N ALA F 84 -37.26 8.40 -10.80
CA ALA F 84 -38.73 8.49 -10.70
C ALA F 84 -39.38 7.38 -11.52
N ALA F 85 -38.87 7.17 -12.73
CA ALA F 85 -39.41 6.15 -13.63
C ALA F 85 -39.18 4.77 -13.02
N VAL F 86 -37.96 4.53 -12.54
CA VAL F 86 -37.63 3.30 -11.79
C VAL F 86 -38.60 3.06 -10.63
N SER F 87 -38.82 4.09 -9.83
CA SER F 87 -39.72 3.97 -8.68
C SER F 87 -41.14 3.74 -9.13
N ARG F 88 -41.64 4.60 -10.03
CA ARG F 88 -42.99 4.45 -10.55
C ARG F 88 -43.21 3.05 -11.14
N GLU F 89 -42.33 2.61 -12.05
CA GLU F 89 -42.54 1.29 -12.68
C GLU F 89 -42.33 0.10 -11.75
N LEU F 90 -41.44 0.24 -10.78
CA LEU F 90 -41.23 -0.84 -9.82
C LEU F 90 -42.45 -0.96 -8.92
N ALA F 91 -43.03 0.19 -8.54
CA ALA F 91 -44.16 0.16 -7.61
C ALA F 91 -45.38 -0.55 -8.22
N ASN F 92 -45.60 -0.31 -9.52
CA ASN F 92 -46.54 -1.05 -10.36
C ASN F 92 -46.24 -2.56 -10.39
N ALA F 93 -44.99 -2.92 -10.63
CA ALA F 93 -44.55 -4.33 -10.69
C ALA F 93 -44.70 -5.07 -9.36
N VAL F 94 -44.41 -4.39 -8.25
CA VAL F 94 -44.57 -5.03 -6.93
C VAL F 94 -46.06 -5.21 -6.54
N ALA F 95 -46.88 -4.18 -6.70
CA ALA F 95 -48.32 -4.28 -6.41
C ALA F 95 -49.00 -5.44 -7.17
N GLU F 96 -48.50 -5.72 -8.37
CA GLU F 96 -49.01 -6.81 -9.23
C GLU F 96 -48.39 -8.21 -8.97
N PHE F 97 -47.11 -8.25 -8.62
CA PHE F 97 -46.42 -9.50 -8.29
C PHE F 97 -46.43 -9.73 -6.79
N GLY F 98 -46.60 -8.66 -6.01
CA GLY F 98 -46.84 -8.75 -4.57
C GLY F 98 -45.63 -8.77 -3.63
N LYS F 99 -44.43 -8.83 -4.20
CA LYS F 99 -43.19 -8.89 -3.42
C LYS F 99 -41.98 -8.61 -4.32
N LEU F 100 -40.82 -8.40 -3.71
CA LEU F 100 -39.56 -8.33 -4.43
C LEU F 100 -38.49 -9.03 -3.60
N ASP F 101 -37.78 -9.97 -4.23
CA ASP F 101 -36.81 -10.78 -3.52
C ASP F 101 -35.36 -10.50 -3.96
N VAL F 102 -35.16 -10.26 -5.26
CA VAL F 102 -33.81 -10.17 -5.83
C VAL F 102 -33.69 -8.96 -6.77
N VAL F 103 -32.52 -8.31 -6.76
CA VAL F 103 -32.28 -7.15 -7.62
C VAL F 103 -31.02 -7.46 -8.43
N VAL F 104 -31.17 -7.48 -9.75
CA VAL F 104 -30.04 -7.67 -10.63
C VAL F 104 -29.80 -6.38 -11.38
N ALA F 105 -28.92 -5.56 -10.83
CA ALA F 105 -28.61 -4.24 -11.40
C ALA F 105 -27.55 -4.41 -12.48
N ASN F 106 -28.02 -4.75 -13.70
CA ASN F 106 -27.18 -5.20 -14.81
C ASN F 106 -27.06 -4.20 -15.98
N ALA F 107 -28.03 -3.31 -16.13
CA ALA F 107 -28.00 -2.24 -17.13
C ALA F 107 -26.63 -1.54 -17.21
N GLY F 108 -26.15 -1.29 -18.42
CA GLY F 108 -24.82 -0.72 -18.63
C GLY F 108 -24.57 -0.31 -20.06
N ILE F 109 -23.75 0.73 -20.21
CA ILE F 109 -23.21 1.11 -21.51
C ILE F 109 -21.70 1.21 -21.42
N CYS F 110 -21.05 1.18 -22.57
CA CYS F 110 -19.59 1.26 -22.63
C CYS F 110 -19.23 2.12 -23.82
N PRO F 111 -19.39 3.45 -23.67
CA PRO F 111 -19.21 4.43 -24.74
C PRO F 111 -17.72 4.77 -25.04
N LEU F 112 -16.95 3.77 -25.48
CA LEU F 112 -15.53 3.93 -25.83
C LEU F 112 -15.29 4.78 -27.08
N GLY F 113 -14.09 5.34 -27.17
CA GLY F 113 -13.63 6.04 -28.36
C GLY F 113 -12.87 7.29 -27.99
N ALA F 114 -11.64 7.41 -28.50
CA ALA F 114 -10.73 8.49 -28.08
C ALA F 114 -11.20 9.86 -28.55
N HIS F 115 -12.04 9.88 -29.59
CA HIS F 115 -12.50 11.13 -30.19
C HIS F 115 -13.72 11.74 -29.47
N LEU F 116 -14.33 10.99 -28.56
CA LEU F 116 -15.57 11.46 -27.93
C LEU F 116 -15.37 12.55 -26.88
N PRO F 117 -16.37 13.44 -26.71
CA PRO F 117 -16.23 14.51 -25.72
C PRO F 117 -16.51 14.03 -24.29
N VAL F 118 -16.30 14.90 -23.30
CA VAL F 118 -16.44 14.52 -21.90
C VAL F 118 -17.83 14.06 -21.51
N GLN F 119 -18.84 14.45 -22.30
CA GLN F 119 -20.20 13.97 -22.05
C GLN F 119 -20.22 12.43 -21.98
N ALA F 120 -19.39 11.76 -22.80
CA ALA F 120 -19.28 10.29 -22.77
C ALA F 120 -18.80 9.75 -21.43
N PHE F 121 -17.96 10.52 -20.73
CA PHE F 121 -17.61 10.21 -19.34
C PHE F 121 -18.85 10.32 -18.44
N ALA F 122 -19.58 11.43 -18.54
CA ALA F 122 -20.80 11.65 -17.77
C ALA F 122 -21.86 10.58 -18.02
N ASP F 123 -22.12 10.25 -19.30
CA ASP F 123 -23.07 9.20 -19.66
C ASP F 123 -22.66 7.81 -19.14
N ALA F 124 -21.41 7.39 -19.37
CA ALA F 124 -20.94 6.13 -18.76
C ALA F 124 -21.21 6.13 -17.23
N PHE F 125 -20.80 7.19 -16.58
CA PHE F 125 -20.95 7.27 -15.13
C PHE F 125 -22.42 7.33 -14.69
N ASP F 126 -23.25 8.14 -15.37
CA ASP F 126 -24.68 8.23 -15.01
C ASP F 126 -25.41 6.89 -15.15
N VAL F 127 -25.20 6.17 -16.24
CA VAL F 127 -25.81 4.85 -16.36
C VAL F 127 -25.17 3.81 -15.44
N ASP F 128 -23.83 3.67 -15.51
CA ASP F 128 -23.16 2.51 -14.92
C ASP F 128 -22.94 2.63 -13.42
N PHE F 129 -22.93 3.84 -12.89
CA PHE F 129 -22.95 3.97 -11.41
C PHE F 129 -24.25 4.60 -10.89
N VAL F 130 -24.59 5.83 -11.29
CA VAL F 130 -25.83 6.42 -10.79
C VAL F 130 -27.07 5.52 -11.01
N GLY F 131 -27.23 4.93 -12.21
CA GLY F 131 -28.37 4.02 -12.50
C GLY F 131 -28.39 2.80 -11.60
N VAL F 132 -27.19 2.33 -11.23
CA VAL F 132 -27.11 1.24 -10.25
C VAL F 132 -27.63 1.71 -8.89
N ILE F 133 -27.17 2.89 -8.43
CA ILE F 133 -27.66 3.50 -7.18
C ILE F 133 -29.20 3.70 -7.28
N ASN F 134 -29.67 4.10 -8.45
CA ASN F 134 -31.08 4.39 -8.64
C ASN F 134 -31.88 3.12 -8.48
N THR F 135 -31.37 2.06 -9.09
CA THR F 135 -31.97 0.72 -9.01
C THR F 135 -32.11 0.25 -7.56
N VAL F 136 -31.00 0.24 -6.82
CA VAL F 136 -30.97 -0.22 -5.43
C VAL F 136 -31.81 0.66 -4.50
N HIS F 137 -31.60 1.96 -4.53
CA HIS F 137 -32.29 2.85 -3.61
C HIS F 137 -33.80 2.81 -3.80
N ALA F 138 -34.22 2.66 -5.06
CA ALA F 138 -35.63 2.44 -5.41
C ALA F 138 -36.21 1.13 -4.85
N ALA F 139 -35.42 0.06 -4.94
CA ALA F 139 -35.86 -1.26 -4.52
C ALA F 139 -35.82 -1.49 -3.01
N LEU F 140 -34.97 -0.77 -2.29
CA LEU F 140 -34.78 -1.00 -0.84
C LEU F 140 -36.04 -1.03 0.03
N PRO F 141 -36.96 -0.05 -0.11
CA PRO F 141 -38.17 -0.10 0.75
C PRO F 141 -38.98 -1.39 0.60
N TYR F 142 -38.81 -2.11 -0.51
CA TYR F 142 -39.50 -3.39 -0.74
C TYR F 142 -38.85 -4.66 -0.19
N LEU F 143 -37.59 -4.57 0.23
CA LEU F 143 -36.81 -5.76 0.54
C LEU F 143 -36.88 -6.13 2.01
N THR F 144 -36.90 -7.43 2.30
CA THR F 144 -36.95 -7.88 3.67
C THR F 144 -35.91 -9.00 3.88
N SER F 145 -35.79 -9.46 5.12
CA SER F 145 -34.79 -10.48 5.47
C SER F 145 -34.72 -11.60 4.41
N GLY F 146 -33.53 -11.83 3.85
CA GLY F 146 -33.33 -12.85 2.85
C GLY F 146 -33.19 -12.36 1.43
N ALA F 147 -33.45 -11.07 1.20
CA ALA F 147 -33.31 -10.51 -0.14
C ALA F 147 -31.85 -10.52 -0.59
N SER F 148 -31.65 -10.41 -1.89
CA SER F 148 -30.34 -10.51 -2.49
C SER F 148 -30.18 -9.48 -3.59
N ILE F 149 -29.16 -8.64 -3.43
CA ILE F 149 -28.83 -7.58 -4.39
C ILE F 149 -27.53 -8.01 -5.09
N ILE F 150 -27.53 -7.91 -6.41
CA ILE F 150 -26.45 -8.42 -7.24
C ILE F 150 -26.19 -7.36 -8.26
N THR F 151 -25.00 -6.73 -8.17
CA THR F 151 -24.58 -5.73 -9.12
C THR F 151 -23.51 -6.26 -10.09
N THR F 152 -23.50 -5.73 -11.31
CA THR F 152 -22.51 -6.12 -12.30
C THR F 152 -21.34 -5.15 -12.36
N GLY F 153 -20.15 -5.63 -12.00
CA GLY F 153 -18.92 -4.86 -12.11
C GLY F 153 -18.26 -5.12 -13.44
N SER F 154 -16.93 -5.28 -13.40
CA SER F 154 -16.15 -5.62 -14.59
C SER F 154 -14.68 -5.73 -14.21
N VAL F 155 -14.09 -6.85 -14.59
CA VAL F 155 -12.66 -7.09 -14.42
C VAL F 155 -11.84 -5.97 -15.07
N ALA F 156 -12.15 -5.63 -16.33
CA ALA F 156 -11.47 -4.52 -17.06
C ALA F 156 -11.49 -3.21 -16.25
N GLY F 157 -12.63 -2.95 -15.61
CA GLY F 157 -12.76 -1.87 -14.65
C GLY F 157 -11.80 -1.95 -13.48
N LEU F 158 -11.76 -3.09 -12.79
CA LEU F 158 -10.84 -3.27 -11.66
C LEU F 158 -9.36 -3.12 -12.06
N ILE F 159 -8.99 -3.71 -13.20
CA ILE F 159 -7.62 -3.67 -13.70
C ILE F 159 -7.15 -2.21 -13.89
N ALA F 160 -8.00 -1.40 -14.51
CA ALA F 160 -7.74 0.04 -14.73
C ALA F 160 -7.39 0.82 -13.44
N ALA F 161 -7.87 0.36 -12.28
CA ALA F 161 -7.41 0.84 -10.97
C ALA F 161 -5.95 0.44 -10.74
N GLY F 172 -11.22 6.14 -24.30
CA GLY F 172 -11.24 7.63 -24.17
C GLY F 172 -12.03 8.12 -22.95
N PRO F 173 -12.81 9.23 -23.06
CA PRO F 173 -13.54 9.72 -21.87
C PRO F 173 -14.65 8.78 -21.39
N GLY F 174 -15.36 8.16 -22.32
CA GLY F 174 -16.35 7.14 -21.96
C GLY F 174 -15.75 5.88 -21.36
N GLY F 175 -14.56 5.50 -21.82
CA GLY F 175 -13.81 4.37 -21.27
C GLY F 175 -13.32 4.67 -19.88
N ALA F 176 -12.86 5.89 -19.63
CA ALA F 176 -12.42 6.31 -18.30
C ALA F 176 -13.61 6.33 -17.34
N GLY F 177 -14.78 6.79 -17.81
CA GLY F 177 -15.98 6.86 -16.98
C GLY F 177 -16.54 5.48 -16.72
N TYR F 178 -16.43 4.59 -17.72
CA TYR F 178 -16.84 3.18 -17.53
C TYR F 178 -16.05 2.49 -16.40
N SER F 179 -14.72 2.53 -16.46
CA SER F 179 -13.89 1.85 -15.50
C SER F 179 -14.12 2.40 -14.11
N TYR F 180 -14.10 3.72 -13.96
CA TYR F 180 -14.31 4.35 -12.68
C TYR F 180 -15.68 3.99 -12.12
N ALA F 181 -16.70 4.00 -12.98
CA ALA F 181 -18.05 3.63 -12.55
C ALA F 181 -18.07 2.20 -12.00
N LYS F 182 -17.36 1.30 -12.68
CA LYS F 182 -17.32 -0.12 -12.27
C LYS F 182 -16.52 -0.29 -10.99
N GLN F 183 -15.52 0.57 -10.79
CA GLN F 183 -14.75 0.56 -9.56
C GLN F 183 -15.62 0.94 -8.35
N LEU F 184 -16.48 1.93 -8.56
CA LEU F 184 -17.43 2.41 -7.54
C LEU F 184 -18.58 1.41 -7.33
N VAL F 185 -19.08 0.80 -8.38
CA VAL F 185 -20.07 -0.31 -8.21
C VAL F 185 -19.54 -1.30 -7.16
N ASP F 186 -18.27 -1.69 -7.32
CA ASP F 186 -17.59 -2.58 -6.39
C ASP F 186 -17.51 -2.04 -4.98
N SER F 187 -16.96 -0.83 -4.78
CA SER F 187 -16.85 -0.33 -3.41
C SER F 187 -18.24 -0.02 -2.81
N TYR F 188 -19.15 0.51 -3.61
CA TYR F 188 -20.50 0.76 -3.12
C TYR F 188 -21.24 -0.55 -2.67
N THR F 189 -21.11 -1.60 -3.48
CA THR F 189 -21.75 -2.89 -3.15
C THR F 189 -21.28 -3.38 -1.79
N LEU F 190 -19.98 -3.30 -1.51
CA LEU F 190 -19.44 -3.66 -0.19
C LEU F 190 -19.93 -2.74 0.94
N GLN F 191 -20.03 -1.42 0.70
CA GLN F 191 -20.61 -0.54 1.72
C GLN F 191 -22.05 -0.95 2.02
N LEU F 192 -22.82 -1.16 0.96
CA LEU F 192 -24.21 -1.57 1.06
C LEU F 192 -24.37 -2.91 1.78
N ALA F 193 -23.49 -3.87 1.46
CA ALA F 193 -23.53 -5.18 2.12
C ALA F 193 -23.39 -5.01 3.64
N ALA F 194 -22.46 -4.15 4.07
CA ALA F 194 -22.24 -3.86 5.48
C ALA F 194 -23.49 -3.23 6.09
N GLN F 195 -24.16 -2.36 5.36
CA GLN F 195 -25.31 -1.61 5.90
C GLN F 195 -26.53 -2.52 6.03
N LEU F 196 -26.68 -3.41 5.06
CA LEU F 196 -27.82 -4.32 5.02
C LEU F 196 -27.63 -5.65 5.76
N ALA F 197 -26.39 -5.98 6.16
CA ALA F 197 -26.15 -7.25 6.89
C ALA F 197 -27.02 -7.44 8.14
N PRO F 198 -27.23 -6.37 8.95
CA PRO F 198 -28.03 -6.58 10.17
C PRO F 198 -29.46 -7.01 9.89
N GLN F 199 -29.94 -6.74 8.69
CA GLN F 199 -31.29 -7.16 8.28
C GLN F 199 -31.27 -8.47 7.52
N SER F 200 -30.12 -9.13 7.46
CA SER F 200 -30.00 -10.35 6.67
C SER F 200 -30.32 -10.15 5.19
N ILE F 201 -30.09 -8.94 4.66
CA ILE F 201 -30.14 -8.68 3.22
C ILE F 201 -28.69 -8.67 2.70
N ARG F 202 -28.46 -9.35 1.58
CA ARG F 202 -27.13 -9.56 1.02
CA ARG F 202 -27.14 -9.59 1.00
C ARG F 202 -26.90 -8.72 -0.22
N ALA F 203 -25.64 -8.30 -0.40
CA ALA F 203 -25.26 -7.57 -1.60
C ALA F 203 -23.88 -8.05 -2.04
N ASN F 204 -23.74 -8.34 -3.33
CA ASN F 204 -22.50 -8.90 -3.86
C ASN F 204 -22.43 -8.37 -5.28
N VAL F 205 -21.20 -8.31 -5.79
CA VAL F 205 -20.94 -7.80 -7.12
C VAL F 205 -20.24 -8.85 -7.97
N ILE F 206 -20.68 -8.99 -9.21
CA ILE F 206 -20.08 -9.96 -10.10
C ILE F 206 -19.23 -9.17 -11.07
N HIS F 207 -17.96 -9.59 -11.21
CA HIS F 207 -17.04 -8.95 -12.13
C HIS F 207 -16.72 -9.91 -13.27
N PRO F 208 -17.39 -9.76 -14.44
CA PRO F 208 -17.07 -10.55 -15.62
C PRO F 208 -15.80 -10.08 -16.27
N THR F 209 -15.06 -11.01 -16.87
CA THR F 209 -14.13 -10.63 -17.95
C THR F 209 -14.94 -10.38 -19.23
N ASN F 210 -14.29 -10.37 -20.40
CA ASN F 210 -14.97 -10.28 -21.70
C ASN F 210 -16.18 -11.21 -21.73
N VAL F 211 -17.36 -10.69 -22.10
CA VAL F 211 -18.55 -11.55 -22.28
C VAL F 211 -19.03 -11.44 -23.73
N ASN F 212 -19.38 -12.57 -24.34
CA ASN F 212 -19.83 -12.61 -25.74
C ASN F 212 -21.23 -12.01 -25.90
N THR F 213 -21.29 -10.68 -25.98
CA THR F 213 -22.56 -9.92 -26.08
C THR F 213 -22.39 -8.77 -27.06
N ASP F 214 -23.46 -8.00 -27.29
CA ASP F 214 -23.43 -6.87 -28.22
C ASP F 214 -22.47 -5.77 -27.77
N MET F 215 -22.17 -5.78 -26.47
CA MET F 215 -21.24 -4.82 -25.93
C MET F 215 -19.80 -5.16 -26.34
N LEU F 216 -19.44 -6.45 -26.28
CA LEU F 216 -18.10 -6.87 -26.69
C LEU F 216 -18.02 -6.87 -28.22
N ASN F 217 -19.12 -7.26 -28.87
CA ASN F 217 -19.17 -7.33 -30.33
C ASN F 217 -19.64 -6.03 -30.96
N SER F 218 -18.85 -4.98 -30.77
CA SER F 218 -19.18 -3.62 -31.23
C SER F 218 -17.94 -2.97 -31.84
N ALA F 219 -18.18 -2.04 -32.76
CA ALA F 219 -17.11 -1.29 -33.42
C ALA F 219 -16.20 -0.57 -32.40
N PRO F 220 -16.78 0.13 -31.41
CA PRO F 220 -15.97 0.70 -30.34
C PRO F 220 -15.02 -0.32 -29.65
N MET F 221 -15.52 -1.52 -29.36
CA MET F 221 -14.70 -2.53 -28.69
C MET F 221 -13.56 -3.08 -29.59
N TYR F 222 -13.91 -3.43 -30.83
CA TYR F 222 -12.92 -3.90 -31.78
C TYR F 222 -11.76 -2.91 -31.88
N ARG F 223 -12.09 -1.62 -32.00
CA ARG F 223 -11.11 -0.53 -32.12
C ARG F 223 -10.25 -0.41 -30.87
N GLN F 224 -10.81 -0.79 -29.72
CA GLN F 224 -10.13 -0.74 -28.43
C GLN F 224 -9.19 -1.96 -28.25
N PHE F 225 -9.65 -3.13 -28.65
CA PHE F 225 -8.79 -4.32 -28.63
C PHE F 225 -7.70 -4.33 -29.71
N ARG F 226 -8.00 -3.75 -30.87
CA ARG F 226 -7.02 -3.64 -31.95
C ARG F 226 -6.78 -2.16 -32.30
N PRO F 227 -5.93 -1.46 -31.51
CA PRO F 227 -5.65 -0.07 -31.82
C PRO F 227 -4.72 0.07 -33.02
N ASP F 228 -4.05 -1.04 -33.36
CA ASP F 228 -3.12 -1.15 -34.51
C ASP F 228 -3.77 -1.08 -35.90
N LEU F 229 -4.97 -1.63 -36.04
CA LEU F 229 -5.73 -1.48 -37.27
C LEU F 229 -6.53 -0.17 -37.20
N GLU F 230 -6.62 0.54 -38.33
CA GLU F 230 -7.28 1.86 -38.40
C GLU F 230 -8.78 1.76 -38.13
N ALA F 231 -9.39 0.71 -38.68
CA ALA F 231 -10.75 0.31 -38.32
C ALA F 231 -10.90 -1.19 -38.57
N PRO F 232 -11.01 -2.00 -37.49
CA PRO F 232 -10.93 -3.47 -37.52
C PRO F 232 -12.29 -4.20 -37.62
N SER F 233 -12.24 -5.53 -37.69
CA SER F 233 -13.44 -6.35 -37.74
C SER F 233 -13.48 -7.37 -36.59
N ARG F 234 -14.52 -8.19 -36.57
CA ARG F 234 -14.67 -9.18 -35.51
C ARG F 234 -13.58 -10.26 -35.56
N ALA F 235 -13.23 -10.73 -36.76
CA ALA F 235 -12.17 -11.73 -36.93
C ALA F 235 -10.83 -11.21 -36.39
N ASP F 236 -10.61 -9.90 -36.61
CA ASP F 236 -9.41 -9.18 -36.18
C ASP F 236 -9.32 -9.12 -34.66
N ALA F 237 -10.39 -8.59 -34.05
CA ALA F 237 -10.52 -8.50 -32.60
C ALA F 237 -10.39 -9.87 -31.92
N LEU F 238 -11.07 -10.87 -32.48
CA LEU F 238 -11.10 -12.23 -31.92
C LEU F 238 -9.69 -12.82 -31.73
N LEU F 239 -8.72 -12.23 -32.43
CA LEU F 239 -7.31 -12.59 -32.27
C LEU F 239 -6.70 -11.99 -31.00
N ALA F 240 -7.18 -10.80 -30.61
CA ALA F 240 -6.71 -10.07 -29.41
C ALA F 240 -7.64 -10.17 -28.18
N PHE F 241 -8.83 -10.73 -28.33
CA PHE F 241 -9.68 -11.02 -27.16
C PHE F 241 -9.02 -11.93 -26.11
N PRO F 242 -8.35 -13.04 -26.55
CA PRO F 242 -7.77 -14.02 -25.60
C PRO F 242 -6.76 -13.48 -24.58
N ALA F 243 -5.99 -12.45 -24.96
CA ALA F 243 -4.98 -11.81 -24.10
C ALA F 243 -5.56 -11.40 -22.74
N MET F 244 -6.84 -11.08 -22.73
CA MET F 244 -7.58 -10.69 -21.54
C MET F 244 -7.79 -11.84 -20.52
N GLN F 245 -7.91 -13.08 -21.01
CA GLN F 245 -8.08 -14.26 -20.13
C GLN F 245 -6.81 -15.07 -19.97
N ALA F 246 -6.69 -15.74 -18.82
CA ALA F 246 -5.62 -16.66 -18.55
C ALA F 246 -5.96 -18.04 -19.11
N MET F 247 -7.22 -18.46 -18.99
CA MET F 247 -7.67 -19.67 -19.68
C MET F 247 -7.73 -19.42 -21.20
N PRO F 248 -7.46 -20.47 -22.01
CA PRO F 248 -7.38 -20.23 -23.46
C PRO F 248 -8.75 -20.00 -24.10
N THR F 249 -9.27 -18.79 -23.95
CA THR F 249 -10.59 -18.44 -24.46
C THR F 249 -10.59 -16.93 -24.80
N PRO F 250 -11.40 -16.50 -25.79
CA PRO F 250 -11.51 -15.07 -26.10
C PRO F 250 -12.53 -14.32 -25.21
N TYR F 251 -13.39 -15.07 -24.52
CA TYR F 251 -14.46 -14.51 -23.66
C TYR F 251 -15.19 -15.61 -22.92
N VAL F 252 -16.01 -15.20 -21.95
CA VAL F 252 -16.99 -16.08 -21.32
C VAL F 252 -18.33 -15.83 -22.02
N GLU F 253 -19.30 -16.70 -21.78
CA GLU F 253 -20.64 -16.52 -22.33
C GLU F 253 -21.55 -15.86 -21.29
N ALA F 254 -22.64 -15.27 -21.74
CA ALA F 254 -23.69 -14.78 -20.84
C ALA F 254 -24.14 -15.87 -19.84
N SER F 255 -24.31 -17.11 -20.31
CA SER F 255 -24.68 -18.20 -19.41
C SER F 255 -23.71 -18.40 -18.21
N ASP F 256 -22.41 -18.21 -18.42
CA ASP F 256 -21.44 -18.29 -17.32
C ASP F 256 -21.75 -17.27 -16.22
N ILE F 257 -22.13 -16.06 -16.62
CA ILE F 257 -22.50 -15.03 -15.63
C ILE F 257 -23.84 -15.37 -14.97
N SER F 258 -24.78 -15.86 -15.77
CA SER F 258 -26.10 -16.25 -15.25
C SER F 258 -26.02 -17.34 -14.21
N ASN F 259 -25.03 -18.22 -14.33
CA ASN F 259 -24.81 -19.25 -13.31
C ASN F 259 -24.37 -18.69 -11.95
N ALA F 260 -23.52 -17.66 -11.98
CA ALA F 260 -23.16 -16.99 -10.74
C ALA F 260 -24.36 -16.23 -10.18
N VAL F 261 -25.11 -15.56 -11.05
CA VAL F 261 -26.33 -14.82 -10.63
C VAL F 261 -27.32 -15.77 -9.95
N CYS F 262 -27.52 -16.93 -10.56
CA CYS F 262 -28.45 -17.90 -10.01
C CYS F 262 -28.01 -18.35 -8.61
N PHE F 263 -26.70 -18.57 -8.43
CA PHE F 263 -26.17 -18.92 -7.12
C PHE F 263 -26.47 -17.84 -6.08
N LEU F 264 -26.18 -16.58 -6.41
CA LEU F 264 -26.42 -15.46 -5.52
C LEU F 264 -27.91 -15.12 -5.28
N ALA F 265 -28.76 -15.43 -6.24
CA ALA F 265 -30.20 -15.18 -6.08
C ALA F 265 -30.83 -16.26 -5.20
N SER F 266 -30.22 -17.43 -5.15
CA SER F 266 -30.77 -18.56 -4.46
C SER F 266 -30.47 -18.52 -2.94
N ASP F 267 -31.38 -19.07 -2.14
CA ASP F 267 -31.16 -19.30 -0.70
C ASP F 267 -29.90 -20.15 -0.44
N GLU F 268 -29.43 -20.85 -1.48
CA GLU F 268 -28.09 -21.51 -1.43
C GLU F 268 -26.99 -20.59 -0.89
N SER F 269 -27.04 -19.32 -1.27
CA SER F 269 -26.02 -18.35 -0.90
C SER F 269 -26.44 -17.40 0.20
N ARG F 270 -27.34 -17.87 1.05
CA ARG F 270 -27.93 -17.08 2.16
C ARG F 270 -26.92 -16.35 3.07
N TYR F 271 -25.68 -16.83 3.18
CA TYR F 271 -24.71 -16.15 4.04
C TYR F 271 -23.51 -15.56 3.25
N VAL F 272 -23.72 -15.40 1.94
CA VAL F 272 -22.72 -14.85 1.07
C VAL F 272 -23.04 -13.36 0.82
N THR F 273 -22.15 -12.51 1.29
CA THR F 273 -22.39 -11.08 1.20
C THR F 273 -21.06 -10.36 1.22
N GLY F 274 -20.99 -9.28 0.49
CA GLY F 274 -19.76 -8.50 0.36
C GLY F 274 -18.71 -9.17 -0.52
N LEU F 275 -19.13 -10.15 -1.34
CA LEU F 275 -18.20 -10.92 -2.18
C LEU F 275 -18.01 -10.24 -3.52
N GLN F 276 -16.75 -10.12 -3.91
CA GLN F 276 -16.36 -9.63 -5.21
C GLN F 276 -16.21 -10.88 -6.07
N PHE F 277 -17.29 -11.20 -6.75
CA PHE F 277 -17.46 -12.50 -7.40
C PHE F 277 -16.97 -12.46 -8.85
N LYS F 278 -15.69 -12.74 -9.04
CA LYS F 278 -15.09 -12.77 -10.39
C LYS F 278 -15.49 -13.98 -11.21
N VAL F 279 -15.97 -13.71 -12.41
CA VAL F 279 -16.12 -14.71 -13.45
C VAL F 279 -15.27 -14.25 -14.61
N ASP F 280 -14.00 -14.59 -14.56
CA ASP F 280 -13.04 -13.87 -15.36
C ASP F 280 -12.06 -14.71 -16.16
N ALA F 281 -12.25 -16.02 -16.13
CA ALA F 281 -11.34 -16.94 -16.83
C ALA F 281 -9.87 -16.66 -16.47
N GLY F 282 -9.64 -16.24 -15.22
CA GLY F 282 -8.27 -15.98 -14.71
C GLY F 282 -7.68 -14.60 -15.09
N ALA F 283 -8.52 -13.71 -15.61
CA ALA F 283 -8.08 -12.35 -16.02
C ALA F 283 -7.25 -11.66 -14.95
N MET F 284 -7.81 -11.58 -13.74
CA MET F 284 -7.18 -10.90 -12.61
C MET F 284 -5.85 -11.49 -12.15
N LEU F 285 -5.53 -12.71 -12.58
CA LEU F 285 -4.23 -13.35 -12.27
C LEU F 285 -3.08 -12.83 -13.16
N LYS F 286 -3.44 -12.05 -14.18
CA LYS F 286 -2.47 -11.31 -15.01
C LYS F 286 -2.32 -9.87 -14.49
N PHE F 287 -3.02 -9.52 -13.42
CA PHE F 287 -2.97 -8.14 -12.91
C PHE F 287 -3.08 -8.08 -11.38
#